data_1ZUB
#
_entry.id   1ZUB
#
_cell.length_a   1.000
_cell.length_b   1.000
_cell.length_c   1.000
_cell.angle_alpha   90.00
_cell.angle_beta   90.00
_cell.angle_gamma   90.00
#
_symmetry.space_group_name_H-M   'P 1'
#
loop_
_entity.id
_entity.type
_entity.pdbx_description
1 polymer 'Regulating synaptic membrane exocytosis protein 1'
2 polymer ELKS1b
#
loop_
_entity_poly.entity_id
_entity_poly.type
_entity_poly.pdbx_seq_one_letter_code
_entity_poly.pdbx_strand_id
1 'polypeptide(L)'
;GSPGSHPVTWQPSKEGDRLIGRVILNKRTTMPKESGALLGLKVVGGKMTDLGRLGAFITKVKKGSLADVVGHLRAGDEVL
EWNGKPLPGATNEEVYNIILESKSEPQVEIIVSR
;
A
2 'polypeptide(L)' CDQDEEEGIWA B
#
# COMPACT_ATOMS: atom_id res chain seq x y z
N HIS A 6 1.55 -7.90 15.04
CA HIS A 6 2.90 -7.81 14.42
C HIS A 6 3.12 -6.43 13.80
N PRO A 7 3.95 -5.59 14.45
CA PRO A 7 4.25 -4.25 13.95
C PRO A 7 5.10 -4.27 12.69
N VAL A 8 5.27 -3.11 12.08
CA VAL A 8 6.06 -2.99 10.86
C VAL A 8 7.47 -2.49 11.16
N THR A 9 8.42 -2.88 10.31
CA THR A 9 9.81 -2.48 10.49
C THR A 9 10.32 -1.76 9.24
N TRP A 10 11.34 -0.92 9.43
CA TRP A 10 11.93 -0.17 8.33
C TRP A 10 13.44 -0.40 8.26
N GLN A 11 13.90 -0.94 7.14
CA GLN A 11 15.33 -1.20 6.96
C GLN A 11 15.91 -0.28 5.89
N PRO A 12 17.24 -0.05 5.93
CA PRO A 12 17.93 0.81 4.97
C PRO A 12 17.60 0.44 3.53
N SER A 13 17.31 1.46 2.72
CA SER A 13 16.98 1.26 1.32
C SER A 13 18.17 0.70 0.55
N LYS A 14 18.00 0.55 -0.76
CA LYS A 14 19.06 0.03 -1.62
C LYS A 14 20.10 1.10 -1.94
N GLU A 15 19.78 2.35 -1.62
CA GLU A 15 20.70 3.46 -1.88
C GLU A 15 21.43 3.90 -0.60
N GLY A 16 21.00 3.35 0.54
CA GLY A 16 21.63 3.71 1.80
C GLY A 16 21.28 5.11 2.27
N ASP A 17 20.38 5.77 1.55
CA ASP A 17 19.96 7.13 1.92
C ASP A 17 18.46 7.20 2.16
N ARG A 18 17.80 6.04 2.19
CA ARG A 18 16.37 5.99 2.41
C ARG A 18 16.00 4.80 3.30
N LEU A 19 14.76 4.77 3.78
CA LEU A 19 14.28 3.70 4.64
C LEU A 19 13.07 3.02 4.02
N ILE A 20 13.24 1.75 3.65
CA ILE A 20 12.15 0.99 3.04
C ILE A 20 11.63 -0.09 3.99
N GLY A 21 10.44 0.14 4.53
CA GLY A 21 9.84 -0.81 5.45
C GLY A 21 8.86 -1.75 4.77
N ARG A 22 8.54 -2.84 5.44
CA ARG A 22 7.59 -3.81 4.90
C ARG A 22 6.28 -3.77 5.67
N VAL A 23 5.18 -3.54 4.97
CA VAL A 23 3.88 -3.46 5.62
C VAL A 23 2.98 -4.62 5.20
N ILE A 24 2.48 -5.35 6.20
CA ILE A 24 1.60 -6.47 5.95
C ILE A 24 0.17 -6.14 6.41
N LEU A 25 -0.77 -6.18 5.47
CA LEU A 25 -2.15 -5.86 5.79
C LEU A 25 -3.07 -7.04 5.48
N ASN A 26 -4.12 -7.20 6.28
CA ASN A 26 -5.07 -8.29 6.11
C ASN A 26 -6.47 -7.75 5.92
N LYS A 27 -7.14 -8.17 4.85
CA LYS A 27 -8.50 -7.72 4.56
C LYS A 27 -9.53 -8.56 5.32
N ARG A 28 -9.37 -8.62 6.64
CA ARG A 28 -10.29 -9.37 7.48
C ARG A 28 -11.57 -8.59 7.75
N THR A 29 -11.49 -7.27 7.60
CA THR A 29 -12.65 -6.40 7.83
C THR A 29 -13.24 -6.62 9.22
N THR A 30 -12.48 -6.22 10.24
CA THR A 30 -12.93 -6.37 11.62
C THR A 30 -12.10 -5.49 12.55
N MET A 31 -11.65 -4.34 12.04
CA MET A 31 -10.86 -3.42 12.84
C MET A 31 -11.63 -2.93 14.05
N PRO A 32 -10.92 -2.43 15.07
CA PRO A 32 -11.54 -1.91 16.30
C PRO A 32 -12.67 -0.92 16.00
N LYS A 33 -12.60 -0.29 14.83
CA LYS A 33 -13.61 0.69 14.43
C LYS A 33 -14.96 0.01 14.22
N GLU A 34 -15.01 -0.97 13.33
CA GLU A 34 -16.24 -1.69 13.03
C GLU A 34 -15.98 -2.86 12.08
N SER A 35 -16.14 -2.61 10.78
CA SER A 35 -15.92 -3.65 9.77
C SER A 35 -14.98 -3.16 8.67
N GLY A 36 -15.01 -1.86 8.41
CA GLY A 36 -14.14 -1.29 7.38
C GLY A 36 -14.65 -1.57 5.98
N ALA A 37 -13.77 -2.14 5.16
CA ALA A 37 -14.14 -2.46 3.78
C ALA A 37 -13.07 -3.33 3.11
N LEU A 38 -11.84 -2.83 3.10
CA LEU A 38 -10.74 -3.56 2.49
C LEU A 38 -9.64 -3.87 3.53
N LEU A 39 -8.67 -2.96 3.68
CA LEU A 39 -7.60 -3.16 4.66
C LEU A 39 -7.47 -1.96 5.59
N GLY A 40 -7.54 -0.74 5.04
CA GLY A 40 -7.44 0.44 5.89
C GLY A 40 -6.90 1.69 5.20
N LEU A 41 -6.72 1.65 3.87
CA LEU A 41 -6.22 2.82 3.15
C LEU A 41 -6.52 2.74 1.66
N LYS A 42 -6.75 3.90 1.05
CA LYS A 42 -7.03 3.98 -0.38
C LYS A 42 -5.75 4.28 -1.15
N VAL A 43 -5.48 3.52 -2.20
CA VAL A 43 -4.27 3.72 -2.99
C VAL A 43 -4.58 4.13 -4.42
N VAL A 44 -3.63 4.82 -5.02
CA VAL A 44 -3.77 5.27 -6.39
C VAL A 44 -2.71 4.61 -7.27
N GLY A 45 -2.94 4.63 -8.59
CA GLY A 45 -2.00 4.03 -9.51
C GLY A 45 -1.79 4.86 -10.76
N GLY A 46 -0.61 4.74 -11.36
CA GLY A 46 -0.31 5.49 -12.56
C GLY A 46 0.09 6.92 -12.27
N LYS A 47 0.79 7.12 -11.14
CA LYS A 47 1.24 8.44 -10.75
C LYS A 47 2.64 8.73 -11.29
N MET A 48 2.69 9.22 -12.52
CA MET A 48 3.97 9.53 -13.16
C MET A 48 4.75 10.56 -12.35
N THR A 49 5.89 10.14 -11.81
CA THR A 49 6.73 11.03 -11.01
C THR A 49 7.69 11.81 -11.89
N ASP A 50 8.55 12.60 -11.26
CA ASP A 50 9.52 13.41 -11.99
C ASP A 50 10.67 12.55 -12.52
N LEU A 51 10.72 11.29 -12.10
CA LEU A 51 11.77 10.38 -12.55
C LEU A 51 11.45 9.79 -13.92
N GLY A 52 10.17 9.56 -14.16
CA GLY A 52 9.75 9.00 -15.44
C GLY A 52 9.14 7.61 -15.29
N ARG A 53 8.74 7.26 -14.08
CA ARG A 53 8.14 5.96 -13.81
C ARG A 53 6.84 6.11 -13.03
N LEU A 54 5.95 5.13 -13.18
CA LEU A 54 4.66 5.16 -12.50
C LEU A 54 4.73 4.37 -11.19
N GLY A 55 3.87 4.73 -10.25
CA GLY A 55 3.83 4.06 -8.96
C GLY A 55 2.48 4.14 -8.29
N ALA A 56 2.45 3.86 -6.99
CA ALA A 56 1.21 3.91 -6.23
C ALA A 56 1.32 4.84 -5.03
N PHE A 57 0.25 5.57 -4.75
CA PHE A 57 0.23 6.50 -3.62
C PHE A 57 -1.05 6.35 -2.83
N ILE A 58 -0.95 6.46 -1.51
CA ILE A 58 -2.12 6.34 -0.64
C ILE A 58 -2.93 7.64 -0.62
N THR A 59 -4.17 7.56 -1.08
CA THR A 59 -5.05 8.72 -1.12
C THR A 59 -5.58 9.07 0.26
N LYS A 60 -5.79 8.05 1.10
CA LYS A 60 -6.30 8.27 2.44
C LYS A 60 -6.16 7.03 3.32
N VAL A 61 -6.19 7.24 4.63
CA VAL A 61 -6.08 6.16 5.60
C VAL A 61 -7.15 6.28 6.68
N LYS A 62 -7.91 5.22 6.89
CA LYS A 62 -8.95 5.22 7.91
C LYS A 62 -8.34 5.02 9.30
N LYS A 63 -8.30 6.09 10.07
CA LYS A 63 -7.72 6.04 11.42
C LYS A 63 -8.39 4.95 12.26
N GLY A 64 -7.66 3.86 12.51
CA GLY A 64 -8.19 2.77 13.30
C GLY A 64 -8.19 1.46 12.54
N SER A 65 -8.20 1.55 11.22
CA SER A 65 -8.19 0.36 10.36
C SER A 65 -6.87 -0.38 10.49
N LEU A 66 -6.81 -1.57 9.91
CA LEU A 66 -5.60 -2.38 9.96
C LEU A 66 -4.40 -1.62 9.43
N ALA A 67 -4.54 -1.06 8.23
CA ALA A 67 -3.46 -0.31 7.59
C ALA A 67 -2.88 0.74 8.54
N ASP A 68 -3.70 1.23 9.45
CA ASP A 68 -3.27 2.25 10.41
C ASP A 68 -2.59 1.63 11.62
N VAL A 69 -3.23 0.63 12.21
CA VAL A 69 -2.70 -0.04 13.39
C VAL A 69 -1.51 -0.95 13.05
N VAL A 70 -1.66 -1.77 12.02
CA VAL A 70 -0.58 -2.69 11.63
C VAL A 70 0.29 -2.09 10.54
N GLY A 71 -0.28 -1.24 9.71
CA GLY A 71 0.49 -0.61 8.64
C GLY A 71 1.23 0.62 9.12
N HIS A 72 0.49 1.58 9.67
CA HIS A 72 1.07 2.81 10.17
C HIS A 72 1.61 3.71 9.06
N LEU A 73 0.73 4.10 8.14
CA LEU A 73 1.13 4.98 7.04
C LEU A 73 0.10 6.10 6.87
N ARG A 74 0.39 7.04 5.98
CA ARG A 74 -0.51 8.16 5.76
C ARG A 74 -0.65 8.46 4.28
N ALA A 75 -1.74 9.14 3.92
CA ALA A 75 -1.99 9.50 2.53
C ALA A 75 -0.82 10.28 1.96
N GLY A 76 -0.25 9.77 0.87
CA GLY A 76 0.88 10.43 0.25
C GLY A 76 2.07 9.49 0.11
N ASP A 77 2.09 8.45 0.93
CA ASP A 77 3.17 7.48 0.89
C ASP A 77 3.16 6.73 -0.45
N GLU A 78 4.35 6.40 -0.95
CA GLU A 78 4.46 5.70 -2.22
C GLU A 78 4.74 4.22 -2.00
N VAL A 79 3.79 3.38 -2.40
CA VAL A 79 3.94 1.93 -2.25
C VAL A 79 4.50 1.33 -3.54
N LEU A 80 5.79 1.02 -3.53
CA LEU A 80 6.44 0.43 -4.70
C LEU A 80 6.22 -1.09 -4.76
N GLU A 81 5.50 -1.62 -3.78
CA GLU A 81 5.23 -3.06 -3.72
C GLU A 81 3.83 -3.34 -3.19
N TRP A 82 3.07 -4.13 -3.93
CA TRP A 82 1.72 -4.51 -3.52
C TRP A 82 1.53 -6.02 -3.65
N ASN A 83 1.31 -6.68 -2.52
CA ASN A 83 1.12 -8.13 -2.53
C ASN A 83 2.37 -8.85 -3.03
N GLY A 84 3.53 -8.33 -2.64
CA GLY A 84 4.78 -8.93 -3.05
C GLY A 84 5.06 -8.79 -4.54
N LYS A 85 4.33 -7.91 -5.20
CA LYS A 85 4.51 -7.70 -6.63
C LYS A 85 5.18 -6.35 -6.90
N PRO A 86 6.02 -6.27 -7.94
CA PRO A 86 6.67 -5.02 -8.27
C PRO A 86 5.73 -4.13 -9.10
N LEU A 87 5.43 -2.97 -8.56
CA LEU A 87 4.55 -2.00 -9.21
C LEU A 87 5.31 -1.03 -10.12
N PRO A 88 6.54 -0.61 -9.74
CA PRO A 88 7.33 0.34 -10.53
C PRO A 88 7.26 0.03 -12.03
N GLY A 89 6.64 0.93 -12.78
CA GLY A 89 6.51 0.75 -14.22
C GLY A 89 5.08 0.47 -14.63
N ALA A 90 4.22 0.15 -13.66
CA ALA A 90 2.83 -0.15 -13.94
C ALA A 90 1.97 1.10 -13.80
N THR A 91 1.02 1.28 -14.72
CA THR A 91 0.13 2.42 -14.70
C THR A 91 -1.11 2.13 -13.86
N ASN A 92 -2.02 3.10 -13.80
CA ASN A 92 -3.26 2.97 -13.03
C ASN A 92 -3.95 1.64 -13.31
N GLU A 93 -4.09 1.31 -14.59
CA GLU A 93 -4.75 0.06 -14.98
C GLU A 93 -3.97 -1.15 -14.52
N GLU A 94 -2.65 -1.03 -14.50
CA GLU A 94 -1.80 -2.13 -14.06
C GLU A 94 -2.06 -2.42 -12.58
N VAL A 95 -1.81 -1.43 -11.74
CA VAL A 95 -2.04 -1.55 -10.30
C VAL A 95 -3.42 -2.12 -10.03
N TYR A 96 -4.41 -1.65 -10.79
CA TYR A 96 -5.78 -2.11 -10.65
C TYR A 96 -5.85 -3.63 -10.61
N ASN A 97 -5.23 -4.26 -11.60
CA ASN A 97 -5.21 -5.71 -11.69
C ASN A 97 -4.45 -6.32 -10.51
N ILE A 98 -3.30 -5.72 -10.18
CA ILE A 98 -2.47 -6.20 -9.08
C ILE A 98 -3.26 -6.22 -7.78
N ILE A 99 -3.68 -5.04 -7.32
CA ILE A 99 -4.43 -4.92 -6.08
C ILE A 99 -5.70 -5.75 -6.11
N LEU A 100 -6.55 -5.52 -7.10
CA LEU A 100 -7.80 -6.27 -7.23
C LEU A 100 -7.57 -7.76 -7.03
N GLU A 101 -6.59 -8.29 -7.75
CA GLU A 101 -6.25 -9.70 -7.67
C GLU A 101 -5.86 -10.07 -6.24
N SER A 102 -5.30 -9.11 -5.51
CA SER A 102 -4.88 -9.33 -4.14
C SER A 102 -6.00 -8.98 -3.15
N LYS A 103 -7.03 -8.29 -3.63
CA LYS A 103 -8.15 -7.91 -2.78
C LYS A 103 -8.92 -9.14 -2.29
N SER A 104 -8.74 -10.26 -3.00
CA SER A 104 -9.41 -11.50 -2.64
C SER A 104 -8.61 -12.28 -1.59
N GLU A 105 -7.30 -12.05 -1.56
CA GLU A 105 -6.43 -12.73 -0.62
C GLU A 105 -6.66 -12.23 0.81
N PRO A 106 -6.58 -13.12 1.80
CA PRO A 106 -6.80 -12.75 3.21
C PRO A 106 -5.61 -12.02 3.82
N GLN A 107 -4.53 -11.89 3.04
CA GLN A 107 -3.33 -11.20 3.51
C GLN A 107 -2.64 -10.46 2.37
N VAL A 108 -1.97 -9.37 2.71
CA VAL A 108 -1.27 -8.56 1.72
C VAL A 108 0.05 -8.02 2.27
N GLU A 109 1.00 -7.80 1.37
CA GLU A 109 2.30 -7.28 1.76
C GLU A 109 2.66 -6.07 0.90
N ILE A 110 2.62 -4.88 1.50
CA ILE A 110 2.91 -3.65 0.77
C ILE A 110 4.14 -2.96 1.34
N ILE A 111 4.98 -2.45 0.44
CA ILE A 111 6.19 -1.75 0.83
C ILE A 111 6.15 -0.30 0.36
N VAL A 112 6.76 0.60 1.12
CA VAL A 112 6.78 2.01 0.76
C VAL A 112 8.18 2.60 0.87
N SER A 113 8.29 3.88 0.52
CA SER A 113 9.57 4.58 0.57
C SER A 113 9.39 6.01 1.08
N ARG A 114 9.91 6.28 2.28
CA ARG A 114 9.80 7.60 2.86
C ARG A 114 11.12 8.36 2.74
N GLU B 6 -8.65 12.34 -7.21
CA GLU B 6 -7.66 11.38 -7.76
C GLU B 6 -7.61 10.10 -6.93
N GLU B 7 -8.22 9.04 -7.45
CA GLU B 7 -8.24 7.76 -6.76
C GLU B 7 -7.80 6.62 -7.69
N GLY B 8 -7.73 5.41 -7.15
CA GLY B 8 -7.33 4.27 -7.95
C GLY B 8 -7.99 2.98 -7.52
N ILE B 9 -7.68 2.54 -6.30
CA ILE B 9 -8.26 1.31 -5.76
C ILE B 9 -8.58 1.47 -4.29
N TRP B 10 -9.60 0.74 -3.83
CA TRP B 10 -9.99 0.78 -2.44
C TRP B 10 -9.24 -0.27 -1.64
N ALA B 11 -8.54 0.18 -0.61
CA ALA B 11 -7.77 -0.72 0.24
C ALA B 11 -7.90 -0.31 1.70
N HIS A 6 1.99 -8.31 13.81
CA HIS A 6 3.20 -7.63 14.35
C HIS A 6 3.40 -6.27 13.69
N PRO A 7 4.13 -5.36 14.37
CA PRO A 7 4.40 -4.02 13.84
C PRO A 7 5.24 -4.05 12.57
N VAL A 8 5.38 -2.89 11.94
CA VAL A 8 6.16 -2.78 10.70
C VAL A 8 7.57 -2.31 11.00
N THR A 9 8.50 -2.70 10.14
CA THR A 9 9.90 -2.32 10.29
C THR A 9 10.44 -1.67 9.02
N TRP A 10 11.46 -0.84 9.17
CA TRP A 10 12.07 -0.15 8.03
C TRP A 10 13.58 -0.35 8.02
N GLN A 11 14.11 -0.80 6.88
CA GLN A 11 15.55 -1.02 6.74
C GLN A 11 16.13 -0.13 5.65
N PRO A 12 17.46 0.09 5.67
CA PRO A 12 18.15 0.92 4.68
C PRO A 12 17.69 0.64 3.26
N SER A 13 17.23 1.69 2.57
CA SER A 13 16.76 1.56 1.20
C SER A 13 17.91 1.24 0.25
N LYS A 14 17.55 0.67 -0.91
CA LYS A 14 18.55 0.32 -1.92
C LYS A 14 19.25 1.57 -2.45
N GLU A 15 18.60 2.72 -2.27
CA GLU A 15 19.17 3.98 -2.73
C GLU A 15 20.28 4.45 -1.79
N GLY A 16 20.19 4.06 -0.53
CA GLY A 16 21.19 4.44 0.44
C GLY A 16 20.76 5.62 1.30
N ASP A 17 19.96 6.51 0.74
CA ASP A 17 19.50 7.68 1.46
C ASP A 17 17.99 7.64 1.70
N ARG A 18 17.41 6.43 1.67
CA ARG A 18 15.98 6.27 1.89
C ARG A 18 15.69 5.06 2.77
N LEU A 19 14.45 4.96 3.23
CA LEU A 19 14.04 3.85 4.08
C LEU A 19 12.87 3.10 3.47
N ILE A 20 13.00 1.78 3.38
CA ILE A 20 11.94 0.94 2.80
C ILE A 20 11.43 -0.08 3.81
N GLY A 21 10.24 0.19 4.35
CA GLY A 21 9.65 -0.71 5.32
C GLY A 21 8.71 -1.71 4.67
N ARG A 22 8.41 -2.78 5.41
CA ARG A 22 7.50 -3.82 4.91
C ARG A 22 6.21 -3.81 5.69
N VAL A 23 5.09 -3.61 5.00
CA VAL A 23 3.79 -3.57 5.67
C VAL A 23 2.90 -4.73 5.23
N ILE A 24 2.36 -5.43 6.22
CA ILE A 24 1.47 -6.56 5.96
C ILE A 24 0.06 -6.24 6.44
N LEU A 25 -0.89 -6.28 5.51
CA LEU A 25 -2.29 -5.99 5.84
C LEU A 25 -3.19 -7.19 5.57
N ASN A 26 -4.27 -7.29 6.33
CA ASN A 26 -5.21 -8.39 6.18
C ASN A 26 -6.63 -7.87 5.97
N LYS A 27 -7.24 -8.25 4.85
CA LYS A 27 -8.60 -7.83 4.54
C LYS A 27 -9.54 -9.04 4.45
N ARG A 28 -9.32 -10.01 5.34
CA ARG A 28 -10.14 -11.21 5.37
C ARG A 28 -11.24 -11.12 6.43
N THR A 29 -10.94 -10.42 7.51
CA THR A 29 -11.91 -10.25 8.59
C THR A 29 -12.33 -8.78 8.73
N THR A 30 -13.51 -8.57 9.29
CA THR A 30 -14.02 -7.22 9.48
C THR A 30 -13.17 -6.45 10.48
N MET A 31 -13.54 -5.19 10.73
CA MET A 31 -12.80 -4.36 11.67
C MET A 31 -13.54 -4.22 13.00
N PRO A 32 -12.82 -3.94 14.09
CA PRO A 32 -13.41 -3.79 15.42
C PRO A 32 -14.08 -2.42 15.61
N LYS A 33 -13.58 -1.43 14.89
CA LYS A 33 -14.12 -0.08 14.99
C LYS A 33 -15.61 -0.06 14.65
N GLU A 34 -16.01 -0.86 13.67
CA GLU A 34 -17.40 -0.93 13.26
C GLU A 34 -17.57 -1.89 12.08
N SER A 35 -17.27 -1.41 10.88
CA SER A 35 -17.39 -2.22 9.68
C SER A 35 -16.02 -2.45 9.04
N GLY A 36 -15.99 -3.30 8.01
CA GLY A 36 -14.75 -3.59 7.33
C GLY A 36 -14.88 -3.52 5.82
N ALA A 37 -14.10 -2.65 5.20
CA ALA A 37 -14.14 -2.50 3.75
C ALA A 37 -13.05 -3.31 3.07
N LEU A 38 -11.84 -2.76 3.05
CA LEU A 38 -10.70 -3.45 2.43
C LEU A 38 -9.61 -3.75 3.47
N LEU A 39 -8.60 -2.88 3.60
CA LEU A 39 -7.53 -3.10 4.57
C LEU A 39 -7.44 -1.94 5.55
N GLY A 40 -7.48 -0.71 5.04
CA GLY A 40 -7.42 0.46 5.92
C GLY A 40 -6.88 1.72 5.26
N LEU A 41 -6.64 1.72 3.96
CA LEU A 41 -6.13 2.91 3.28
C LEU A 41 -6.46 2.91 1.79
N LYS A 42 -6.64 4.10 1.23
CA LYS A 42 -6.92 4.24 -0.19
C LYS A 42 -5.63 4.50 -0.95
N VAL A 43 -5.45 3.82 -2.08
CA VAL A 43 -4.23 3.98 -2.86
C VAL A 43 -4.51 4.40 -4.29
N VAL A 44 -3.55 5.09 -4.88
CA VAL A 44 -3.65 5.55 -6.24
C VAL A 44 -2.45 5.09 -7.08
N GLY A 45 -2.72 4.42 -8.19
CA GLY A 45 -1.66 3.95 -9.04
C GLY A 45 -1.52 4.76 -10.31
N GLY A 46 -0.39 4.61 -11.00
CA GLY A 46 -0.16 5.34 -12.23
C GLY A 46 0.32 6.74 -11.98
N LYS A 47 1.07 6.94 -10.89
CA LYS A 47 1.59 8.25 -10.55
C LYS A 47 3.05 8.38 -10.97
N MET A 48 3.28 8.87 -12.18
CA MET A 48 4.63 9.04 -12.69
C MET A 48 5.45 9.96 -11.79
N THR A 49 6.48 9.41 -11.16
CA THR A 49 7.33 10.17 -10.26
C THR A 49 8.56 10.71 -10.99
N ASP A 50 9.44 11.38 -10.26
CA ASP A 50 10.64 11.95 -10.85
C ASP A 50 11.65 10.85 -11.21
N LEU A 51 11.41 9.63 -10.73
CA LEU A 51 12.30 8.52 -11.02
C LEU A 51 12.17 8.08 -12.47
N GLY A 52 11.02 8.33 -13.07
CA GLY A 52 10.79 7.95 -14.45
C GLY A 52 9.89 6.73 -14.59
N ARG A 53 9.25 6.34 -13.49
CA ARG A 53 8.35 5.19 -13.51
C ARG A 53 7.08 5.49 -12.73
N LEU A 54 6.09 4.61 -12.87
CA LEU A 54 4.81 4.79 -12.18
C LEU A 54 4.79 4.03 -10.86
N GLY A 55 3.93 4.46 -9.95
CA GLY A 55 3.83 3.79 -8.66
C GLY A 55 2.46 3.96 -8.03
N ALA A 56 2.38 3.73 -6.72
CA ALA A 56 1.12 3.86 -5.99
C ALA A 56 1.24 4.85 -4.84
N PHE A 57 0.21 5.67 -4.64
CA PHE A 57 0.21 6.66 -3.57
C PHE A 57 -1.05 6.53 -2.72
N ILE A 58 -0.89 6.55 -1.41
CA ILE A 58 -2.02 6.45 -0.50
C ILE A 58 -2.81 7.75 -0.46
N THR A 59 -4.06 7.70 -0.92
CA THR A 59 -4.92 8.87 -0.95
C THR A 59 -5.46 9.19 0.44
N LYS A 60 -5.66 8.17 1.27
CA LYS A 60 -6.17 8.36 2.61
C LYS A 60 -6.11 7.08 3.44
N VAL A 61 -6.12 7.25 4.77
CA VAL A 61 -6.07 6.12 5.69
C VAL A 61 -7.22 6.19 6.69
N LYS A 62 -7.87 5.06 6.92
CA LYS A 62 -8.99 4.99 7.85
C LYS A 62 -8.49 4.78 9.28
N LYS A 63 -8.55 5.84 10.09
CA LYS A 63 -8.10 5.77 11.48
C LYS A 63 -8.86 4.69 12.24
N GLY A 64 -8.18 3.57 12.47
CA GLY A 64 -8.80 2.46 13.18
C GLY A 64 -8.72 1.16 12.40
N SER A 65 -8.62 1.26 11.08
CA SER A 65 -8.54 0.09 10.23
C SER A 65 -7.20 -0.61 10.41
N LEU A 66 -7.05 -1.76 9.75
CA LEU A 66 -5.82 -2.54 9.83
C LEU A 66 -4.62 -1.73 9.36
N ALA A 67 -4.74 -1.15 8.16
CA ALA A 67 -3.67 -0.35 7.58
C ALA A 67 -3.13 0.67 8.58
N ASP A 68 -3.97 1.10 9.51
CA ASP A 68 -3.57 2.07 10.51
C ASP A 68 -2.96 1.42 11.74
N VAL A 69 -3.68 0.44 12.29
CA VAL A 69 -3.22 -0.26 13.49
C VAL A 69 -2.04 -1.19 13.20
N VAL A 70 -2.12 -1.97 12.13
CA VAL A 70 -1.05 -2.89 11.77
C VAL A 70 -0.15 -2.32 10.69
N GLY A 71 -0.71 -1.51 9.81
CA GLY A 71 0.07 -0.91 8.73
C GLY A 71 0.92 0.24 9.23
N HIS A 72 0.28 1.26 9.78
CA HIS A 72 0.98 2.43 10.30
C HIS A 72 1.51 3.32 9.17
N LEU A 73 0.62 3.85 8.34
CA LEU A 73 1.02 4.74 7.25
C LEU A 73 0.01 5.86 7.09
N ARG A 74 0.32 6.82 6.22
CA ARG A 74 -0.57 7.94 5.99
C ARG A 74 -0.62 8.32 4.52
N ALA A 75 -1.67 9.04 4.14
CA ALA A 75 -1.85 9.47 2.76
C ALA A 75 -0.63 10.25 2.27
N GLY A 76 -0.07 9.81 1.16
CA GLY A 76 1.11 10.47 0.60
C GLY A 76 2.25 9.50 0.39
N ASP A 77 2.22 8.39 1.11
CA ASP A 77 3.27 7.37 1.00
C ASP A 77 3.23 6.71 -0.37
N GLU A 78 4.41 6.35 -0.88
CA GLU A 78 4.50 5.71 -2.18
C GLU A 78 4.75 4.21 -2.04
N VAL A 79 3.74 3.41 -2.37
CA VAL A 79 3.86 1.96 -2.30
C VAL A 79 4.37 1.38 -3.62
N LEU A 80 5.60 0.88 -3.60
CA LEU A 80 6.19 0.29 -4.79
C LEU A 80 5.97 -1.22 -4.82
N GLU A 81 5.27 -1.73 -3.81
CA GLU A 81 5.00 -3.16 -3.73
C GLU A 81 3.60 -3.43 -3.20
N TRP A 82 2.83 -4.22 -3.94
CA TRP A 82 1.47 -4.57 -3.54
C TRP A 82 1.27 -6.08 -3.66
N ASN A 83 1.10 -6.74 -2.51
CA ASN A 83 0.91 -8.18 -2.50
C ASN A 83 2.16 -8.91 -2.98
N GLY A 84 3.33 -8.38 -2.58
CA GLY A 84 4.59 -8.98 -2.96
C GLY A 84 4.91 -8.82 -4.45
N LYS A 85 4.20 -7.92 -5.12
CA LYS A 85 4.43 -7.70 -6.55
C LYS A 85 5.09 -6.36 -6.78
N PRO A 86 5.98 -6.27 -7.78
CA PRO A 86 6.62 -5.01 -8.10
C PRO A 86 5.73 -4.12 -8.95
N LEU A 87 5.40 -2.96 -8.40
CA LEU A 87 4.53 -2.00 -9.09
C LEU A 87 5.32 -1.04 -10.00
N PRO A 88 6.53 -0.60 -9.59
CA PRO A 88 7.35 0.31 -10.39
C PRO A 88 7.30 0.01 -11.88
N GLY A 89 6.73 0.93 -12.65
CA GLY A 89 6.61 0.74 -14.08
C GLY A 89 5.19 0.42 -14.51
N ALA A 90 4.34 0.10 -13.54
CA ALA A 90 2.95 -0.24 -13.82
C ALA A 90 2.05 0.99 -13.64
N THR A 91 1.12 1.18 -14.58
CA THR A 91 0.21 2.31 -14.53
C THR A 91 -1.03 1.97 -13.71
N ASN A 92 -1.95 2.93 -13.60
CA ASN A 92 -3.18 2.74 -12.84
C ASN A 92 -3.88 1.44 -13.23
N GLU A 93 -3.97 1.19 -14.53
CA GLU A 93 -4.63 -0.02 -15.03
C GLU A 93 -3.90 -1.26 -14.56
N GLU A 94 -2.58 -1.21 -14.58
CA GLU A 94 -1.77 -2.34 -14.14
C GLU A 94 -2.05 -2.63 -12.67
N VAL A 95 -1.82 -1.63 -11.82
CA VAL A 95 -2.06 -1.74 -10.40
C VAL A 95 -3.46 -2.31 -10.13
N TYR A 96 -4.44 -1.80 -10.88
CA TYR A 96 -5.82 -2.26 -10.73
C TYR A 96 -5.89 -3.78 -10.73
N ASN A 97 -5.13 -4.39 -11.63
CA ASN A 97 -5.10 -5.85 -11.74
C ASN A 97 -4.36 -6.46 -10.56
N ILE A 98 -3.29 -5.80 -10.13
CA ILE A 98 -2.48 -6.27 -9.01
C ILE A 98 -3.32 -6.30 -7.72
N ILE A 99 -3.72 -5.12 -7.25
CA ILE A 99 -4.50 -5.01 -6.03
C ILE A 99 -5.73 -5.93 -6.07
N LEU A 100 -6.52 -5.82 -7.13
CA LEU A 100 -7.71 -6.64 -7.29
C LEU A 100 -7.38 -8.12 -7.12
N GLU A 101 -6.34 -8.57 -7.82
CA GLU A 101 -5.91 -9.95 -7.75
C GLU A 101 -5.51 -10.32 -6.32
N SER A 102 -5.06 -9.31 -5.57
CA SER A 102 -4.65 -9.52 -4.19
C SER A 102 -5.79 -9.25 -3.21
N LYS A 103 -6.86 -8.65 -3.71
CA LYS A 103 -8.03 -8.34 -2.87
C LYS A 103 -8.68 -9.62 -2.35
N SER A 104 -8.46 -10.72 -3.06
CA SER A 104 -9.04 -12.01 -2.67
C SER A 104 -8.12 -12.76 -1.71
N GLU A 105 -6.87 -12.32 -1.61
CA GLU A 105 -5.91 -12.97 -0.72
C GLU A 105 -6.19 -12.61 0.73
N PRO A 106 -6.22 -13.61 1.64
CA PRO A 106 -6.48 -13.38 3.06
C PRO A 106 -5.47 -12.43 3.70
N GLN A 107 -4.35 -12.22 3.02
CA GLN A 107 -3.30 -11.34 3.52
C GLN A 107 -2.63 -10.56 2.40
N VAL A 108 -2.03 -9.42 2.74
CA VAL A 108 -1.35 -8.60 1.76
C VAL A 108 -0.03 -8.06 2.30
N GLU A 109 0.91 -7.83 1.39
CA GLU A 109 2.23 -7.32 1.76
C GLU A 109 2.56 -6.11 0.89
N ILE A 110 2.51 -4.92 1.49
CA ILE A 110 2.81 -3.69 0.77
C ILE A 110 4.05 -3.00 1.30
N ILE A 111 4.88 -2.53 0.38
CA ILE A 111 6.11 -1.83 0.74
C ILE A 111 6.08 -0.40 0.23
N VAL A 112 6.70 0.52 0.97
CA VAL A 112 6.72 1.91 0.58
C VAL A 112 8.14 2.48 0.57
N SER A 113 8.25 3.75 0.18
CA SER A 113 9.54 4.43 0.12
C SER A 113 9.44 5.82 0.72
N ARG A 114 10.02 6.00 1.90
CA ARG A 114 10.00 7.29 2.57
C ARG A 114 11.41 7.86 2.70
N GLU B 6 -9.37 12.69 -6.63
CA GLU B 6 -8.49 11.72 -7.33
C GLU B 6 -8.25 10.47 -6.49
N GLU B 7 -8.54 9.31 -7.08
CA GLU B 7 -8.35 8.05 -6.39
C GLU B 7 -8.06 6.91 -7.38
N GLY B 8 -7.50 5.82 -6.88
CA GLY B 8 -7.19 4.70 -7.73
C GLY B 8 -7.98 3.45 -7.36
N ILE B 9 -7.75 2.95 -6.15
CA ILE B 9 -8.45 1.76 -5.67
C ILE B 9 -8.72 1.84 -4.18
N TRP B 10 -9.70 1.08 -3.73
CA TRP B 10 -10.06 1.06 -2.32
C TRP B 10 -9.26 -0.01 -1.59
N ALA B 11 -8.52 0.41 -0.56
CA ALA B 11 -7.73 -0.52 0.23
C ALA B 11 -7.83 -0.16 1.71
N HIS A 6 2.88 -10.39 12.64
CA HIS A 6 4.22 -9.84 12.97
C HIS A 6 4.26 -8.33 12.75
N PRO A 7 5.13 -7.62 13.51
CA PRO A 7 5.26 -6.17 13.40
C PRO A 7 5.95 -5.75 12.10
N VAL A 8 5.96 -4.45 11.84
CA VAL A 8 6.58 -3.92 10.64
C VAL A 8 7.97 -3.39 10.94
N THR A 9 8.86 -3.49 9.95
CA THR A 9 10.23 -3.02 10.10
C THR A 9 10.65 -2.16 8.92
N TRP A 10 11.57 -1.22 9.17
CA TRP A 10 12.05 -0.32 8.13
C TRP A 10 13.57 -0.35 8.06
N GLN A 11 14.10 -0.77 6.91
CA GLN A 11 15.54 -0.84 6.71
C GLN A 11 15.99 0.14 5.62
N PRO A 12 17.29 0.51 5.61
CA PRO A 12 17.84 1.44 4.62
C PRO A 12 17.45 1.05 3.20
N SER A 13 17.21 2.08 2.38
CA SER A 13 16.83 1.86 0.98
C SER A 13 18.06 1.58 0.12
N LYS A 14 17.83 1.45 -1.18
CA LYS A 14 18.92 1.19 -2.13
C LYS A 14 19.73 2.45 -2.41
N GLU A 15 19.24 3.60 -1.95
CA GLU A 15 19.93 4.87 -2.16
C GLU A 15 20.68 5.30 -0.90
N GLY A 16 20.29 4.74 0.24
CA GLY A 16 20.95 5.08 1.49
C GLY A 16 20.27 6.22 2.23
N ASP A 17 19.89 7.25 1.48
CA ASP A 17 19.22 8.41 2.07
C ASP A 17 17.71 8.19 2.20
N ARG A 18 17.25 6.98 1.93
CA ARG A 18 15.83 6.66 2.02
C ARG A 18 15.62 5.46 2.94
N LEU A 19 14.42 5.37 3.52
CA LEU A 19 14.10 4.27 4.41
C LEU A 19 12.93 3.44 3.87
N ILE A 20 13.18 2.15 3.67
CA ILE A 20 12.16 1.25 3.15
C ILE A 20 11.61 0.36 4.25
N GLY A 21 10.32 0.02 4.16
CA GLY A 21 9.70 -0.83 5.15
C GLY A 21 8.79 -1.87 4.55
N ARG A 22 8.50 -2.92 5.31
CA ARG A 22 7.62 -3.99 4.84
C ARG A 22 6.33 -4.00 5.65
N VAL A 23 5.19 -3.84 4.98
CA VAL A 23 3.90 -3.82 5.65
C VAL A 23 3.00 -4.95 5.21
N ILE A 24 2.42 -5.65 6.18
CA ILE A 24 1.51 -6.75 5.90
C ILE A 24 0.11 -6.41 6.37
N LEU A 25 -0.86 -6.48 5.48
CA LEU A 25 -2.23 -6.15 5.82
C LEU A 25 -3.19 -7.29 5.48
N ASN A 26 -4.28 -7.38 6.24
CA ASN A 26 -5.28 -8.42 6.03
C ASN A 26 -6.62 -7.78 5.69
N LYS A 27 -7.15 -8.10 4.52
CA LYS A 27 -8.43 -7.55 4.08
C LYS A 27 -9.60 -8.19 4.83
N ARG A 28 -9.62 -8.01 6.15
CA ARG A 28 -10.67 -8.57 6.98
C ARG A 28 -12.03 -7.99 6.60
N THR A 29 -12.03 -6.70 6.26
CA THR A 29 -13.26 -6.01 5.89
C THR A 29 -14.30 -6.10 7.00
N THR A 30 -13.85 -6.40 8.22
CA THR A 30 -14.74 -6.51 9.36
C THR A 30 -13.96 -6.31 10.66
N MET A 31 -13.44 -5.11 10.85
CA MET A 31 -12.66 -4.78 12.04
C MET A 31 -13.55 -4.73 13.28
N PRO A 32 -13.13 -5.37 14.39
CA PRO A 32 -13.90 -5.37 15.64
C PRO A 32 -13.92 -4.00 16.30
N LYS A 33 -12.99 -3.13 15.90
CA LYS A 33 -12.90 -1.78 16.45
C LYS A 33 -13.89 -0.86 15.75
N GLU A 34 -14.12 -1.10 14.45
CA GLU A 34 -15.03 -0.29 13.67
C GLU A 34 -15.78 -1.14 12.65
N SER A 35 -15.13 -1.40 11.51
CA SER A 35 -15.75 -2.20 10.46
C SER A 35 -14.82 -2.31 9.24
N GLY A 36 -14.23 -1.18 8.84
CA GLY A 36 -13.34 -1.18 7.70
C GLY A 36 -14.01 -1.69 6.44
N ALA A 37 -13.37 -1.46 5.30
CA ALA A 37 -13.91 -1.91 4.02
C ALA A 37 -12.96 -2.88 3.34
N LEU A 38 -11.67 -2.57 3.36
CA LEU A 38 -10.66 -3.42 2.75
C LEU A 38 -9.56 -3.75 3.77
N LEU A 39 -8.51 -2.94 3.82
CA LEU A 39 -7.42 -3.16 4.78
C LEU A 39 -7.27 -1.96 5.71
N GLY A 40 -7.33 -0.74 5.16
CA GLY A 40 -7.22 0.44 6.00
C GLY A 40 -6.67 1.68 5.32
N LEU A 41 -6.55 1.67 3.99
CA LEU A 41 -6.03 2.83 3.26
C LEU A 41 -6.40 2.81 1.79
N LYS A 42 -6.53 3.99 1.18
CA LYS A 42 -6.86 4.09 -0.23
C LYS A 42 -5.60 4.39 -1.03
N VAL A 43 -5.38 3.65 -2.11
CA VAL A 43 -4.19 3.85 -2.93
C VAL A 43 -4.55 4.18 -4.37
N VAL A 44 -3.62 4.89 -5.01
CA VAL A 44 -3.80 5.29 -6.39
C VAL A 44 -2.76 4.59 -7.28
N GLY A 45 -3.09 4.46 -8.57
CA GLY A 45 -2.17 3.82 -9.49
C GLY A 45 -1.87 4.69 -10.70
N GLY A 46 -0.64 4.59 -11.22
CA GLY A 46 -0.25 5.37 -12.36
C GLY A 46 0.14 6.79 -11.99
N LYS A 47 1.23 6.91 -11.25
CA LYS A 47 1.72 8.23 -10.83
C LYS A 47 3.19 8.42 -11.21
N MET A 48 3.42 9.02 -12.37
CA MET A 48 4.77 9.26 -12.85
C MET A 48 5.55 10.12 -11.86
N THR A 49 6.45 9.48 -11.12
CA THR A 49 7.26 10.19 -10.13
C THR A 49 8.43 10.90 -10.79
N ASP A 50 9.24 11.58 -9.98
CA ASP A 50 10.41 12.30 -10.48
C ASP A 50 11.46 11.34 -11.03
N LEU A 51 11.36 10.07 -10.67
CA LEU A 51 12.31 9.06 -11.14
C LEU A 51 12.09 8.77 -12.61
N GLY A 52 10.85 8.91 -13.07
CA GLY A 52 10.53 8.66 -14.46
C GLY A 52 9.71 7.38 -14.65
N ARG A 53 9.15 6.87 -13.56
CA ARG A 53 8.35 5.66 -13.62
C ARG A 53 7.03 5.84 -12.88
N LEU A 54 6.12 4.87 -13.06
CA LEU A 54 4.81 4.94 -12.42
C LEU A 54 4.83 4.18 -11.09
N GLY A 55 4.01 4.63 -10.15
CA GLY A 55 3.95 3.98 -8.85
C GLY A 55 2.57 4.09 -8.22
N ALA A 56 2.52 3.91 -6.90
CA ALA A 56 1.25 4.00 -6.17
C ALA A 56 1.36 4.96 -5.00
N PHE A 57 0.27 5.69 -4.74
CA PHE A 57 0.23 6.65 -3.65
C PHE A 57 -1.06 6.50 -2.85
N ILE A 58 -0.97 6.68 -1.54
CA ILE A 58 -2.14 6.57 -0.67
C ILE A 58 -2.92 7.88 -0.62
N THR A 59 -4.18 7.84 -1.03
CA THR A 59 -5.01 9.03 -1.04
C THR A 59 -5.60 9.33 0.34
N LYS A 60 -5.83 8.29 1.13
CA LYS A 60 -6.38 8.47 2.47
C LYS A 60 -6.31 7.18 3.30
N VAL A 61 -6.21 7.34 4.60
CA VAL A 61 -6.13 6.20 5.53
C VAL A 61 -7.28 6.23 6.53
N LYS A 62 -7.88 5.07 6.77
CA LYS A 62 -8.98 4.97 7.72
C LYS A 62 -8.46 4.81 9.14
N LYS A 63 -8.57 5.88 9.93
CA LYS A 63 -8.10 5.85 11.31
C LYS A 63 -8.82 4.78 12.12
N GLY A 64 -8.13 3.67 12.36
CA GLY A 64 -8.71 2.59 13.13
C GLY A 64 -8.65 1.27 12.38
N SER A 65 -8.50 1.34 11.06
CA SER A 65 -8.43 0.14 10.24
C SER A 65 -7.09 -0.56 10.39
N LEU A 66 -6.96 -1.73 9.78
CA LEU A 66 -5.73 -2.51 9.85
C LEU A 66 -4.53 -1.71 9.33
N ALA A 67 -4.67 -1.19 8.12
CA ALA A 67 -3.59 -0.40 7.50
C ALA A 67 -3.04 0.66 8.44
N ASP A 68 -3.88 1.14 9.34
CA ASP A 68 -3.46 2.17 10.29
C ASP A 68 -2.85 1.56 11.55
N VAL A 69 -3.57 0.62 12.15
CA VAL A 69 -3.11 -0.02 13.38
C VAL A 69 -1.90 -0.94 13.13
N VAL A 70 -1.97 -1.76 12.09
CA VAL A 70 -0.89 -2.69 11.78
C VAL A 70 0.03 -2.14 10.70
N GLY A 71 -0.52 -1.35 9.79
CA GLY A 71 0.28 -0.78 8.71
C GLY A 71 1.04 0.45 9.15
N HIS A 72 0.32 1.43 9.70
CA HIS A 72 0.93 2.66 10.18
C HIS A 72 1.46 3.51 9.02
N LEU A 73 0.56 4.02 8.19
CA LEU A 73 0.94 4.88 7.08
C LEU A 73 -0.09 5.98 6.90
N ARG A 74 0.20 6.92 6.00
CA ARG A 74 -0.70 8.03 5.75
C ARG A 74 -0.76 8.37 4.27
N ALA A 75 -1.79 9.11 3.88
CA ALA A 75 -1.96 9.50 2.48
C ALA A 75 -0.74 10.24 1.98
N GLY A 76 -0.15 9.73 0.91
CA GLY A 76 1.04 10.34 0.34
C GLY A 76 2.18 9.36 0.21
N ASP A 77 2.14 8.31 1.03
CA ASP A 77 3.17 7.27 1.01
C ASP A 77 3.21 6.58 -0.34
N GLU A 78 4.40 6.29 -0.82
CA GLU A 78 4.57 5.63 -2.11
C GLU A 78 4.82 4.14 -1.93
N VAL A 79 3.84 3.33 -2.35
CA VAL A 79 3.97 1.88 -2.24
C VAL A 79 4.52 1.28 -3.53
N LEU A 80 5.78 0.88 -3.50
CA LEU A 80 6.41 0.29 -4.67
C LEU A 80 6.14 -1.22 -4.74
N GLU A 81 5.33 -1.73 -3.82
CA GLU A 81 5.00 -3.15 -3.79
C GLU A 81 3.62 -3.40 -3.22
N TRP A 82 2.81 -4.14 -3.95
CA TRP A 82 1.46 -4.48 -3.52
C TRP A 82 1.22 -5.98 -3.66
N ASN A 83 1.00 -6.67 -2.55
CA ASN A 83 0.77 -8.10 -2.56
C ASN A 83 2.03 -8.85 -2.99
N GLY A 84 3.18 -8.34 -2.57
CA GLY A 84 4.45 -8.97 -2.91
C GLY A 84 4.81 -8.83 -4.38
N LYS A 85 4.16 -7.91 -5.08
CA LYS A 85 4.43 -7.70 -6.50
C LYS A 85 5.09 -6.35 -6.73
N PRO A 86 5.90 -6.21 -7.78
CA PRO A 86 6.54 -4.95 -8.10
C PRO A 86 5.62 -4.08 -8.95
N LEU A 87 5.29 -2.92 -8.41
CA LEU A 87 4.41 -1.97 -9.09
C LEU A 87 5.19 -0.98 -9.96
N PRO A 88 6.40 -0.54 -9.54
CA PRO A 88 7.20 0.40 -10.32
C PRO A 88 7.20 0.09 -11.81
N GLY A 89 6.61 0.99 -12.59
CA GLY A 89 6.52 0.80 -14.03
C GLY A 89 5.10 0.52 -14.50
N ALA A 90 4.22 0.18 -13.57
CA ALA A 90 2.83 -0.10 -13.90
C ALA A 90 1.97 1.13 -13.74
N THR A 91 1.01 1.31 -14.65
CA THR A 91 0.11 2.46 -14.62
C THR A 91 -1.15 2.14 -13.79
N ASN A 92 -2.08 3.07 -13.77
CA ASN A 92 -3.32 2.91 -13.02
C ASN A 92 -4.00 1.58 -13.35
N GLU A 93 -4.09 1.26 -14.63
CA GLU A 93 -4.72 0.02 -15.07
C GLU A 93 -3.93 -1.19 -14.59
N GLU A 94 -2.61 -1.08 -14.62
CA GLU A 94 -1.75 -2.17 -14.16
C GLU A 94 -2.00 -2.42 -12.68
N VAL A 95 -1.75 -1.40 -11.87
CA VAL A 95 -1.96 -1.49 -10.43
C VAL A 95 -3.33 -2.08 -10.12
N TYR A 96 -4.34 -1.65 -10.87
CA TYR A 96 -5.71 -2.15 -10.67
C TYR A 96 -5.73 -3.67 -10.63
N ASN A 97 -5.02 -4.29 -11.57
CA ASN A 97 -4.95 -5.75 -11.64
C ASN A 97 -4.27 -6.33 -10.40
N ILE A 98 -3.19 -5.68 -9.98
CA ILE A 98 -2.44 -6.14 -8.81
C ILE A 98 -3.31 -6.17 -7.56
N ILE A 99 -3.74 -4.99 -7.13
CA ILE A 99 -4.56 -4.87 -5.93
C ILE A 99 -5.81 -5.75 -6.02
N LEU A 100 -6.58 -5.61 -7.09
CA LEU A 100 -7.79 -6.40 -7.29
C LEU A 100 -7.49 -7.89 -7.12
N GLU A 101 -6.47 -8.35 -7.81
CA GLU A 101 -6.07 -9.76 -7.74
C GLU A 101 -5.77 -10.16 -6.29
N SER A 102 -5.39 -9.18 -5.48
CA SER A 102 -5.08 -9.43 -4.08
C SER A 102 -6.29 -9.17 -3.17
N LYS A 103 -7.34 -8.56 -3.73
CA LYS A 103 -8.54 -8.28 -2.95
C LYS A 103 -9.15 -9.56 -2.41
N SER A 104 -8.90 -10.67 -3.09
CA SER A 104 -9.43 -11.97 -2.67
C SER A 104 -8.43 -12.71 -1.78
N GLU A 105 -7.24 -12.14 -1.61
CA GLU A 105 -6.22 -12.77 -0.78
C GLU A 105 -6.43 -12.43 0.70
N PRO A 106 -6.50 -13.44 1.57
CA PRO A 106 -6.69 -13.23 3.01
C PRO A 106 -5.61 -12.37 3.64
N GLN A 107 -4.49 -12.20 2.92
CA GLN A 107 -3.39 -11.40 3.43
C GLN A 107 -2.71 -10.62 2.31
N VAL A 108 -2.06 -9.52 2.65
CA VAL A 108 -1.37 -8.69 1.68
C VAL A 108 -0.05 -8.15 2.25
N GLU A 109 0.90 -7.90 1.36
CA GLU A 109 2.20 -7.36 1.75
C GLU A 109 2.55 -6.16 0.89
N ILE A 110 2.49 -4.96 1.49
CA ILE A 110 2.80 -3.74 0.77
C ILE A 110 4.06 -3.07 1.30
N ILE A 111 4.89 -2.60 0.38
CA ILE A 111 6.13 -1.94 0.73
C ILE A 111 6.12 -0.48 0.27
N VAL A 112 6.73 0.40 1.06
CA VAL A 112 6.77 1.82 0.74
C VAL A 112 8.18 2.38 0.82
N SER A 113 8.31 3.66 0.50
CA SER A 113 9.61 4.34 0.53
C SER A 113 9.47 5.76 1.04
N ARG A 114 10.08 6.04 2.19
CA ARG A 114 10.03 7.37 2.79
C ARG A 114 10.93 8.34 2.04
N GLU B 6 -7.81 12.42 -7.21
CA GLU B 6 -8.19 11.30 -8.13
C GLU B 6 -7.76 9.95 -7.57
N GLU B 7 -8.66 9.32 -6.83
CA GLU B 7 -8.39 8.03 -6.22
C GLU B 7 -8.07 6.98 -7.29
N GLY B 8 -7.85 5.74 -6.87
CA GLY B 8 -7.54 4.69 -7.80
C GLY B 8 -8.12 3.35 -7.40
N ILE B 9 -7.88 2.95 -6.16
CA ILE B 9 -8.38 1.67 -5.65
C ILE B 9 -8.71 1.76 -4.17
N TRP B 10 -9.56 0.86 -3.71
CA TRP B 10 -9.96 0.82 -2.31
C TRP B 10 -9.18 -0.25 -1.56
N ALA B 11 -8.51 0.16 -0.49
CA ALA B 11 -7.73 -0.75 0.32
C ALA B 11 -7.78 -0.33 1.80
N HIS A 6 2.31 -8.30 15.77
CA HIS A 6 3.58 -8.19 15.02
C HIS A 6 3.70 -6.84 14.32
N PRO A 7 4.46 -5.90 14.90
CA PRO A 7 4.65 -4.57 14.32
C PRO A 7 5.46 -4.61 13.03
N VAL A 8 5.53 -3.46 12.35
CA VAL A 8 6.28 -3.36 11.10
C VAL A 8 7.71 -2.91 11.36
N THR A 9 8.61 -3.31 10.47
CA THR A 9 10.03 -2.94 10.59
C THR A 9 10.49 -2.17 9.37
N TRP A 10 11.44 -1.25 9.59
CA TRP A 10 11.98 -0.44 8.50
C TRP A 10 13.50 -0.50 8.49
N GLN A 11 14.08 -0.83 7.34
CA GLN A 11 15.53 -0.93 7.21
C GLN A 11 16.04 0.03 6.13
N PRO A 12 17.35 0.32 6.12
CA PRO A 12 17.97 1.22 5.15
C PRO A 12 17.68 0.78 3.72
N SER A 13 17.16 1.71 2.92
CA SER A 13 16.84 1.44 1.52
C SER A 13 18.09 1.02 0.75
N LYS A 14 17.87 0.57 -0.49
CA LYS A 14 18.98 0.14 -1.34
C LYS A 14 19.79 1.33 -1.84
N GLU A 15 19.29 2.54 -1.61
CA GLU A 15 19.98 3.75 -2.04
C GLU A 15 20.86 4.31 -0.92
N GLY A 16 20.57 3.90 0.31
CA GLY A 16 21.35 4.38 1.44
C GLY A 16 20.89 5.72 1.96
N ASP A 17 19.89 6.31 1.30
CA ASP A 17 19.36 7.61 1.71
C ASP A 17 17.85 7.55 1.92
N ARG A 18 17.27 6.35 1.80
CA ARG A 18 15.83 6.18 1.98
C ARG A 18 15.54 5.05 2.96
N LEU A 19 14.35 5.08 3.55
CA LEU A 19 13.95 4.06 4.51
C LEU A 19 12.85 3.17 3.94
N ILE A 20 13.08 1.86 3.94
CA ILE A 20 12.11 0.90 3.42
C ILE A 20 11.55 0.02 4.52
N GLY A 21 10.27 -0.28 4.45
CA GLY A 21 9.63 -1.11 5.45
C GLY A 21 8.68 -2.12 4.84
N ARG A 22 8.37 -3.17 5.60
CA ARG A 22 7.45 -4.20 5.13
C ARG A 22 6.12 -4.10 5.86
N VAL A 23 5.04 -3.86 5.12
CA VAL A 23 3.73 -3.72 5.72
C VAL A 23 2.79 -4.85 5.30
N ILE A 24 2.23 -5.53 6.29
CA ILE A 24 1.30 -6.63 6.04
C ILE A 24 -0.10 -6.24 6.51
N LEU A 25 -1.06 -6.27 5.59
CA LEU A 25 -2.43 -5.91 5.92
C LEU A 25 -3.39 -7.09 5.70
N ASN A 26 -4.44 -7.14 6.51
CA ASN A 26 -5.43 -8.21 6.40
C ASN A 26 -6.82 -7.61 6.16
N LYS A 27 -7.43 -8.00 5.04
CA LYS A 27 -8.76 -7.51 4.69
C LYS A 27 -9.77 -8.65 4.66
N ARG A 28 -9.62 -9.61 5.56
CA ARG A 28 -10.51 -10.76 5.63
C ARG A 28 -11.55 -10.55 6.73
N THR A 29 -11.19 -9.77 7.75
CA THR A 29 -12.10 -9.49 8.86
C THR A 29 -12.61 -8.06 8.81
N THR A 30 -13.39 -7.69 9.82
CA THR A 30 -13.94 -6.33 9.89
C THR A 30 -13.08 -5.44 10.77
N MET A 31 -13.04 -4.15 10.44
CA MET A 31 -12.26 -3.19 11.21
C MET A 31 -12.99 -2.78 12.49
N PRO A 32 -12.24 -2.37 13.54
CA PRO A 32 -12.82 -1.96 14.81
C PRO A 32 -13.50 -0.59 14.72
N LYS A 33 -13.21 0.16 13.67
CA LYS A 33 -13.79 1.48 13.48
C LYS A 33 -15.31 1.42 13.50
N GLU A 34 -15.88 0.63 12.60
CA GLU A 34 -17.33 0.49 12.52
C GLU A 34 -17.72 -0.45 11.38
N SER A 35 -17.02 -0.33 10.25
CA SER A 35 -17.30 -1.16 9.09
C SER A 35 -16.04 -1.93 8.68
N GLY A 36 -16.15 -2.67 7.57
CA GLY A 36 -15.01 -3.45 7.10
C GLY A 36 -14.93 -3.49 5.58
N ALA A 37 -14.57 -2.36 4.98
CA ALA A 37 -14.45 -2.29 3.53
C ALA A 37 -13.37 -3.23 3.02
N LEU A 38 -12.11 -2.78 3.04
CA LEU A 38 -10.99 -3.60 2.59
C LEU A 38 -10.01 -3.86 3.74
N LEU A 39 -9.03 -2.98 3.91
CA LEU A 39 -8.06 -3.13 4.99
C LEU A 39 -8.01 -1.86 5.85
N GLY A 40 -7.68 -0.73 5.23
CA GLY A 40 -7.62 0.52 5.99
C GLY A 40 -6.90 1.65 5.29
N LEU A 41 -6.82 1.64 3.97
CA LEU A 41 -6.12 2.70 3.25
C LEU A 41 -6.53 2.75 1.77
N LYS A 42 -6.40 3.93 1.16
CA LYS A 42 -6.76 4.10 -0.24
C LYS A 42 -5.50 4.41 -1.05
N VAL A 43 -5.28 3.64 -2.11
CA VAL A 43 -4.09 3.84 -2.94
C VAL A 43 -4.44 4.30 -4.35
N VAL A 44 -3.46 4.93 -4.98
CA VAL A 44 -3.62 5.42 -6.34
C VAL A 44 -2.37 5.16 -7.17
N GLY A 45 -2.56 4.59 -8.35
CA GLY A 45 -1.42 4.31 -9.22
C GLY A 45 -1.42 5.14 -10.48
N GLY A 46 -0.39 4.97 -11.29
CA GLY A 46 -0.28 5.72 -12.54
C GLY A 46 0.18 7.15 -12.31
N LYS A 47 1.02 7.33 -11.30
CA LYS A 47 1.54 8.66 -10.98
C LYS A 47 3.01 8.78 -11.34
N MET A 48 3.29 9.25 -12.56
CA MET A 48 4.65 9.41 -13.03
C MET A 48 5.44 10.33 -12.11
N THR A 49 6.40 9.77 -11.39
CA THR A 49 7.24 10.54 -10.48
C THR A 49 8.38 11.24 -11.21
N ASP A 50 9.18 11.99 -10.47
CA ASP A 50 10.31 12.71 -11.04
C ASP A 50 11.39 11.74 -11.52
N LEU A 51 11.32 10.50 -11.06
CA LEU A 51 12.30 9.48 -11.46
C LEU A 51 12.05 9.02 -12.88
N GLY A 52 10.80 9.11 -13.33
CA GLY A 52 10.47 8.69 -14.68
C GLY A 52 9.74 7.35 -14.71
N ARG A 53 9.31 6.88 -13.54
CA ARG A 53 8.61 5.60 -13.45
C ARG A 53 7.25 5.78 -12.79
N LEU A 54 6.34 4.85 -13.03
CA LEU A 54 5.00 4.90 -12.45
C LEU A 54 4.97 4.16 -11.11
N GLY A 55 4.16 4.66 -10.19
CA GLY A 55 4.04 4.03 -8.89
C GLY A 55 2.65 4.20 -8.28
N ALA A 56 2.54 3.92 -7.00
CA ALA A 56 1.26 4.04 -6.30
C ALA A 56 1.38 4.94 -5.08
N PHE A 57 0.37 5.79 -4.86
CA PHE A 57 0.37 6.69 -3.71
C PHE A 57 -0.94 6.58 -2.93
N ILE A 58 -0.83 6.64 -1.61
CA ILE A 58 -2.01 6.54 -0.76
C ILE A 58 -2.80 7.84 -0.74
N THR A 59 -4.07 7.76 -1.14
CA THR A 59 -4.94 8.91 -1.20
C THR A 59 -5.47 9.27 0.19
N LYS A 60 -5.74 8.27 1.00
CA LYS A 60 -6.26 8.49 2.35
C LYS A 60 -6.23 7.21 3.18
N VAL A 61 -6.12 7.40 4.50
CA VAL A 61 -6.08 6.27 5.44
C VAL A 61 -7.22 6.37 6.45
N LYS A 62 -7.90 5.25 6.68
CA LYS A 62 -9.00 5.22 7.63
C LYS A 62 -8.48 5.11 9.05
N LYS A 63 -8.56 6.20 9.80
CA LYS A 63 -8.08 6.24 11.18
C LYS A 63 -8.79 5.18 12.03
N GLY A 64 -8.10 4.09 12.30
CA GLY A 64 -8.67 3.03 13.10
C GLY A 64 -8.64 1.68 12.39
N SER A 65 -8.50 1.71 11.07
CA SER A 65 -8.44 0.49 10.28
C SER A 65 -7.12 -0.23 10.46
N LEU A 66 -7.02 -1.42 9.88
CA LEU A 66 -5.81 -2.22 9.99
C LEU A 66 -4.60 -1.47 9.42
N ALA A 67 -4.74 -1.01 8.18
CA ALA A 67 -3.67 -0.29 7.50
C ALA A 67 -3.05 0.79 8.40
N ASP A 68 -3.85 1.33 9.30
CA ASP A 68 -3.40 2.38 10.20
C ASP A 68 -2.72 1.79 11.44
N VAL A 69 -3.39 0.84 12.08
CA VAL A 69 -2.86 0.23 13.30
C VAL A 69 -1.72 -0.74 13.00
N VAL A 70 -1.91 -1.63 12.02
CA VAL A 70 -0.88 -2.61 11.67
C VAL A 70 0.05 -2.08 10.58
N GLY A 71 -0.48 -1.21 9.72
CA GLY A 71 0.33 -0.64 8.66
C GLY A 71 1.11 0.58 9.11
N HIS A 72 0.39 1.57 9.63
CA HIS A 72 0.99 2.80 10.13
C HIS A 72 1.53 3.67 8.99
N LEU A 73 0.63 4.11 8.11
CA LEU A 73 1.03 4.98 7.00
C LEU A 73 0.00 6.08 6.81
N ARG A 74 0.29 7.00 5.89
CA ARG A 74 -0.63 8.11 5.62
C ARG A 74 -0.68 8.42 4.14
N ALA A 75 -1.70 9.18 3.75
CA ALA A 75 -1.88 9.57 2.35
C ALA A 75 -0.64 10.28 1.83
N GLY A 76 -0.09 9.75 0.76
CA GLY A 76 1.11 10.35 0.17
C GLY A 76 2.23 9.34 0.06
N ASP A 77 2.20 8.32 0.92
CA ASP A 77 3.22 7.28 0.91
C ASP A 77 3.24 6.55 -0.42
N GLU A 78 4.43 6.19 -0.89
CA GLU A 78 4.57 5.51 -2.16
C GLU A 78 4.80 4.01 -1.96
N VAL A 79 3.79 3.21 -2.27
CA VAL A 79 3.89 1.76 -2.14
C VAL A 79 4.41 1.14 -3.43
N LEU A 80 5.70 0.84 -3.47
CA LEU A 80 6.30 0.25 -4.66
C LEU A 80 6.06 -1.27 -4.70
N GLU A 81 5.36 -1.79 -3.69
CA GLU A 81 5.08 -3.21 -3.63
C GLU A 81 3.69 -3.50 -3.09
N TRP A 82 2.91 -4.28 -3.85
CA TRP A 82 1.57 -4.64 -3.44
C TRP A 82 1.35 -6.15 -3.57
N ASN A 83 1.19 -6.82 -2.44
CA ASN A 83 0.99 -8.27 -2.45
C ASN A 83 2.25 -8.98 -2.92
N GLY A 84 3.40 -8.45 -2.53
CA GLY A 84 4.67 -9.04 -2.91
C GLY A 84 5.02 -8.87 -4.38
N LYS A 85 4.36 -7.93 -5.05
CA LYS A 85 4.62 -7.69 -6.46
C LYS A 85 5.27 -6.33 -6.67
N PRO A 86 6.12 -6.20 -7.71
CA PRO A 86 6.76 -4.93 -8.00
C PRO A 86 5.84 -4.04 -8.82
N LEU A 87 5.51 -2.88 -8.26
CA LEU A 87 4.64 -1.92 -8.91
C LEU A 87 5.41 -0.95 -9.80
N PRO A 88 6.61 -0.49 -9.39
CA PRO A 88 7.41 0.45 -10.18
C PRO A 88 7.38 0.14 -11.67
N GLY A 89 6.76 1.03 -12.43
CA GLY A 89 6.66 0.85 -13.87
C GLY A 89 5.25 0.52 -14.32
N ALA A 90 4.37 0.21 -13.37
CA ALA A 90 3.00 -0.12 -13.69
C ALA A 90 2.09 1.11 -13.59
N THR A 91 1.18 1.25 -14.54
CA THR A 91 0.26 2.37 -14.57
C THR A 91 -1.00 2.07 -13.76
N ASN A 92 -1.95 3.00 -13.77
CA ASN A 92 -3.20 2.82 -13.03
C ASN A 92 -3.86 1.48 -13.36
N GLU A 93 -3.87 1.13 -14.64
CA GLU A 93 -4.48 -0.11 -15.09
C GLU A 93 -3.70 -1.32 -14.57
N GLU A 94 -2.38 -1.19 -14.51
CA GLU A 94 -1.54 -2.26 -14.02
C GLU A 94 -1.89 -2.54 -12.57
N VAL A 95 -1.68 -1.54 -11.72
CA VAL A 95 -1.99 -1.64 -10.30
C VAL A 95 -3.37 -2.27 -10.09
N TYR A 96 -4.35 -1.82 -10.88
CA TYR A 96 -5.70 -2.34 -10.79
C TYR A 96 -5.70 -3.87 -10.76
N ASN A 97 -4.89 -4.47 -11.62
CA ASN A 97 -4.79 -5.92 -11.69
C ASN A 97 -4.16 -6.49 -10.42
N ILE A 98 -3.10 -5.84 -9.95
CA ILE A 98 -2.42 -6.27 -8.74
C ILE A 98 -3.33 -6.14 -7.51
N ILE A 99 -3.97 -4.99 -7.37
CA ILE A 99 -4.87 -4.76 -6.24
C ILE A 99 -5.99 -5.78 -6.22
N LEU A 100 -6.84 -5.73 -7.24
CA LEU A 100 -7.97 -6.66 -7.34
C LEU A 100 -7.54 -8.10 -7.03
N GLU A 101 -6.47 -8.53 -7.69
CA GLU A 101 -5.96 -9.87 -7.49
C GLU A 101 -5.50 -10.09 -6.05
N SER A 102 -5.19 -9.00 -5.35
CA SER A 102 -4.74 -9.07 -3.98
C SER A 102 -5.84 -8.72 -2.98
N LYS A 103 -6.94 -8.14 -3.47
CA LYS A 103 -8.04 -7.77 -2.60
C LYS A 103 -8.86 -9.00 -2.18
N SER A 104 -8.64 -10.11 -2.87
CA SER A 104 -9.36 -11.35 -2.58
C SER A 104 -8.56 -12.23 -1.62
N GLU A 105 -7.28 -11.94 -1.47
CA GLU A 105 -6.42 -12.71 -0.58
C GLU A 105 -6.65 -12.32 0.88
N PRO A 106 -6.76 -13.30 1.78
CA PRO A 106 -6.99 -13.05 3.21
C PRO A 106 -5.90 -12.17 3.83
N GLN A 107 -4.76 -12.08 3.16
CA GLN A 107 -3.65 -11.26 3.66
C GLN A 107 -2.98 -10.49 2.52
N VAL A 108 -2.35 -9.37 2.87
CA VAL A 108 -1.68 -8.54 1.89
C VAL A 108 -0.32 -8.06 2.41
N GLU A 109 0.62 -7.88 1.50
CA GLU A 109 1.96 -7.41 1.85
C GLU A 109 2.34 -6.23 0.98
N ILE A 110 2.40 -5.04 1.58
CA ILE A 110 2.73 -3.83 0.85
C ILE A 110 3.98 -3.16 1.42
N ILE A 111 4.83 -2.69 0.51
CA ILE A 111 6.07 -2.02 0.90
C ILE A 111 6.07 -0.58 0.42
N VAL A 112 6.68 0.31 1.19
CA VAL A 112 6.73 1.72 0.83
C VAL A 112 8.16 2.26 0.86
N SER A 113 8.30 3.54 0.54
CA SER A 113 9.60 4.19 0.54
C SER A 113 9.50 5.63 1.01
N ARG A 114 10.13 5.92 2.14
CA ARG A 114 10.10 7.27 2.72
C ARG A 114 11.21 8.12 2.12
N GLU B 6 -8.64 12.41 -8.21
CA GLU B 6 -9.09 11.06 -8.64
C GLU B 6 -8.29 9.97 -7.94
N GLU B 7 -9.00 9.04 -7.29
CA GLU B 7 -8.36 7.95 -6.58
C GLU B 7 -7.99 6.81 -7.54
N GLY B 8 -7.58 5.68 -6.98
CA GLY B 8 -7.20 4.56 -7.81
C GLY B 8 -7.88 3.26 -7.40
N ILE B 9 -7.58 2.78 -6.19
CA ILE B 9 -8.16 1.54 -5.71
C ILE B 9 -8.55 1.63 -4.24
N TRP B 10 -9.52 0.83 -3.85
CA TRP B 10 -9.98 0.80 -2.48
C TRP B 10 -9.25 -0.32 -1.74
N ALA B 11 -8.47 0.04 -0.73
CA ALA B 11 -7.71 -0.93 0.04
C ALA B 11 -7.65 -0.54 1.52
N HIS A 6 0.24 -7.26 14.23
CA HIS A 6 1.50 -7.46 13.45
C HIS A 6 2.19 -6.13 13.15
N PRO A 7 3.25 -5.79 13.90
CA PRO A 7 3.98 -4.53 13.69
C PRO A 7 4.77 -4.54 12.39
N VAL A 8 5.32 -3.38 12.04
CA VAL A 8 6.09 -3.23 10.82
C VAL A 8 7.52 -2.80 11.12
N THR A 9 8.44 -3.17 10.25
CA THR A 9 9.85 -2.82 10.43
C THR A 9 10.39 -2.05 9.21
N TRP A 10 11.37 -1.20 9.45
CA TRP A 10 11.97 -0.40 8.38
C TRP A 10 13.49 -0.51 8.41
N GLN A 11 14.08 -0.87 7.27
CA GLN A 11 15.52 -1.00 7.17
C GLN A 11 16.09 -0.04 6.14
N PRO A 12 17.39 0.31 6.26
CA PRO A 12 18.05 1.23 5.34
C PRO A 12 17.85 0.85 3.88
N SER A 13 17.63 1.84 3.05
CA SER A 13 17.40 1.62 1.62
C SER A 13 18.64 1.06 0.94
N LYS A 14 18.57 0.90 -0.37
CA LYS A 14 19.69 0.37 -1.14
C LYS A 14 20.91 1.28 -1.08
N GLU A 15 20.67 2.56 -0.79
CA GLU A 15 21.75 3.54 -0.70
C GLU A 15 21.99 3.95 0.75
N GLY A 16 20.96 3.84 1.58
CA GLY A 16 21.08 4.21 2.99
C GLY A 16 20.46 5.55 3.28
N ASP A 17 20.54 6.46 2.31
CA ASP A 17 19.98 7.80 2.47
C ASP A 17 18.45 7.76 2.58
N ARG A 18 17.86 6.60 2.31
CA ARG A 18 16.41 6.45 2.39
C ARG A 18 16.03 5.32 3.33
N LEU A 19 14.79 5.32 3.80
CA LEU A 19 14.32 4.28 4.72
C LEU A 19 13.20 3.46 4.09
N ILE A 20 13.44 2.16 3.93
CA ILE A 20 12.46 1.27 3.35
C ILE A 20 11.85 0.36 4.42
N GLY A 21 10.55 0.11 4.30
CA GLY A 21 9.88 -0.74 5.26
C GLY A 21 8.92 -1.72 4.61
N ARG A 22 8.54 -2.75 5.35
CA ARG A 22 7.61 -3.77 4.85
C ARG A 22 6.30 -3.72 5.63
N VAL A 23 5.19 -3.55 4.92
CA VAL A 23 3.89 -3.48 5.57
C VAL A 23 2.97 -4.58 5.10
N ILE A 24 2.36 -5.28 6.06
CA ILE A 24 1.42 -6.36 5.74
C ILE A 24 0.02 -5.98 6.17
N LEU A 25 -0.93 -6.09 5.25
CA LEU A 25 -2.31 -5.74 5.55
C LEU A 25 -3.28 -6.85 5.14
N ASN A 26 -4.22 -7.16 6.02
CA ASN A 26 -5.20 -8.21 5.76
C ASN A 26 -6.58 -7.60 5.47
N LYS A 27 -7.32 -8.21 4.57
CA LYS A 27 -8.65 -7.73 4.22
C LYS A 27 -9.74 -8.62 4.82
N ARG A 28 -9.46 -9.92 4.90
CA ARG A 28 -10.41 -10.86 5.45
C ARG A 28 -10.68 -10.61 6.93
N THR A 29 -9.68 -10.06 7.62
CA THR A 29 -9.82 -9.76 9.05
C THR A 29 -10.71 -8.55 9.26
N THR A 30 -10.56 -7.55 8.40
CA THR A 30 -11.35 -6.33 8.49
C THR A 30 -11.18 -5.66 9.86
N MET A 31 -12.03 -4.67 10.14
CA MET A 31 -11.97 -3.95 11.40
C MET A 31 -12.77 -4.70 12.48
N PRO A 32 -12.34 -4.59 13.74
CA PRO A 32 -13.02 -5.26 14.87
C PRO A 32 -14.30 -4.55 15.28
N LYS A 33 -14.38 -3.24 15.01
CA LYS A 33 -15.55 -2.45 15.37
C LYS A 33 -16.66 -2.61 14.32
N GLU A 34 -16.26 -2.77 13.07
CA GLU A 34 -17.21 -2.93 11.98
C GLU A 34 -16.49 -3.03 10.63
N SER A 35 -17.10 -3.75 9.68
CA SER A 35 -16.52 -3.92 8.36
C SER A 35 -16.29 -2.58 7.69
N GLY A 36 -15.07 -2.37 7.19
CA GLY A 36 -14.75 -1.12 6.53
C GLY A 36 -14.90 -1.21 5.02
N ALA A 37 -14.03 -1.99 4.39
CA ALA A 37 -14.09 -2.16 2.93
C ALA A 37 -13.08 -3.21 2.47
N LEU A 38 -11.80 -2.86 2.52
CA LEU A 38 -10.75 -3.77 2.12
C LEU A 38 -9.78 -4.06 3.27
N LEU A 39 -8.80 -3.19 3.46
CA LEU A 39 -7.83 -3.36 4.54
C LEU A 39 -7.86 -2.14 5.46
N GLY A 40 -7.63 -0.94 4.90
CA GLY A 40 -7.68 0.26 5.72
C GLY A 40 -6.92 1.44 5.13
N LEU A 41 -6.82 1.51 3.80
CA LEU A 41 -6.10 2.61 3.15
C LEU A 41 -6.50 2.76 1.69
N LYS A 42 -6.36 3.96 1.15
CA LYS A 42 -6.69 4.22 -0.24
C LYS A 42 -5.42 4.56 -1.02
N VAL A 43 -5.17 3.84 -2.10
CA VAL A 43 -3.99 4.06 -2.91
C VAL A 43 -4.31 4.47 -4.33
N VAL A 44 -3.36 5.16 -4.95
CA VAL A 44 -3.50 5.62 -6.32
C VAL A 44 -2.30 5.20 -7.16
N GLY A 45 -2.57 4.51 -8.26
CA GLY A 45 -1.50 4.06 -9.13
C GLY A 45 -1.51 4.76 -10.48
N GLY A 46 -0.44 4.59 -11.24
CA GLY A 46 -0.34 5.21 -12.54
C GLY A 46 -0.11 6.72 -12.46
N LYS A 47 0.47 7.16 -11.35
CA LYS A 47 0.75 8.57 -11.15
C LYS A 47 2.12 8.95 -11.70
N MET A 48 2.15 9.36 -12.97
CA MET A 48 3.40 9.73 -13.61
C MET A 48 4.09 10.86 -12.85
N THR A 49 5.27 10.58 -12.33
CA THR A 49 6.03 11.57 -11.58
C THR A 49 7.05 12.27 -12.47
N ASP A 50 7.84 13.16 -11.88
CA ASP A 50 8.85 13.90 -12.63
C ASP A 50 10.03 13.00 -13.01
N LEU A 51 10.06 11.78 -12.45
CA LEU A 51 11.13 10.84 -12.73
C LEU A 51 10.76 9.92 -13.90
N GLY A 52 9.68 10.24 -14.61
CA GLY A 52 9.26 9.44 -15.74
C GLY A 52 8.98 7.99 -15.34
N ARG A 53 8.43 7.80 -14.15
CA ARG A 53 8.11 6.46 -13.66
C ARG A 53 6.77 6.45 -12.94
N LEU A 54 5.99 5.39 -13.17
CA LEU A 54 4.69 5.26 -12.54
C LEU A 54 4.80 4.57 -11.18
N GLY A 55 3.97 5.00 -10.24
CA GLY A 55 4.00 4.43 -8.91
C GLY A 55 2.64 4.47 -8.23
N ALA A 56 2.63 4.22 -6.93
CA ALA A 56 1.38 4.24 -6.15
C ALA A 56 1.47 5.22 -5.00
N PHE A 57 0.37 5.92 -4.71
CA PHE A 57 0.33 6.89 -3.63
C PHE A 57 -0.95 6.77 -2.81
N ILE A 58 -0.83 6.81 -1.50
CA ILE A 58 -1.98 6.71 -0.62
C ILE A 58 -2.77 8.02 -0.57
N THR A 59 -4.03 7.95 -0.96
CA THR A 59 -4.89 9.14 -0.97
C THR A 59 -5.50 9.41 0.41
N LYS A 60 -5.74 8.35 1.17
CA LYS A 60 -6.32 8.51 2.51
C LYS A 60 -6.31 7.20 3.30
N VAL A 61 -6.17 7.33 4.62
CA VAL A 61 -6.15 6.19 5.51
C VAL A 61 -7.29 6.26 6.53
N LYS A 62 -7.93 5.14 6.78
CA LYS A 62 -9.03 5.09 7.75
C LYS A 62 -8.50 4.97 9.16
N LYS A 63 -8.58 6.06 9.92
CA LYS A 63 -8.10 6.09 11.29
C LYS A 63 -8.77 5.00 12.13
N GLY A 64 -8.03 3.91 12.36
CA GLY A 64 -8.57 2.82 13.14
C GLY A 64 -8.55 1.50 12.38
N SER A 65 -8.51 1.59 11.06
CA SER A 65 -8.48 0.39 10.22
C SER A 65 -7.16 -0.34 10.36
N LEU A 66 -7.07 -1.52 9.75
CA LEU A 66 -5.87 -2.33 9.80
C LEU A 66 -4.65 -1.56 9.31
N ALA A 67 -4.77 -1.01 8.11
CA ALA A 67 -3.68 -0.23 7.50
C ALA A 67 -3.09 0.77 8.48
N ASP A 68 -3.90 1.24 9.41
CA ASP A 68 -3.44 2.21 10.39
C ASP A 68 -2.80 1.56 11.60
N VAL A 69 -3.47 0.56 12.16
CA VAL A 69 -2.98 -0.15 13.34
C VAL A 69 -1.84 -1.12 12.99
N VAL A 70 -2.05 -1.95 11.98
CA VAL A 70 -1.04 -2.92 11.57
C VAL A 70 -0.09 -2.34 10.53
N GLY A 71 -0.59 -1.40 9.73
CA GLY A 71 0.23 -0.78 8.71
C GLY A 71 0.97 0.44 9.22
N HIS A 72 0.23 1.41 9.74
CA HIS A 72 0.81 2.63 10.28
C HIS A 72 1.37 3.52 9.18
N LEU A 73 0.52 3.91 8.23
CA LEU A 73 0.95 4.79 7.14
C LEU A 73 -0.06 5.92 6.96
N ARG A 74 0.26 6.85 6.06
CA ARG A 74 -0.62 7.99 5.80
C ARG A 74 -0.66 8.32 4.33
N ALA A 75 -1.68 9.09 3.93
CA ALA A 75 -1.83 9.50 2.55
C ALA A 75 -0.61 10.25 2.06
N GLY A 76 -0.03 9.78 0.96
CA GLY A 76 1.15 10.42 0.41
C GLY A 76 2.30 9.45 0.26
N ASP A 77 2.28 8.39 1.07
CA ASP A 77 3.33 7.38 1.03
C ASP A 77 3.37 6.71 -0.34
N GLU A 78 4.57 6.40 -0.80
CA GLU A 78 4.74 5.76 -2.10
C GLU A 78 4.98 4.27 -1.95
N VAL A 79 3.96 3.47 -2.28
CA VAL A 79 4.06 2.02 -2.18
C VAL A 79 4.59 1.45 -3.49
N LEU A 80 5.88 1.09 -3.49
CA LEU A 80 6.50 0.52 -4.68
C LEU A 80 6.26 -0.99 -4.77
N GLU A 81 5.49 -1.52 -3.82
CA GLU A 81 5.21 -2.95 -3.80
C GLU A 81 3.80 -3.24 -3.28
N TRP A 82 3.05 -4.03 -4.04
CA TRP A 82 1.69 -4.39 -3.66
C TRP A 82 1.50 -5.90 -3.79
N ASN A 83 1.28 -6.57 -2.66
CA ASN A 83 1.08 -8.02 -2.66
C ASN A 83 2.37 -8.74 -3.02
N GLY A 84 3.50 -8.19 -2.57
CA GLY A 84 4.79 -8.79 -2.85
C GLY A 84 5.23 -8.66 -4.30
N LYS A 85 4.64 -7.72 -5.02
CA LYS A 85 5.00 -7.52 -6.43
C LYS A 85 5.57 -6.13 -6.64
N PRO A 86 6.46 -5.97 -7.63
CA PRO A 86 7.03 -4.67 -7.93
C PRO A 86 6.06 -3.84 -8.77
N LEU A 87 5.66 -2.70 -8.23
CA LEU A 87 4.73 -1.80 -8.90
C LEU A 87 5.46 -0.84 -9.86
N PRO A 88 6.65 -0.33 -9.48
CA PRO A 88 7.40 0.60 -10.34
C PRO A 88 7.35 0.21 -11.81
N GLY A 89 6.75 1.07 -12.62
CA GLY A 89 6.65 0.81 -14.04
C GLY A 89 5.23 0.44 -14.45
N ALA A 90 4.40 0.09 -13.46
CA ALA A 90 3.02 -0.29 -13.73
C ALA A 90 2.09 0.92 -13.63
N THR A 91 1.15 1.01 -14.56
CA THR A 91 0.19 2.11 -14.57
C THR A 91 -1.03 1.77 -13.73
N ASN A 92 -1.99 2.70 -13.69
CA ASN A 92 -3.21 2.50 -12.92
C ASN A 92 -3.90 1.19 -13.30
N GLU A 93 -3.93 0.90 -14.60
CA GLU A 93 -4.56 -0.32 -15.09
C GLU A 93 -3.81 -1.55 -14.61
N GLU A 94 -2.49 -1.44 -14.56
CA GLU A 94 -1.66 -2.56 -14.09
C GLU A 94 -1.98 -2.87 -12.64
N VAL A 95 -1.76 -1.89 -11.78
CA VAL A 95 -2.04 -2.02 -10.36
C VAL A 95 -3.48 -2.48 -10.14
N TYR A 96 -4.40 -1.92 -10.91
CA TYR A 96 -5.81 -2.27 -10.82
C TYR A 96 -6.00 -3.78 -10.80
N ASN A 97 -5.38 -4.45 -11.75
CA ASN A 97 -5.47 -5.90 -11.85
C ASN A 97 -4.73 -6.58 -10.71
N ILE A 98 -3.61 -5.99 -10.30
CA ILE A 98 -2.81 -6.53 -9.22
C ILE A 98 -3.58 -6.49 -7.90
N ILE A 99 -3.88 -5.28 -7.41
CA ILE A 99 -4.61 -5.12 -6.16
C ILE A 99 -5.85 -5.99 -6.15
N LEU A 100 -6.66 -5.90 -7.20
CA LEU A 100 -7.88 -6.69 -7.31
C LEU A 100 -7.57 -8.17 -7.11
N GLU A 101 -6.56 -8.64 -7.85
CA GLU A 101 -6.16 -10.03 -7.77
C GLU A 101 -5.77 -10.39 -6.33
N SER A 102 -5.32 -9.39 -5.58
CA SER A 102 -4.92 -9.58 -4.19
C SER A 102 -6.11 -9.42 -3.24
N LYS A 103 -7.23 -8.92 -3.76
CA LYS A 103 -8.41 -8.73 -2.94
C LYS A 103 -8.96 -10.07 -2.45
N SER A 104 -8.71 -11.12 -3.23
CA SER A 104 -9.16 -12.46 -2.88
C SER A 104 -8.33 -13.06 -1.76
N GLU A 105 -7.11 -12.54 -1.57
CA GLU A 105 -6.22 -13.03 -0.54
C GLU A 105 -6.53 -12.37 0.80
N PRO A 106 -6.54 -13.14 1.90
CA PRO A 106 -6.82 -12.62 3.24
C PRO A 106 -5.67 -11.79 3.80
N GLN A 107 -4.55 -11.79 3.08
CA GLN A 107 -3.38 -11.04 3.52
C GLN A 107 -2.71 -10.32 2.35
N VAL A 108 -2.07 -9.20 2.64
CA VAL A 108 -1.40 -8.42 1.62
C VAL A 108 -0.06 -7.88 2.14
N GLU A 109 0.91 -7.79 1.25
CA GLU A 109 2.23 -7.29 1.61
C GLU A 109 2.59 -6.07 0.77
N ILE A 110 2.59 -4.89 1.38
CA ILE A 110 2.90 -3.65 0.67
C ILE A 110 4.15 -2.99 1.23
N ILE A 111 5.00 -2.50 0.33
CA ILE A 111 6.23 -1.83 0.74
C ILE A 111 6.22 -0.38 0.29
N VAL A 112 6.81 0.49 1.12
CA VAL A 112 6.86 1.91 0.81
C VAL A 112 8.27 2.46 0.90
N SER A 113 8.42 3.74 0.59
CA SER A 113 9.72 4.40 0.64
C SER A 113 9.59 5.86 1.03
N ARG A 114 10.47 6.32 1.92
CA ARG A 114 10.44 7.70 2.38
C ARG A 114 11.66 8.46 1.87
N GLU B 6 -8.55 12.84 -6.53
CA GLU B 6 -8.31 11.81 -7.58
C GLU B 6 -7.82 10.50 -6.97
N GLU B 7 -8.75 9.62 -6.66
CA GLU B 7 -8.41 8.33 -6.07
C GLU B 7 -8.09 7.30 -7.16
N GLY B 8 -7.55 6.16 -6.74
CA GLY B 8 -7.20 5.12 -7.69
C GLY B 8 -7.90 3.81 -7.40
N ILE B 9 -7.59 3.21 -6.26
CA ILE B 9 -8.19 1.94 -5.87
C ILE B 9 -8.51 1.90 -4.39
N TRP B 10 -9.44 1.04 -4.03
CA TRP B 10 -9.83 0.87 -2.63
C TRP B 10 -9.02 -0.25 -2.01
N ALA B 11 -8.30 0.07 -0.94
CA ALA B 11 -7.47 -0.90 -0.25
C ALA B 11 -7.43 -0.63 1.24
N HIS A 6 0.59 -7.64 12.99
CA HIS A 6 1.94 -7.45 13.58
C HIS A 6 2.51 -6.08 13.19
N PRO A 7 3.48 -5.57 13.97
CA PRO A 7 4.11 -4.27 13.71
C PRO A 7 4.97 -4.29 12.44
N VAL A 8 5.42 -3.13 12.04
CA VAL A 8 6.25 -3.00 10.84
C VAL A 8 7.68 -2.56 11.19
N THR A 9 8.63 -2.95 10.36
CA THR A 9 10.03 -2.61 10.58
C THR A 9 10.57 -1.78 9.41
N TRP A 10 11.55 -0.94 9.70
CA TRP A 10 12.16 -0.08 8.69
C TRP A 10 13.69 -0.16 8.76
N GLN A 11 14.32 -0.22 7.58
CA GLN A 11 15.78 -0.30 7.52
C GLN A 11 16.34 0.81 6.62
N PRO A 12 17.59 1.22 6.85
CA PRO A 12 18.25 2.28 6.06
C PRO A 12 18.61 1.81 4.66
N SER A 13 18.20 2.59 3.67
CA SER A 13 18.47 2.27 2.27
C SER A 13 19.63 3.09 1.72
N LYS A 14 20.40 2.49 0.82
CA LYS A 14 21.55 3.16 0.21
C LYS A 14 21.12 4.07 -0.94
N GLU A 15 19.84 3.99 -1.33
CA GLU A 15 19.31 4.80 -2.42
C GLU A 15 19.22 6.29 -2.07
N GLY A 16 19.93 6.72 -1.04
CA GLY A 16 19.91 8.12 -0.66
C GLY A 16 19.54 8.34 0.80
N ASP A 17 19.81 7.34 1.63
CA ASP A 17 19.49 7.42 3.05
C ASP A 17 17.98 7.48 3.26
N ARG A 18 17.32 6.34 3.08
CA ARG A 18 15.88 6.25 3.25
C ARG A 18 15.51 5.06 4.13
N LEU A 19 14.26 5.01 4.56
CA LEU A 19 13.81 3.91 5.41
C LEU A 19 12.75 3.07 4.70
N ILE A 20 13.11 1.81 4.43
CA ILE A 20 12.20 0.89 3.76
C ILE A 20 11.63 -0.12 4.76
N GLY A 21 10.33 -0.39 4.65
CA GLY A 21 9.69 -1.33 5.57
C GLY A 21 8.72 -2.26 4.87
N ARG A 22 8.39 -3.35 5.55
CA ARG A 22 7.44 -4.32 5.02
C ARG A 22 6.11 -4.22 5.74
N VAL A 23 5.05 -3.92 5.02
CA VAL A 23 3.74 -3.79 5.63
C VAL A 23 2.79 -4.89 5.17
N ILE A 24 2.28 -5.65 6.11
CA ILE A 24 1.35 -6.73 5.80
C ILE A 24 -0.04 -6.39 6.34
N LEU A 25 -1.02 -6.39 5.43
CA LEU A 25 -2.40 -6.07 5.82
C LEU A 25 -3.34 -7.23 5.52
N ASN A 26 -4.41 -7.32 6.30
CA ASN A 26 -5.41 -8.37 6.13
C ASN A 26 -6.79 -7.76 5.92
N LYS A 27 -7.45 -8.15 4.84
CA LYS A 27 -8.79 -7.64 4.53
C LYS A 27 -9.86 -8.46 5.24
N ARG A 28 -9.74 -8.57 6.56
CA ARG A 28 -10.70 -9.32 7.35
C ARG A 28 -11.98 -8.52 7.57
N THR A 29 -11.89 -7.20 7.43
CA THR A 29 -13.03 -6.32 7.62
C THR A 29 -13.64 -6.50 9.01
N THR A 30 -12.79 -6.80 9.99
CA THR A 30 -13.24 -7.00 11.36
C THR A 30 -12.61 -5.97 12.29
N MET A 31 -12.68 -4.70 11.91
CA MET A 31 -12.12 -3.62 12.70
C MET A 31 -12.78 -3.56 14.08
N PRO A 32 -12.01 -3.19 15.12
CA PRO A 32 -12.52 -3.10 16.48
C PRO A 32 -13.57 -1.99 16.64
N LYS A 33 -13.63 -1.11 15.65
CA LYS A 33 -14.58 0.00 15.67
C LYS A 33 -15.91 -0.41 15.05
N GLU A 34 -15.86 -0.90 13.81
CA GLU A 34 -17.06 -1.32 13.10
C GLU A 34 -16.79 -2.56 12.26
N SER A 35 -16.22 -2.35 11.08
CA SER A 35 -15.92 -3.46 10.17
C SER A 35 -14.90 -3.03 9.11
N GLY A 36 -15.08 -1.83 8.56
CA GLY A 36 -14.17 -1.33 7.56
C GLY A 36 -14.67 -1.57 6.15
N ALA A 37 -13.75 -1.88 5.25
CA ALA A 37 -14.10 -2.14 3.85
C ALA A 37 -13.07 -3.05 3.19
N LEU A 38 -11.83 -2.58 3.13
CA LEU A 38 -10.75 -3.35 2.52
C LEU A 38 -9.68 -3.70 3.56
N LEU A 39 -8.65 -2.86 3.70
CA LEU A 39 -7.59 -3.12 4.68
C LEU A 39 -7.43 -1.93 5.63
N GLY A 40 -7.45 -0.71 5.10
CA GLY A 40 -7.31 0.46 5.96
C GLY A 40 -6.71 1.69 5.29
N LEU A 41 -6.59 1.69 3.97
CA LEU A 41 -6.02 2.84 3.27
C LEU A 41 -6.39 2.85 1.78
N LYS A 42 -6.48 4.05 1.22
CA LYS A 42 -6.81 4.20 -0.20
C LYS A 42 -5.54 4.46 -0.98
N VAL A 43 -5.31 3.71 -2.06
CA VAL A 43 -4.10 3.88 -2.86
C VAL A 43 -4.43 4.12 -4.33
N VAL A 44 -3.50 4.79 -5.00
CA VAL A 44 -3.64 5.10 -6.40
C VAL A 44 -2.61 4.33 -7.24
N GLY A 45 -2.89 4.18 -8.53
CA GLY A 45 -1.97 3.46 -9.40
C GLY A 45 -1.64 4.25 -10.66
N GLY A 46 -0.40 4.17 -11.09
CA GLY A 46 0.02 4.88 -12.29
C GLY A 46 0.41 6.32 -12.01
N LYS A 47 1.29 6.51 -11.03
CA LYS A 47 1.74 7.85 -10.67
C LYS A 47 3.17 8.09 -11.16
N MET A 48 3.29 8.60 -12.37
CA MET A 48 4.60 8.88 -12.96
C MET A 48 5.38 9.87 -12.09
N THR A 49 6.51 9.40 -11.55
CA THR A 49 7.35 10.23 -10.71
C THR A 49 8.40 10.96 -11.55
N ASP A 50 9.30 11.67 -10.87
CA ASP A 50 10.36 12.42 -11.55
C ASP A 50 11.45 11.49 -12.08
N LEU A 51 11.41 10.22 -11.66
CA LEU A 51 12.40 9.25 -12.09
C LEU A 51 12.08 8.74 -13.50
N GLY A 52 10.79 8.62 -13.81
CA GLY A 52 10.38 8.14 -15.11
C GLY A 52 9.66 6.81 -15.04
N ARG A 53 9.16 6.47 -13.86
CA ARG A 53 8.44 5.21 -13.66
C ARG A 53 7.14 5.44 -12.91
N LEU A 54 6.20 4.51 -13.07
CA LEU A 54 4.90 4.62 -12.40
C LEU A 54 4.93 3.89 -11.06
N GLY A 55 4.09 4.34 -10.13
CA GLY A 55 4.03 3.73 -8.82
C GLY A 55 2.67 3.87 -8.17
N ALA A 56 2.61 3.64 -6.87
CA ALA A 56 1.37 3.74 -6.12
C ALA A 56 1.49 4.75 -4.97
N PHE A 57 0.41 5.45 -4.69
CA PHE A 57 0.39 6.44 -3.61
C PHE A 57 -0.91 6.35 -2.82
N ILE A 58 -0.81 6.51 -1.51
CA ILE A 58 -1.99 6.44 -0.64
C ILE A 58 -2.71 7.78 -0.58
N THR A 59 -3.97 7.78 -1.00
CA THR A 59 -4.78 9.00 -1.00
C THR A 59 -5.34 9.31 0.38
N LYS A 60 -5.62 8.27 1.17
CA LYS A 60 -6.16 8.46 2.51
C LYS A 60 -6.11 7.17 3.33
N VAL A 61 -6.03 7.32 4.66
CA VAL A 61 -5.98 6.18 5.56
C VAL A 61 -7.11 6.24 6.58
N LYS A 62 -7.76 5.10 6.81
CA LYS A 62 -8.85 5.03 7.76
C LYS A 62 -8.33 4.95 9.19
N LYS A 63 -8.44 6.05 9.93
CA LYS A 63 -7.98 6.10 11.31
C LYS A 63 -8.65 5.01 12.16
N GLY A 64 -7.92 3.93 12.40
CA GLY A 64 -8.46 2.84 13.19
C GLY A 64 -8.43 1.52 12.44
N SER A 65 -8.38 1.59 11.12
CA SER A 65 -8.36 0.38 10.29
C SER A 65 -7.03 -0.36 10.45
N LEU A 66 -6.94 -1.54 9.87
CA LEU A 66 -5.74 -2.35 9.95
C LEU A 66 -4.53 -1.60 9.39
N ALA A 67 -4.69 -1.09 8.18
CA ALA A 67 -3.63 -0.34 7.51
C ALA A 67 -3.00 0.71 8.43
N ASP A 68 -3.79 1.21 9.37
CA ASP A 68 -3.31 2.23 10.30
C ASP A 68 -2.70 1.61 11.56
N VAL A 69 -3.43 0.68 12.17
CA VAL A 69 -2.97 0.02 13.39
C VAL A 69 -1.84 -0.98 13.12
N VAL A 70 -2.00 -1.80 12.09
CA VAL A 70 -0.98 -2.79 11.76
C VAL A 70 -0.06 -2.30 10.64
N GLY A 71 -0.59 -1.47 9.75
CA GLY A 71 0.20 -0.95 8.65
C GLY A 71 1.05 0.24 9.08
N HIS A 72 0.40 1.25 9.64
CA HIS A 72 1.09 2.45 10.11
C HIS A 72 1.61 3.30 8.96
N LEU A 73 0.71 3.84 8.16
CA LEU A 73 1.09 4.69 7.03
C LEU A 73 0.08 5.83 6.89
N ARG A 74 0.38 6.76 6.00
CA ARG A 74 -0.50 7.91 5.78
C ARG A 74 -0.56 8.28 4.31
N ALA A 75 -1.59 9.05 3.94
CA ALA A 75 -1.77 9.48 2.57
C ALA A 75 -0.54 10.20 2.06
N GLY A 76 0.03 9.72 0.96
CA GLY A 76 1.21 10.33 0.39
C GLY A 76 2.35 9.32 0.26
N ASP A 77 2.30 8.27 1.07
CA ASP A 77 3.32 7.23 1.02
C ASP A 77 3.32 6.52 -0.32
N GLU A 78 4.50 6.15 -0.80
CA GLU A 78 4.62 5.46 -2.08
C GLU A 78 4.86 3.97 -1.88
N VAL A 79 3.89 3.17 -2.31
CA VAL A 79 4.00 1.71 -2.18
C VAL A 79 4.57 1.11 -3.46
N LEU A 80 5.84 0.71 -3.41
CA LEU A 80 6.49 0.11 -4.57
C LEU A 80 6.19 -1.38 -4.66
N GLU A 81 5.39 -1.90 -3.73
CA GLU A 81 5.05 -3.31 -3.71
C GLU A 81 3.64 -3.54 -3.18
N TRP A 82 2.84 -4.28 -3.94
CA TRP A 82 1.47 -4.59 -3.56
C TRP A 82 1.20 -6.08 -3.71
N ASN A 83 0.98 -6.76 -2.60
CA ASN A 83 0.71 -8.20 -2.62
C ASN A 83 1.96 -8.97 -3.08
N GLY A 84 3.12 -8.50 -2.63
CA GLY A 84 4.37 -9.14 -2.99
C GLY A 84 4.73 -8.98 -4.45
N LYS A 85 4.10 -8.03 -5.14
CA LYS A 85 4.37 -7.80 -6.55
C LYS A 85 5.04 -6.45 -6.76
N PRO A 86 5.92 -6.34 -7.76
CA PRO A 86 6.57 -5.08 -8.06
C PRO A 86 5.66 -4.17 -8.89
N LEU A 87 5.35 -3.02 -8.32
CA LEU A 87 4.48 -2.05 -8.98
C LEU A 87 5.26 -1.07 -9.87
N PRO A 88 6.48 -0.66 -9.46
CA PRO A 88 7.29 0.28 -10.25
C PRO A 88 7.23 -0.01 -11.75
N GLY A 89 6.65 0.92 -12.49
CA GLY A 89 6.53 0.76 -13.93
C GLY A 89 5.11 0.42 -14.37
N ALA A 90 4.27 0.05 -13.40
CA ALA A 90 2.88 -0.30 -13.69
C ALA A 90 1.98 0.93 -13.61
N THR A 91 1.06 1.04 -14.57
CA THR A 91 0.14 2.17 -14.62
C THR A 91 -1.12 1.87 -13.81
N ASN A 92 -2.03 2.83 -13.76
CA ASN A 92 -3.28 2.68 -13.03
C ASN A 92 -3.97 1.36 -13.37
N GLU A 93 -4.04 1.05 -14.65
CA GLU A 93 -4.68 -0.18 -15.11
C GLU A 93 -3.92 -1.40 -14.60
N GLU A 94 -2.60 -1.32 -14.58
CA GLU A 94 -1.78 -2.42 -14.10
C GLU A 94 -2.10 -2.69 -12.63
N VAL A 95 -1.87 -1.68 -11.80
CA VAL A 95 -2.14 -1.78 -10.37
C VAL A 95 -3.54 -2.34 -10.13
N TYR A 96 -4.51 -1.85 -10.89
CA TYR A 96 -5.90 -2.30 -10.77
C TYR A 96 -5.96 -3.82 -10.73
N ASN A 97 -5.23 -4.46 -11.63
CA ASN A 97 -5.19 -5.92 -11.69
C ASN A 97 -4.47 -6.50 -10.49
N ILE A 98 -3.38 -5.87 -10.09
CA ILE A 98 -2.60 -6.33 -8.94
C ILE A 98 -3.43 -6.31 -7.67
N ILE A 99 -3.81 -5.11 -7.23
CA ILE A 99 -4.59 -4.95 -6.01
C ILE A 99 -5.85 -5.82 -6.03
N LEU A 100 -6.65 -5.69 -7.10
CA LEU A 100 -7.87 -6.47 -7.22
C LEU A 100 -7.58 -7.96 -7.06
N GLU A 101 -6.60 -8.44 -7.80
CA GLU A 101 -6.22 -9.84 -7.74
C GLU A 101 -5.88 -10.25 -6.31
N SER A 102 -5.46 -9.27 -5.50
CA SER A 102 -5.10 -9.53 -4.11
C SER A 102 -6.28 -9.27 -3.17
N LYS A 103 -7.34 -8.65 -3.70
CA LYS A 103 -8.52 -8.35 -2.89
C LYS A 103 -9.15 -9.63 -2.38
N SER A 104 -8.94 -10.74 -3.09
CA SER A 104 -9.50 -12.03 -2.71
C SER A 104 -8.60 -12.73 -1.69
N GLU A 105 -7.35 -12.28 -1.57
CA GLU A 105 -6.42 -12.88 -0.62
C GLU A 105 -6.65 -12.32 0.79
N PRO A 106 -6.84 -13.22 1.78
CA PRO A 106 -7.06 -12.81 3.16
C PRO A 106 -5.92 -11.97 3.73
N GLN A 107 -4.78 -11.98 3.04
CA GLN A 107 -3.62 -11.21 3.49
C GLN A 107 -2.93 -10.49 2.33
N VAL A 108 -2.27 -9.39 2.64
CA VAL A 108 -1.56 -8.61 1.63
C VAL A 108 -0.23 -8.09 2.16
N GLU A 109 0.77 -8.05 1.30
CA GLU A 109 2.09 -7.56 1.66
C GLU A 109 2.45 -6.33 0.84
N ILE A 110 2.45 -5.17 1.49
CA ILE A 110 2.77 -3.93 0.79
C ILE A 110 4.02 -3.27 1.36
N ILE A 111 4.86 -2.75 0.48
CA ILE A 111 6.08 -2.09 0.87
C ILE A 111 6.09 -0.64 0.43
N VAL A 112 6.72 0.23 1.21
CA VAL A 112 6.77 1.64 0.88
C VAL A 112 8.19 2.18 0.99
N SER A 113 8.35 3.47 0.69
CA SER A 113 9.65 4.12 0.75
C SER A 113 9.50 5.57 1.23
N ARG A 114 9.86 5.80 2.49
CA ARG A 114 9.78 7.14 3.07
C ARG A 114 11.02 7.97 2.73
N GLU B 6 -8.84 12.73 -6.15
CA GLU B 6 -8.05 11.88 -7.09
C GLU B 6 -7.61 10.58 -6.42
N GLU B 7 -8.39 9.53 -6.65
CA GLU B 7 -8.08 8.22 -6.07
C GLU B 7 -7.87 7.18 -7.17
N GLY B 8 -7.57 5.95 -6.77
CA GLY B 8 -7.35 4.89 -7.73
C GLY B 8 -8.08 3.62 -7.36
N ILE B 9 -7.83 3.12 -6.15
CA ILE B 9 -8.47 1.90 -5.68
C ILE B 9 -8.74 1.95 -4.18
N TRP B 10 -9.69 1.13 -3.74
CA TRP B 10 -10.04 1.09 -2.33
C TRP B 10 -9.26 0.00 -1.61
N ALA B 11 -8.57 0.38 -0.54
CA ALA B 11 -7.78 -0.55 0.25
C ALA B 11 -7.86 -0.19 1.73
N HIS A 6 0.90 -8.68 12.11
CA HIS A 6 2.22 -8.48 12.76
C HIS A 6 2.71 -7.04 12.60
N PRO A 7 3.64 -6.61 13.46
CA PRO A 7 4.19 -5.25 13.42
C PRO A 7 4.96 -4.99 12.13
N VAL A 8 5.34 -3.73 11.93
CA VAL A 8 6.08 -3.33 10.75
C VAL A 8 7.50 -2.90 11.10
N THR A 9 8.42 -3.11 10.15
CA THR A 9 9.81 -2.74 10.35
C THR A 9 10.37 -2.01 9.13
N TRP A 10 11.39 -1.20 9.37
CA TRP A 10 12.02 -0.44 8.29
C TRP A 10 13.53 -0.61 8.31
N GLN A 11 14.09 -1.06 7.18
CA GLN A 11 15.53 -1.27 7.06
C GLN A 11 16.13 -0.33 6.02
N PRO A 12 17.44 -0.06 6.13
CA PRO A 12 18.15 0.82 5.20
C PRO A 12 17.95 0.40 3.75
N SER A 13 17.58 1.36 2.90
CA SER A 13 17.37 1.09 1.49
C SER A 13 18.63 0.58 0.82
N LYS A 14 18.55 0.35 -0.49
CA LYS A 14 19.69 -0.15 -1.25
C LYS A 14 20.65 0.98 -1.62
N GLU A 15 20.25 2.23 -1.37
CA GLU A 15 21.09 3.38 -1.68
C GLU A 15 21.81 3.88 -0.43
N GLY A 16 21.39 3.40 0.74
CA GLY A 16 22.01 3.83 1.97
C GLY A 16 21.59 5.22 2.41
N ASP A 17 20.67 5.82 1.66
CA ASP A 17 20.19 7.16 1.98
C ASP A 17 18.66 7.19 2.12
N ARG A 18 18.04 6.02 2.00
CA ARG A 18 16.58 5.92 2.12
C ARG A 18 16.19 4.85 3.13
N LEU A 19 14.96 4.93 3.63
CA LEU A 19 14.46 3.98 4.60
C LEU A 19 13.25 3.22 4.05
N ILE A 20 13.41 1.92 3.87
CA ILE A 20 12.34 1.08 3.36
C ILE A 20 11.73 0.20 4.45
N GLY A 21 10.43 -0.05 4.34
CA GLY A 21 9.76 -0.86 5.34
C GLY A 21 8.78 -1.84 4.70
N ARG A 22 8.38 -2.85 5.45
CA ARG A 22 7.44 -3.86 4.95
C ARG A 22 6.16 -3.84 5.76
N VAL A 23 5.02 -3.68 5.09
CA VAL A 23 3.74 -3.65 5.76
C VAL A 23 2.84 -4.80 5.35
N ILE A 24 2.34 -5.53 6.35
CA ILE A 24 1.45 -6.66 6.10
C ILE A 24 0.04 -6.32 6.55
N LEU A 25 -0.92 -6.43 5.63
CA LEU A 25 -2.31 -6.12 5.96
C LEU A 25 -3.24 -7.27 5.61
N ASN A 26 -4.34 -7.37 6.35
CA ASN A 26 -5.32 -8.43 6.14
C ASN A 26 -6.70 -7.82 5.89
N LYS A 27 -7.35 -8.25 4.81
CA LYS A 27 -8.67 -7.74 4.45
C LYS A 27 -9.79 -8.61 5.03
N ARG A 28 -9.55 -9.92 5.07
CA ARG A 28 -10.54 -10.86 5.58
C ARG A 28 -10.94 -10.51 7.02
N THR A 29 -10.01 -9.94 7.76
CA THR A 29 -10.28 -9.57 9.15
C THR A 29 -10.97 -8.21 9.23
N THR A 30 -10.30 -7.18 8.72
CA THR A 30 -10.83 -5.82 8.72
C THR A 30 -11.15 -5.37 10.15
N MET A 31 -11.17 -4.06 10.36
CA MET A 31 -11.45 -3.52 11.69
C MET A 31 -12.94 -3.66 12.03
N PRO A 32 -13.26 -4.32 13.16
CA PRO A 32 -14.65 -4.54 13.58
C PRO A 32 -15.29 -3.32 14.23
N LYS A 33 -14.54 -2.23 14.35
CA LYS A 33 -15.05 -1.01 14.95
C LYS A 33 -15.71 -0.11 13.90
N GLU A 34 -15.17 -0.11 12.70
CA GLU A 34 -15.70 0.71 11.62
C GLU A 34 -16.76 -0.05 10.83
N SER A 35 -16.32 -0.93 9.93
CA SER A 35 -17.23 -1.72 9.12
C SER A 35 -16.51 -2.90 8.50
N GLY A 36 -15.60 -2.63 7.56
CA GLY A 36 -14.85 -3.69 6.91
C GLY A 36 -14.79 -3.51 5.41
N ALA A 37 -14.21 -2.40 4.96
CA ALA A 37 -14.08 -2.12 3.55
C ALA A 37 -13.11 -3.08 2.88
N LEU A 38 -11.82 -2.74 2.90
CA LEU A 38 -10.79 -3.58 2.31
C LEU A 38 -9.73 -3.95 3.35
N LEU A 39 -8.84 -3.02 3.64
CA LEU A 39 -7.79 -3.25 4.64
C LEU A 39 -7.68 -2.05 5.58
N GLY A 40 -7.54 -0.85 5.01
CA GLY A 40 -7.46 0.34 5.86
C GLY A 40 -6.82 1.56 5.21
N LEU A 41 -6.72 1.58 3.88
CA LEU A 41 -6.12 2.74 3.21
C LEU A 41 -6.50 2.81 1.73
N LYS A 42 -6.48 4.00 1.16
CA LYS A 42 -6.81 4.19 -0.25
C LYS A 42 -5.56 4.53 -1.03
N VAL A 43 -5.31 3.79 -2.11
CA VAL A 43 -4.11 4.02 -2.91
C VAL A 43 -4.44 4.31 -4.37
N VAL A 44 -3.52 4.99 -5.02
CA VAL A 44 -3.66 5.34 -6.42
C VAL A 44 -2.62 4.60 -7.27
N GLY A 45 -2.90 4.50 -8.56
CA GLY A 45 -1.98 3.81 -9.45
C GLY A 45 -1.59 4.68 -10.65
N GLY A 46 -0.35 4.52 -11.09
CA GLY A 46 0.12 5.30 -12.22
C GLY A 46 0.53 6.71 -11.84
N LYS A 47 1.65 6.82 -11.12
CA LYS A 47 2.14 8.12 -10.68
C LYS A 47 3.63 8.27 -10.98
N MET A 48 3.93 8.86 -12.13
CA MET A 48 5.32 9.06 -12.53
C MET A 48 6.08 9.89 -11.49
N THR A 49 6.92 9.22 -10.71
CA THR A 49 7.69 9.89 -9.67
C THR A 49 8.95 10.55 -10.25
N ASP A 50 9.74 11.16 -9.39
CA ASP A 50 10.97 11.82 -9.82
C ASP A 50 11.99 10.82 -10.33
N LEU A 51 11.86 9.57 -9.90
CA LEU A 51 12.78 8.51 -10.33
C LEU A 51 12.61 8.22 -11.81
N GLY A 52 11.42 8.47 -12.34
CA GLY A 52 11.15 8.23 -13.75
C GLY A 52 10.33 6.99 -13.98
N ARG A 53 9.73 6.46 -12.92
CA ARG A 53 8.91 5.26 -13.03
C ARG A 53 7.53 5.47 -12.39
N LEU A 54 6.61 4.56 -12.67
CA LEU A 54 5.26 4.66 -12.11
C LEU A 54 5.16 3.92 -10.78
N GLY A 55 4.31 4.42 -9.90
CA GLY A 55 4.14 3.80 -8.61
C GLY A 55 2.75 4.00 -8.04
N ALA A 56 2.60 3.75 -6.74
CA ALA A 56 1.31 3.91 -6.07
C ALA A 56 1.42 4.88 -4.89
N PHE A 57 0.39 5.69 -4.70
CA PHE A 57 0.36 6.65 -3.61
C PHE A 57 -0.95 6.54 -2.83
N ILE A 58 -0.88 6.72 -1.51
CA ILE A 58 -2.06 6.64 -0.67
C ILE A 58 -2.78 7.97 -0.61
N THR A 59 -4.06 7.96 -0.98
CA THR A 59 -4.87 9.18 -0.99
C THR A 59 -5.51 9.43 0.38
N LYS A 60 -5.77 8.36 1.14
CA LYS A 60 -6.37 8.52 2.46
C LYS A 60 -6.36 7.21 3.25
N VAL A 61 -6.23 7.33 4.56
CA VAL A 61 -6.20 6.17 5.46
C VAL A 61 -7.40 6.23 6.42
N LYS A 62 -8.03 5.08 6.64
CA LYS A 62 -9.17 5.01 7.54
C LYS A 62 -8.71 5.00 8.99
N LYS A 63 -8.90 6.11 9.68
CA LYS A 63 -8.50 6.24 11.08
C LYS A 63 -9.10 5.12 11.92
N GLY A 64 -8.31 4.08 12.17
CA GLY A 64 -8.79 2.96 12.96
C GLY A 64 -8.61 1.63 12.27
N SER A 65 -8.69 1.63 10.95
CA SER A 65 -8.54 0.41 10.17
C SER A 65 -7.16 -0.22 10.40
N LEU A 66 -6.96 -1.40 9.85
CA LEU A 66 -5.69 -2.12 9.98
C LEU A 66 -4.53 -1.28 9.47
N ALA A 67 -4.68 -0.77 8.25
CA ALA A 67 -3.65 0.04 7.61
C ALA A 67 -3.17 1.16 8.54
N ASP A 68 -4.05 1.60 9.43
CA ASP A 68 -3.73 2.66 10.37
C ASP A 68 -3.09 2.10 11.65
N VAL A 69 -3.80 1.18 12.28
CA VAL A 69 -3.32 0.56 13.51
C VAL A 69 -2.10 -0.34 13.28
N VAL A 70 -2.24 -1.31 12.38
CA VAL A 70 -1.14 -2.22 12.09
C VAL A 70 -0.28 -1.72 10.93
N GLY A 71 -0.91 -1.11 9.93
CA GLY A 71 -0.17 -0.59 8.80
C GLY A 71 0.75 0.55 9.20
N HIS A 72 0.17 1.59 9.78
CA HIS A 72 0.93 2.75 10.24
C HIS A 72 1.42 3.61 9.08
N LEU A 73 0.50 4.01 8.20
CA LEU A 73 0.86 4.87 7.07
C LEU A 73 -0.18 5.95 6.90
N ARG A 74 0.08 6.89 6.00
CA ARG A 74 -0.83 8.00 5.76
C ARG A 74 -0.85 8.39 4.29
N ALA A 75 -1.85 9.17 3.90
CA ALA A 75 -1.98 9.62 2.53
C ALA A 75 -0.73 10.35 2.07
N GLY A 76 -0.12 9.87 1.01
CA GLY A 76 1.09 10.47 0.49
C GLY A 76 2.22 9.48 0.37
N ASP A 77 2.14 8.40 1.15
CA ASP A 77 3.15 7.36 1.14
C ASP A 77 3.17 6.66 -0.22
N GLU A 78 4.35 6.29 -0.68
CA GLU A 78 4.50 5.61 -1.97
C GLU A 78 4.74 4.12 -1.78
N VAL A 79 3.77 3.32 -2.20
CA VAL A 79 3.88 1.87 -2.09
C VAL A 79 4.44 1.27 -3.37
N LEU A 80 5.71 0.88 -3.33
CA LEU A 80 6.36 0.28 -4.49
C LEU A 80 6.10 -1.23 -4.56
N GLU A 81 5.28 -1.73 -3.64
CA GLU A 81 4.97 -3.16 -3.61
C GLU A 81 3.56 -3.40 -3.08
N TRP A 82 2.78 -4.18 -3.83
CA TRP A 82 1.42 -4.51 -3.44
C TRP A 82 1.20 -6.01 -3.57
N ASN A 83 1.02 -6.68 -2.43
CA ASN A 83 0.80 -8.13 -2.41
C ASN A 83 2.08 -8.86 -2.81
N GLY A 84 3.21 -8.35 -2.36
CA GLY A 84 4.49 -8.96 -2.67
C GLY A 84 4.88 -8.84 -4.13
N LYS A 85 4.25 -7.92 -4.85
CA LYS A 85 4.56 -7.72 -6.26
C LYS A 85 5.24 -6.37 -6.49
N PRO A 86 6.12 -6.29 -7.49
CA PRO A 86 6.78 -5.04 -7.80
C PRO A 86 5.89 -4.14 -8.65
N LEU A 87 5.58 -2.97 -8.11
CA LEU A 87 4.72 -2.01 -8.80
C LEU A 87 5.52 -1.06 -9.71
N PRO A 88 6.74 -0.64 -9.29
CA PRO A 88 7.56 0.27 -10.10
C PRO A 88 7.51 -0.05 -11.59
N GLY A 89 6.92 0.86 -12.36
CA GLY A 89 6.80 0.66 -13.79
C GLY A 89 5.38 0.34 -14.22
N ALA A 90 4.52 0.07 -13.25
CA ALA A 90 3.11 -0.23 -13.53
C ALA A 90 2.24 1.00 -13.42
N THR A 91 1.29 1.15 -14.34
CA THR A 91 0.40 2.30 -14.34
C THR A 91 -0.88 1.99 -13.56
N ASN A 92 -1.80 2.96 -13.54
CA ASN A 92 -3.06 2.80 -12.82
C ASN A 92 -3.77 1.50 -13.20
N GLU A 93 -3.77 1.19 -14.50
CA GLU A 93 -4.44 -0.02 -14.99
C GLU A 93 -3.72 -1.27 -14.51
N GLU A 94 -2.39 -1.23 -14.47
CA GLU A 94 -1.61 -2.37 -14.02
C GLU A 94 -1.94 -2.67 -12.56
N VAL A 95 -1.70 -1.68 -11.71
CA VAL A 95 -1.98 -1.83 -10.28
C VAL A 95 -3.42 -2.33 -10.07
N TYR A 96 -4.35 -1.76 -10.83
CA TYR A 96 -5.75 -2.15 -10.73
C TYR A 96 -5.91 -3.67 -10.72
N ASN A 97 -5.19 -4.32 -11.62
CA ASN A 97 -5.23 -5.78 -11.73
C ASN A 97 -4.50 -6.43 -10.55
N ILE A 98 -3.38 -5.83 -10.15
CA ILE A 98 -2.59 -6.35 -9.04
C ILE A 98 -3.40 -6.36 -7.75
N ILE A 99 -3.84 -5.18 -7.32
CA ILE A 99 -4.62 -5.05 -6.09
C ILE A 99 -5.86 -5.94 -6.13
N LEU A 100 -6.64 -5.83 -7.20
CA LEU A 100 -7.85 -6.63 -7.34
C LEU A 100 -7.54 -8.11 -7.17
N GLU A 101 -6.51 -8.57 -7.86
CA GLU A 101 -6.10 -9.96 -7.78
C GLU A 101 -5.63 -10.32 -6.38
N SER A 102 -5.19 -9.30 -5.63
CA SER A 102 -4.70 -9.50 -4.28
C SER A 102 -5.77 -9.19 -3.24
N LYS A 103 -6.91 -8.63 -3.68
CA LYS A 103 -7.99 -8.30 -2.76
C LYS A 103 -8.75 -9.55 -2.33
N SER A 104 -8.42 -10.69 -2.93
CA SER A 104 -9.08 -11.95 -2.59
C SER A 104 -8.21 -12.79 -1.66
N GLU A 105 -6.91 -12.52 -1.65
CA GLU A 105 -5.97 -13.26 -0.81
C GLU A 105 -6.30 -13.04 0.66
N PRO A 106 -5.92 -14.01 1.52
CA PRO A 106 -6.17 -13.93 2.97
C PRO A 106 -5.29 -12.88 3.66
N GLN A 107 -4.27 -12.40 2.95
CA GLN A 107 -3.36 -11.40 3.50
C GLN A 107 -2.73 -10.57 2.41
N VAL A 108 -2.16 -9.42 2.78
CA VAL A 108 -1.53 -8.53 1.83
C VAL A 108 -0.20 -8.01 2.36
N GLU A 109 0.78 -7.88 1.47
CA GLU A 109 2.10 -7.39 1.83
C GLU A 109 2.45 -6.17 0.99
N ILE A 110 2.40 -4.99 1.61
CA ILE A 110 2.71 -3.76 0.89
C ILE A 110 3.96 -3.09 1.43
N ILE A 111 4.81 -2.63 0.52
CA ILE A 111 6.05 -1.97 0.88
C ILE A 111 6.04 -0.52 0.43
N VAL A 112 6.63 0.36 1.24
CA VAL A 112 6.67 1.78 0.93
C VAL A 112 8.09 2.34 1.01
N SER A 113 8.22 3.62 0.71
CA SER A 113 9.52 4.29 0.75
C SER A 113 9.36 5.77 1.13
N ARG A 114 10.27 6.26 1.97
CA ARG A 114 10.23 7.64 2.41
C ARG A 114 11.52 8.37 2.05
N GLU B 6 -8.60 12.78 -6.41
CA GLU B 6 -8.04 11.91 -7.49
C GLU B 6 -7.54 10.59 -6.92
N GLU B 7 -8.47 9.72 -6.54
CA GLU B 7 -8.12 8.41 -5.99
C GLU B 7 -7.92 7.39 -7.10
N GLY B 8 -7.58 6.16 -6.71
CA GLY B 8 -7.35 5.11 -7.69
C GLY B 8 -8.11 3.84 -7.37
N ILE B 9 -7.81 3.25 -6.21
CA ILE B 9 -8.47 2.01 -5.81
C ILE B 9 -8.77 1.99 -4.32
N TRP B 10 -9.72 1.16 -3.94
CA TRP B 10 -10.11 1.01 -2.54
C TRP B 10 -9.34 -0.13 -1.91
N ALA B 11 -8.63 0.18 -0.83
CA ALA B 11 -7.83 -0.82 -0.14
C ALA B 11 -7.66 -0.47 1.33
N HIS A 6 4.94 -9.82 12.75
CA HIS A 6 3.62 -9.16 12.92
C HIS A 6 3.74 -7.64 12.80
N PRO A 7 4.71 -7.02 13.50
CA PRO A 7 4.91 -5.57 13.47
C PRO A 7 5.63 -5.13 12.20
N VAL A 8 5.61 -3.83 11.92
CA VAL A 8 6.26 -3.28 10.75
C VAL A 8 7.68 -2.82 11.09
N THR A 9 8.59 -3.00 10.14
CA THR A 9 9.98 -2.61 10.35
C THR A 9 10.50 -1.78 9.18
N TRP A 10 11.47 -0.92 9.47
CA TRP A 10 12.07 -0.07 8.44
C TRP A 10 13.59 -0.15 8.48
N GLN A 11 14.19 -0.40 7.32
CA GLN A 11 15.64 -0.51 7.22
C GLN A 11 16.21 0.58 6.30
N PRO A 12 17.21 1.35 6.78
CA PRO A 12 17.82 2.42 6.00
C PRO A 12 18.52 1.89 4.75
N SER A 13 18.53 2.70 3.70
CA SER A 13 19.16 2.32 2.44
C SER A 13 20.29 3.28 2.07
N LYS A 14 21.33 2.75 1.44
CA LYS A 14 22.47 3.55 1.02
C LYS A 14 22.20 4.29 -0.30
N GLU A 15 21.08 3.96 -0.94
CA GLU A 15 20.70 4.57 -2.22
C GLU A 15 20.38 6.05 -2.09
N GLY A 16 20.80 6.69 -1.00
CA GLY A 16 20.52 8.10 -0.82
C GLY A 16 20.10 8.45 0.61
N ASP A 17 20.14 7.47 1.50
CA ASP A 17 19.76 7.67 2.90
C ASP A 17 18.24 7.70 3.02
N ARG A 18 17.61 6.58 2.71
CA ARG A 18 16.16 6.45 2.80
C ARG A 18 15.77 5.29 3.69
N LEU A 19 14.55 5.29 4.19
CA LEU A 19 14.08 4.23 5.06
C LEU A 19 13.00 3.39 4.39
N ILE A 20 13.31 2.13 4.13
CA ILE A 20 12.36 1.22 3.49
C ILE A 20 11.77 0.27 4.51
N GLY A 21 10.47 -0.01 4.38
CA GLY A 21 9.80 -0.90 5.31
C GLY A 21 8.86 -1.87 4.63
N ARG A 22 8.49 -2.93 5.34
CA ARG A 22 7.58 -3.93 4.82
C ARG A 22 6.30 -3.94 5.63
N VAL A 23 5.16 -3.76 4.95
CA VAL A 23 3.88 -3.73 5.64
C VAL A 23 2.96 -4.86 5.18
N ILE A 24 2.41 -5.58 6.15
CA ILE A 24 1.50 -6.68 5.87
C ILE A 24 0.09 -6.31 6.34
N LEU A 25 -0.87 -6.36 5.44
CA LEU A 25 -2.24 -6.01 5.77
C LEU A 25 -3.20 -7.15 5.46
N ASN A 26 -4.25 -7.27 6.27
CA ASN A 26 -5.25 -8.30 6.09
C ASN A 26 -6.62 -7.68 5.86
N LYS A 27 -7.26 -8.06 4.75
CA LYS A 27 -8.57 -7.54 4.40
C LYS A 27 -9.62 -8.66 4.42
N ARG A 28 -9.43 -9.63 5.30
CA ARG A 28 -10.36 -10.75 5.41
C ARG A 28 -11.34 -10.55 6.56
N THR A 29 -10.82 -10.37 7.76
CA THR A 29 -11.66 -10.17 8.93
C THR A 29 -12.06 -8.71 9.09
N THR A 30 -13.02 -8.46 9.97
CA THR A 30 -13.50 -7.09 10.21
C THR A 30 -12.72 -6.45 11.35
N MET A 31 -12.89 -5.13 11.50
CA MET A 31 -12.20 -4.39 12.56
C MET A 31 -12.86 -4.66 13.92
N PRO A 32 -12.08 -5.14 14.89
CA PRO A 32 -12.58 -5.43 16.24
C PRO A 32 -13.26 -4.21 16.87
N LYS A 33 -12.85 -3.02 16.44
CA LYS A 33 -13.42 -1.78 16.96
C LYS A 33 -14.76 -1.47 16.31
N GLU A 34 -14.88 -1.78 15.02
CA GLU A 34 -16.11 -1.53 14.29
C GLU A 34 -16.20 -2.39 13.04
N SER A 35 -15.53 -1.95 11.97
CA SER A 35 -15.53 -2.69 10.71
C SER A 35 -14.57 -2.07 9.71
N GLY A 36 -14.53 -2.63 8.51
CA GLY A 36 -13.65 -2.12 7.48
C GLY A 36 -14.05 -2.56 6.09
N ALA A 37 -13.79 -1.73 5.09
CA ALA A 37 -14.12 -2.04 3.71
C ALA A 37 -13.18 -3.09 3.13
N LEU A 38 -11.89 -2.76 3.13
CA LEU A 38 -10.87 -3.67 2.62
C LEU A 38 -9.87 -4.03 3.72
N LEU A 39 -8.87 -3.18 3.92
CA LEU A 39 -7.87 -3.40 4.97
C LEU A 39 -7.78 -2.17 5.86
N GLY A 40 -7.46 -1.02 5.28
CA GLY A 40 -7.37 0.20 6.06
C GLY A 40 -6.65 1.36 5.38
N LEU A 41 -6.56 1.35 4.04
CA LEU A 41 -5.88 2.43 3.34
C LEU A 41 -6.30 2.50 1.86
N LYS A 42 -6.19 3.68 1.27
CA LYS A 42 -6.53 3.85 -0.13
C LYS A 42 -5.29 4.25 -0.93
N VAL A 43 -5.06 3.57 -2.05
CA VAL A 43 -3.88 3.86 -2.88
C VAL A 43 -4.27 4.17 -4.30
N VAL A 44 -3.37 4.89 -4.97
CA VAL A 44 -3.58 5.26 -6.36
C VAL A 44 -2.59 4.54 -7.27
N GLY A 45 -2.91 4.49 -8.56
CA GLY A 45 -2.04 3.82 -9.51
C GLY A 45 -1.69 4.70 -10.70
N GLY A 46 -0.50 4.53 -11.23
CA GLY A 46 -0.06 5.31 -12.38
C GLY A 46 0.34 6.72 -11.98
N LYS A 47 1.38 6.83 -11.15
CA LYS A 47 1.86 8.13 -10.71
C LYS A 47 3.31 8.34 -11.13
N MET A 48 3.51 8.85 -12.34
CA MET A 48 4.85 9.10 -12.86
C MET A 48 5.61 10.07 -11.96
N THR A 49 6.69 9.59 -11.35
CA THR A 49 7.50 10.42 -10.47
C THR A 49 8.78 10.87 -11.17
N ASP A 50 9.63 11.58 -10.43
CA ASP A 50 10.89 12.07 -10.97
C ASP A 50 11.82 10.92 -11.35
N LEU A 51 11.52 9.72 -10.85
CA LEU A 51 12.33 8.54 -11.15
C LEU A 51 12.19 8.14 -12.61
N GLY A 52 11.07 8.49 -13.22
CA GLY A 52 10.84 8.15 -14.62
C GLY A 52 9.98 6.92 -14.79
N ARG A 53 9.39 6.43 -13.69
CA ARG A 53 8.54 5.25 -13.73
C ARG A 53 7.23 5.50 -12.99
N LEU A 54 6.28 4.58 -13.16
CA LEU A 54 4.99 4.70 -12.51
C LEU A 54 4.96 3.94 -11.19
N GLY A 55 4.14 4.41 -10.25
CA GLY A 55 4.05 3.76 -8.96
C GLY A 55 2.69 3.95 -8.31
N ALA A 56 2.63 3.73 -7.00
CA ALA A 56 1.39 3.87 -6.26
C ALA A 56 1.54 4.82 -5.08
N PHE A 57 0.48 5.54 -4.75
CA PHE A 57 0.51 6.49 -3.65
C PHE A 57 -0.79 6.40 -2.84
N ILE A 58 -0.66 6.46 -1.51
CA ILE A 58 -1.82 6.40 -0.64
C ILE A 58 -2.57 7.73 -0.61
N THR A 59 -3.83 7.70 -1.03
CA THR A 59 -4.64 8.91 -1.07
C THR A 59 -5.27 9.22 0.29
N LYS A 60 -5.54 8.17 1.06
CA LYS A 60 -6.14 8.35 2.39
C LYS A 60 -6.04 7.08 3.23
N VAL A 61 -6.05 7.27 4.54
CA VAL A 61 -5.97 6.15 5.49
C VAL A 61 -7.08 6.24 6.53
N LYS A 62 -7.75 5.12 6.77
CA LYS A 62 -8.83 5.08 7.75
C LYS A 62 -8.26 4.90 9.15
N LYS A 63 -8.29 5.97 9.94
CA LYS A 63 -7.78 5.93 11.31
C LYS A 63 -8.49 4.87 12.13
N GLY A 64 -7.81 3.76 12.38
CA GLY A 64 -8.40 2.69 13.17
C GLY A 64 -8.35 1.35 12.44
N SER A 65 -8.28 1.41 11.11
CA SER A 65 -8.24 0.20 10.30
C SER A 65 -6.90 -0.52 10.45
N LEU A 66 -6.80 -1.71 9.88
CA LEU A 66 -5.58 -2.50 9.95
C LEU A 66 -4.38 -1.71 9.42
N ALA A 67 -4.52 -1.19 8.20
CA ALA A 67 -3.45 -0.44 7.57
C ALA A 67 -2.82 0.58 8.50
N ASP A 68 -3.63 1.13 9.39
CA ASP A 68 -3.15 2.15 10.33
C ASP A 68 -2.50 1.51 11.57
N VAL A 69 -3.20 0.56 12.16
CA VAL A 69 -2.70 -0.12 13.36
C VAL A 69 -1.53 -1.05 13.05
N VAL A 70 -1.69 -1.92 12.05
CA VAL A 70 -0.62 -2.86 11.70
C VAL A 70 0.33 -2.26 10.65
N GLY A 71 -0.18 -1.35 9.83
CA GLY A 71 0.65 -0.72 8.81
C GLY A 71 1.29 0.56 9.31
N HIS A 72 0.46 1.47 9.81
CA HIS A 72 0.93 2.75 10.33
C HIS A 72 1.52 3.62 9.22
N LEU A 73 0.69 4.00 8.26
CA LEU A 73 1.14 4.86 7.17
C LEU A 73 0.14 6.00 6.97
N ARG A 74 0.46 6.91 6.06
CA ARG A 74 -0.41 8.06 5.80
C ARG A 74 -0.49 8.35 4.32
N ALA A 75 -1.53 9.09 3.93
CA ALA A 75 -1.72 9.47 2.54
C ALA A 75 -0.52 10.23 2.00
N GLY A 76 0.07 9.71 0.93
CA GLY A 76 1.24 10.34 0.34
C GLY A 76 2.39 9.37 0.19
N ASP A 77 2.36 8.30 0.99
CA ASP A 77 3.41 7.28 0.93
C ASP A 77 3.39 6.56 -0.42
N GLU A 78 4.57 6.21 -0.91
CA GLU A 78 4.68 5.53 -2.20
C GLU A 78 4.94 4.05 -2.01
N VAL A 79 3.96 3.23 -2.39
CA VAL A 79 4.09 1.78 -2.26
C VAL A 79 4.65 1.18 -3.56
N LEU A 80 5.92 0.78 -3.52
CA LEU A 80 6.57 0.19 -4.68
C LEU A 80 6.28 -1.30 -4.78
N GLU A 81 5.47 -1.82 -3.85
CA GLU A 81 5.14 -3.23 -3.84
C GLU A 81 3.74 -3.47 -3.27
N TRP A 82 2.91 -4.18 -4.03
CA TRP A 82 1.56 -4.49 -3.60
C TRP A 82 1.27 -5.98 -3.78
N ASN A 83 0.92 -6.66 -2.69
CA ASN A 83 0.63 -8.08 -2.74
C ASN A 83 1.84 -8.87 -3.22
N GLY A 84 3.02 -8.45 -2.78
CA GLY A 84 4.24 -9.12 -3.16
C GLY A 84 4.59 -8.96 -4.64
N LYS A 85 3.92 -8.03 -5.32
CA LYS A 85 4.19 -7.79 -6.73
C LYS A 85 4.87 -6.46 -6.94
N PRO A 86 5.75 -6.36 -7.95
CA PRO A 86 6.42 -5.11 -8.24
C PRO A 86 5.52 -4.19 -9.07
N LEU A 87 5.22 -3.03 -8.51
CA LEU A 87 4.37 -2.05 -9.16
C LEU A 87 5.17 -1.09 -10.04
N PRO A 88 6.39 -0.68 -9.63
CA PRO A 88 7.21 0.24 -10.41
C PRO A 88 7.18 -0.07 -11.90
N GLY A 89 6.61 0.85 -12.68
CA GLY A 89 6.51 0.66 -14.11
C GLY A 89 5.08 0.39 -14.56
N ALA A 90 4.19 0.10 -13.61
CA ALA A 90 2.80 -0.17 -13.93
C ALA A 90 1.94 1.07 -13.74
N THR A 91 1.09 1.36 -14.71
CA THR A 91 0.22 2.52 -14.66
C THR A 91 -1.02 2.21 -13.81
N ASN A 92 -1.99 3.13 -13.84
CA ASN A 92 -3.21 2.97 -13.06
C ASN A 92 -3.90 1.64 -13.39
N GLU A 93 -4.11 1.39 -14.68
CA GLU A 93 -4.76 0.16 -15.12
C GLU A 93 -4.00 -1.08 -14.65
N GLU A 94 -2.68 -0.98 -14.61
CA GLU A 94 -1.86 -2.09 -14.16
C GLU A 94 -2.16 -2.38 -12.69
N VAL A 95 -1.91 -1.39 -11.85
CA VAL A 95 -2.17 -1.51 -10.41
C VAL A 95 -3.56 -2.09 -10.16
N TYR A 96 -4.54 -1.61 -10.93
CA TYR A 96 -5.91 -2.08 -10.80
C TYR A 96 -5.96 -3.60 -10.79
N ASN A 97 -5.30 -4.21 -11.75
CA ASN A 97 -5.25 -5.67 -11.86
C ASN A 97 -4.55 -6.29 -10.65
N ILE A 98 -3.44 -5.69 -10.25
CA ILE A 98 -2.67 -6.19 -9.11
C ILE A 98 -3.53 -6.22 -7.85
N ILE A 99 -3.95 -5.05 -7.38
CA ILE A 99 -4.77 -4.94 -6.19
C ILE A 99 -6.04 -5.79 -6.30
N LEU A 100 -6.81 -5.55 -7.36
CA LEU A 100 -8.06 -6.30 -7.58
C LEU A 100 -7.83 -7.81 -7.37
N GLU A 101 -6.80 -8.33 -8.00
CA GLU A 101 -6.46 -9.74 -7.88
C GLU A 101 -6.15 -10.09 -6.43
N SER A 102 -5.66 -9.12 -5.67
CA SER A 102 -5.32 -9.32 -4.27
C SER A 102 -6.47 -8.93 -3.34
N LYS A 103 -7.49 -8.28 -3.89
CA LYS A 103 -8.65 -7.86 -3.09
C LYS A 103 -9.28 -9.05 -2.39
N SER A 104 -9.14 -10.24 -2.97
CA SER A 104 -9.71 -11.45 -2.39
C SER A 104 -8.65 -12.29 -1.68
N GLU A 105 -7.44 -11.74 -1.54
CA GLU A 105 -6.36 -12.46 -0.88
C GLU A 105 -6.49 -12.36 0.64
N PRO A 106 -6.38 -13.50 1.35
CA PRO A 106 -6.48 -13.53 2.82
C PRO A 106 -5.49 -12.59 3.50
N GLN A 107 -4.45 -12.21 2.76
CA GLN A 107 -3.43 -11.32 3.31
C GLN A 107 -2.79 -10.47 2.20
N VAL A 108 -2.23 -9.34 2.59
CA VAL A 108 -1.57 -8.44 1.65
C VAL A 108 -0.23 -7.95 2.19
N GLU A 109 0.74 -7.82 1.29
CA GLU A 109 2.07 -7.36 1.66
C GLU A 109 2.46 -6.16 0.82
N ILE A 110 2.49 -4.99 1.44
CA ILE A 110 2.84 -3.76 0.72
C ILE A 110 4.10 -3.12 1.27
N ILE A 111 4.96 -2.65 0.37
CA ILE A 111 6.20 -2.00 0.75
C ILE A 111 6.21 -0.55 0.29
N VAL A 112 6.82 0.32 1.09
CA VAL A 112 6.89 1.73 0.76
C VAL A 112 8.30 2.28 0.88
N SER A 113 8.46 3.56 0.57
CA SER A 113 9.76 4.22 0.64
C SER A 113 9.61 5.68 1.05
N ARG A 114 10.05 6.00 2.26
CA ARG A 114 9.97 7.36 2.78
C ARG A 114 11.31 8.06 2.69
N GLU B 6 -8.47 12.44 -5.51
CA GLU B 6 -7.83 11.69 -6.62
C GLU B 6 -7.37 10.30 -6.15
N GLU B 7 -8.31 9.36 -6.11
CA GLU B 7 -8.00 8.00 -5.68
C GLU B 7 -7.84 7.08 -6.88
N GLY B 8 -7.61 5.79 -6.60
CA GLY B 8 -7.44 4.83 -7.68
C GLY B 8 -7.91 3.44 -7.30
N ILE B 9 -7.63 3.01 -6.07
CA ILE B 9 -8.02 1.68 -5.61
C ILE B 9 -8.45 1.72 -4.15
N TRP B 10 -9.45 0.89 -3.82
CA TRP B 10 -9.93 0.80 -2.45
C TRP B 10 -9.26 -0.38 -1.76
N ALA B 11 -8.51 -0.08 -0.71
CA ALA B 11 -7.79 -1.11 0.03
C ALA B 11 -7.62 -0.73 1.49
N HIS A 6 4.46 -9.39 12.11
CA HIS A 6 3.26 -8.64 12.56
C HIS A 6 3.49 -7.13 12.52
N PRO A 7 4.55 -6.63 13.19
CA PRO A 7 4.86 -5.21 13.21
C PRO A 7 5.64 -4.76 11.98
N VAL A 8 5.74 -3.45 11.78
CA VAL A 8 6.47 -2.90 10.64
C VAL A 8 7.89 -2.50 11.04
N THR A 9 8.81 -2.61 10.10
CA THR A 9 10.20 -2.28 10.34
C THR A 9 10.75 -1.36 9.25
N TRP A 10 11.72 -0.53 9.61
CA TRP A 10 12.34 0.39 8.66
C TRP A 10 13.86 0.34 8.77
N GLN A 11 14.52 0.29 7.61
CA GLN A 11 15.98 0.24 7.58
C GLN A 11 16.55 1.29 6.62
N PRO A 12 17.77 1.77 6.89
CA PRO A 12 18.42 2.79 6.04
C PRO A 12 18.75 2.25 4.66
N SER A 13 18.18 2.89 3.63
CA SER A 13 18.41 2.47 2.26
C SER A 13 19.73 3.01 1.72
N LYS A 14 20.18 2.45 0.60
CA LYS A 14 21.43 2.86 -0.03
C LYS A 14 21.24 4.12 -0.87
N GLU A 15 19.99 4.54 -1.06
CA GLU A 15 19.68 5.72 -1.87
C GLU A 15 20.30 6.97 -1.26
N GLY A 16 20.70 6.91 0.01
CA GLY A 16 21.31 8.06 0.65
C GLY A 16 20.66 8.41 1.97
N ASP A 17 19.36 8.19 2.07
CA ASP A 17 18.63 8.49 3.30
C ASP A 17 17.18 8.05 3.22
N ARG A 18 16.91 7.01 2.45
CA ARG A 18 15.55 6.50 2.30
C ARG A 18 15.30 5.32 3.24
N LEU A 19 14.15 5.32 3.88
CA LEU A 19 13.80 4.25 4.82
C LEU A 19 12.72 3.35 4.23
N ILE A 20 13.09 2.10 3.97
CA ILE A 20 12.16 1.12 3.41
C ILE A 20 11.59 0.22 4.49
N GLY A 21 10.31 -0.09 4.37
CA GLY A 21 9.65 -0.95 5.34
C GLY A 21 8.73 -1.96 4.71
N ARG A 22 8.43 -3.02 5.44
CA ARG A 22 7.53 -4.07 4.94
C ARG A 22 6.21 -4.03 5.70
N VAL A 23 5.11 -3.81 4.98
CA VAL A 23 3.81 -3.74 5.61
C VAL A 23 2.91 -4.89 5.19
N ILE A 24 2.42 -5.64 6.17
CA ILE A 24 1.55 -6.77 5.92
C ILE A 24 0.13 -6.45 6.39
N LEU A 25 -0.81 -6.46 5.46
CA LEU A 25 -2.20 -6.16 5.78
C LEU A 25 -3.10 -7.36 5.53
N ASN A 26 -4.16 -7.47 6.33
CA ASN A 26 -5.10 -8.58 6.20
C ASN A 26 -6.53 -8.06 6.06
N LYS A 27 -7.16 -8.34 4.93
CA LYS A 27 -8.53 -7.90 4.67
C LYS A 27 -9.49 -9.07 4.83
N ARG A 28 -9.22 -9.95 5.79
CA ARG A 28 -10.07 -11.10 6.03
C ARG A 28 -11.00 -10.83 7.22
N THR A 29 -10.44 -10.29 8.29
CA THR A 29 -11.22 -9.97 9.48
C THR A 29 -11.63 -8.52 9.48
N THR A 30 -12.41 -8.12 10.48
CA THR A 30 -12.88 -6.74 10.60
C THR A 30 -12.27 -6.07 11.82
N MET A 31 -11.99 -4.77 11.68
CA MET A 31 -11.39 -4.01 12.78
C MET A 31 -12.29 -4.03 14.01
N PRO A 32 -11.71 -3.87 15.21
CA PRO A 32 -12.45 -3.89 16.46
C PRO A 32 -13.16 -2.56 16.75
N LYS A 33 -12.97 -1.57 15.89
CA LYS A 33 -13.60 -0.27 16.06
C LYS A 33 -14.85 -0.15 15.21
N GLU A 34 -14.90 -0.91 14.12
CA GLU A 34 -16.05 -0.87 13.22
C GLU A 34 -16.04 -2.07 12.27
N SER A 35 -15.27 -1.98 11.18
CA SER A 35 -15.17 -3.06 10.21
C SER A 35 -14.26 -2.69 9.06
N GLY A 36 -14.40 -1.47 8.57
CA GLY A 36 -13.59 -1.01 7.46
C GLY A 36 -14.19 -1.34 6.11
N ALA A 37 -13.36 -1.34 5.07
CA ALA A 37 -13.83 -1.63 3.72
C ALA A 37 -12.96 -2.72 3.07
N LEU A 38 -11.65 -2.49 3.09
CA LEU A 38 -10.71 -3.43 2.50
C LEU A 38 -9.64 -3.83 3.52
N LEU A 39 -8.63 -2.98 3.70
CA LEU A 39 -7.57 -3.24 4.66
C LEU A 39 -7.37 -2.03 5.59
N GLY A 40 -7.34 -0.83 5.03
CA GLY A 40 -7.18 0.35 5.88
C GLY A 40 -6.59 1.59 5.21
N LEU A 41 -6.49 1.61 3.89
CA LEU A 41 -5.94 2.78 3.19
C LEU A 41 -6.32 2.82 1.72
N LYS A 42 -6.36 4.01 1.14
CA LYS A 42 -6.70 4.16 -0.27
C LYS A 42 -5.43 4.46 -1.07
N VAL A 43 -5.22 3.72 -2.15
CA VAL A 43 -4.02 3.91 -2.98
C VAL A 43 -4.33 4.42 -4.37
N VAL A 44 -3.35 5.09 -4.95
CA VAL A 44 -3.47 5.64 -6.28
C VAL A 44 -2.28 5.24 -7.14
N GLY A 45 -2.55 4.63 -8.29
CA GLY A 45 -1.48 4.21 -9.18
C GLY A 45 -1.40 5.05 -10.43
N GLY A 46 -0.37 4.80 -11.24
CA GLY A 46 -0.20 5.54 -12.47
C GLY A 46 0.40 6.92 -12.23
N LYS A 47 1.17 7.05 -11.16
CA LYS A 47 1.81 8.31 -10.82
C LYS A 47 3.29 8.28 -11.17
N MET A 48 3.62 8.70 -12.38
CA MET A 48 5.01 8.72 -12.84
C MET A 48 5.85 9.63 -11.97
N THR A 49 6.95 9.09 -11.45
CA THR A 49 7.84 9.84 -10.59
C THR A 49 8.96 10.49 -11.41
N ASP A 50 9.89 11.15 -10.71
CA ASP A 50 11.01 11.81 -11.37
C ASP A 50 12.06 10.81 -11.84
N LEU A 51 11.88 9.53 -11.45
CA LEU A 51 12.82 8.49 -11.83
C LEU A 51 12.50 7.95 -13.22
N GLY A 52 11.22 7.92 -13.55
CA GLY A 52 10.80 7.42 -14.85
C GLY A 52 10.03 6.12 -14.75
N ARG A 53 9.46 5.86 -13.58
CA ARG A 53 8.68 4.63 -13.37
C ARG A 53 7.35 4.95 -12.70
N LEU A 54 6.34 4.12 -12.97
CA LEU A 54 5.01 4.32 -12.39
C LEU A 54 4.91 3.59 -11.05
N GLY A 55 4.16 4.20 -10.13
CA GLY A 55 3.99 3.60 -8.81
C GLY A 55 2.63 3.87 -8.23
N ALA A 56 2.49 3.69 -6.91
CA ALA A 56 1.23 3.92 -6.23
C ALA A 56 1.40 4.84 -5.02
N PHE A 57 0.38 5.63 -4.72
CA PHE A 57 0.44 6.56 -3.59
C PHE A 57 -0.85 6.48 -2.78
N ILE A 58 -0.72 6.49 -1.45
CA ILE A 58 -1.88 6.43 -0.57
C ILE A 58 -2.59 7.77 -0.52
N THR A 59 -3.86 7.78 -0.93
CA THR A 59 -4.65 9.02 -0.93
C THR A 59 -5.21 9.31 0.45
N LYS A 60 -5.52 8.26 1.21
CA LYS A 60 -6.08 8.43 2.55
C LYS A 60 -6.01 7.14 3.36
N VAL A 61 -5.98 7.29 4.68
CA VAL A 61 -5.91 6.15 5.60
C VAL A 61 -7.03 6.22 6.63
N LYS A 62 -7.72 5.10 6.83
CA LYS A 62 -8.81 5.03 7.80
C LYS A 62 -8.24 4.87 9.21
N LYS A 63 -8.30 5.95 9.99
CA LYS A 63 -7.80 5.94 11.36
C LYS A 63 -8.42 4.81 12.18
N GLY A 64 -7.66 3.74 12.39
CA GLY A 64 -8.16 2.61 13.15
C GLY A 64 -8.13 1.32 12.36
N SER A 65 -8.21 1.44 11.03
CA SER A 65 -8.19 0.26 10.17
C SER A 65 -6.89 -0.51 10.34
N LEU A 66 -6.85 -1.71 9.77
CA LEU A 66 -5.66 -2.55 9.86
C LEU A 66 -4.44 -1.84 9.29
N ALA A 67 -4.59 -1.28 8.09
CA ALA A 67 -3.51 -0.57 7.43
C ALA A 67 -2.82 0.43 8.36
N ASP A 68 -3.61 1.05 9.23
CA ASP A 68 -3.08 2.05 10.16
C ASP A 68 -2.43 1.39 11.37
N VAL A 69 -3.14 0.45 11.98
CA VAL A 69 -2.64 -0.24 13.17
C VAL A 69 -1.49 -1.20 12.84
N VAL A 70 -1.73 -2.13 11.92
CA VAL A 70 -0.69 -3.11 11.55
C VAL A 70 0.26 -2.54 10.50
N GLY A 71 -0.24 -1.63 9.67
CA GLY A 71 0.59 -1.04 8.64
C GLY A 71 1.28 0.22 9.12
N HIS A 72 0.50 1.14 9.67
CA HIS A 72 1.03 2.39 10.20
C HIS A 72 1.61 3.27 9.09
N LEU A 73 0.75 3.78 8.22
CA LEU A 73 1.18 4.66 7.13
C LEU A 73 0.19 5.80 6.98
N ARG A 74 0.51 6.74 6.10
CA ARG A 74 -0.36 7.89 5.87
C ARG A 74 -0.43 8.25 4.40
N ALA A 75 -1.46 9.01 4.04
CA ALA A 75 -1.65 9.44 2.66
C ALA A 75 -0.43 10.17 2.14
N GLY A 76 0.11 9.68 1.03
CA GLY A 76 1.29 10.29 0.44
C GLY A 76 2.43 9.29 0.27
N ASP A 77 2.38 8.22 1.06
CA ASP A 77 3.40 7.19 0.99
C ASP A 77 3.34 6.46 -0.36
N GLU A 78 4.51 6.16 -0.91
CA GLU A 78 4.59 5.47 -2.19
C GLU A 78 4.85 3.97 -2.00
N VAL A 79 3.87 3.16 -2.39
CA VAL A 79 4.02 1.71 -2.28
C VAL A 79 4.54 1.10 -3.57
N LEU A 80 5.80 0.72 -3.57
CA LEU A 80 6.41 0.12 -4.75
C LEU A 80 6.16 -1.38 -4.82
N GLU A 81 5.45 -1.91 -3.82
CA GLU A 81 5.15 -3.33 -3.78
C GLU A 81 3.74 -3.59 -3.24
N TRP A 82 2.96 -4.36 -3.99
CA TRP A 82 1.60 -4.70 -3.59
C TRP A 82 1.37 -6.20 -3.71
N ASN A 83 0.83 -6.80 -2.65
CA ASN A 83 0.57 -8.24 -2.64
C ASN A 83 1.84 -9.02 -2.98
N GLY A 84 2.97 -8.52 -2.49
CA GLY A 84 4.24 -9.19 -2.73
C GLY A 84 4.62 -9.24 -4.20
N LYS A 85 4.12 -8.30 -4.99
CA LYS A 85 4.44 -8.26 -6.42
C LYS A 85 5.16 -6.98 -6.77
N PRO A 86 5.85 -6.95 -7.92
CA PRO A 86 6.54 -5.77 -8.37
C PRO A 86 5.62 -4.88 -9.20
N LEU A 87 5.40 -3.66 -8.72
CA LEU A 87 4.54 -2.70 -9.40
C LEU A 87 5.33 -1.77 -10.33
N PRO A 88 6.61 -1.43 -10.01
CA PRO A 88 7.42 -0.55 -10.84
C PRO A 88 7.27 -0.84 -12.33
N GLY A 89 6.66 0.10 -13.03
CA GLY A 89 6.43 -0.07 -14.47
C GLY A 89 4.97 -0.27 -14.80
N ALA A 90 4.15 -0.49 -13.77
CA ALA A 90 2.72 -0.70 -13.97
C ALA A 90 1.94 0.60 -13.74
N THR A 91 1.03 0.91 -14.66
CA THR A 91 0.23 2.12 -14.56
C THR A 91 -1.01 1.87 -13.69
N ASN A 92 -1.84 2.90 -13.54
CA ASN A 92 -3.05 2.81 -12.75
C ASN A 92 -3.90 1.61 -13.18
N GLU A 93 -4.01 1.40 -14.47
CA GLU A 93 -4.80 0.29 -15.01
C GLU A 93 -4.17 -1.05 -14.64
N GLU A 94 -2.84 -1.10 -14.67
CA GLU A 94 -2.14 -2.31 -14.32
C GLU A 94 -2.42 -2.66 -12.86
N VAL A 95 -2.04 -1.76 -11.96
CA VAL A 95 -2.26 -1.93 -10.54
C VAL A 95 -3.70 -2.39 -10.28
N TYR A 96 -4.65 -1.77 -10.98
CA TYR A 96 -6.07 -2.12 -10.83
C TYR A 96 -6.25 -3.63 -10.89
N ASN A 97 -5.59 -4.26 -11.86
CA ASN A 97 -5.67 -5.70 -12.03
C ASN A 97 -4.87 -6.42 -10.94
N ILE A 98 -3.74 -5.84 -10.56
CA ILE A 98 -2.89 -6.42 -9.53
C ILE A 98 -3.61 -6.46 -8.18
N ILE A 99 -3.90 -5.28 -7.64
CA ILE A 99 -4.58 -5.17 -6.36
C ILE A 99 -5.84 -6.02 -6.31
N LEU A 100 -6.73 -5.83 -7.29
CA LEU A 100 -7.97 -6.58 -7.36
C LEU A 100 -7.72 -8.07 -7.19
N GLU A 101 -6.74 -8.57 -7.93
CA GLU A 101 -6.38 -9.98 -7.86
C GLU A 101 -5.95 -10.37 -6.44
N SER A 102 -5.49 -9.38 -5.69
CA SER A 102 -5.05 -9.62 -4.32
C SER A 102 -6.18 -9.40 -3.32
N LYS A 103 -7.29 -8.82 -3.79
CA LYS A 103 -8.42 -8.56 -2.92
C LYS A 103 -9.04 -9.87 -2.43
N SER A 104 -8.88 -10.92 -3.23
CA SER A 104 -9.43 -12.23 -2.89
C SER A 104 -8.60 -12.90 -1.78
N GLU A 105 -7.35 -12.48 -1.65
CA GLU A 105 -6.46 -13.04 -0.64
C GLU A 105 -6.71 -12.37 0.72
N PRO A 106 -6.72 -13.17 1.81
CA PRO A 106 -6.95 -12.65 3.16
C PRO A 106 -5.72 -11.95 3.73
N GLN A 107 -4.62 -11.96 2.99
CA GLN A 107 -3.39 -11.32 3.44
C GLN A 107 -2.69 -10.60 2.30
N VAL A 108 -2.04 -9.49 2.62
CA VAL A 108 -1.32 -8.70 1.62
C VAL A 108 -0.02 -8.15 2.19
N GLU A 109 0.98 -8.02 1.33
CA GLU A 109 2.27 -7.49 1.73
C GLU A 109 2.63 -6.28 0.87
N ILE A 110 2.56 -5.09 1.46
CA ILE A 110 2.88 -3.87 0.73
C ILE A 110 4.13 -3.20 1.28
N ILE A 111 4.97 -2.73 0.38
CA ILE A 111 6.21 -2.06 0.76
C ILE A 111 6.21 -0.61 0.27
N VAL A 112 6.82 0.27 1.05
CA VAL A 112 6.87 1.68 0.69
C VAL A 112 8.29 2.22 0.76
N SER A 113 8.45 3.49 0.41
CA SER A 113 9.75 4.14 0.43
C SER A 113 9.61 5.64 0.68
N ARG A 114 10.07 6.08 1.85
CA ARG A 114 9.99 7.50 2.21
C ARG A 114 11.33 8.00 2.72
N GLU B 6 -8.65 12.95 -6.86
CA GLU B 6 -8.11 11.83 -7.68
C GLU B 6 -7.83 10.60 -6.83
N GLU B 7 -8.46 9.49 -7.20
CA GLU B 7 -8.27 8.24 -6.47
C GLU B 7 -7.90 7.11 -7.42
N GLY B 8 -7.50 5.97 -6.86
CA GLY B 8 -7.12 4.84 -7.67
C GLY B 8 -7.90 3.58 -7.33
N ILE B 9 -7.61 2.99 -6.18
CA ILE B 9 -8.30 1.78 -5.74
C ILE B 9 -8.58 1.81 -4.26
N TRP B 10 -9.56 1.01 -3.84
CA TRP B 10 -9.93 0.92 -2.45
C TRP B 10 -9.16 -0.21 -1.78
N ALA B 11 -8.44 0.12 -0.72
CA ALA B 11 -7.64 -0.87 -0.01
C ALA B 11 -7.53 -0.50 1.46
N HIS A 6 2.11 -10.06 12.84
CA HIS A 6 3.53 -9.63 12.97
C HIS A 6 3.65 -8.11 12.83
N PRO A 7 4.60 -7.50 13.56
CA PRO A 7 4.82 -6.06 13.51
C PRO A 7 5.54 -5.63 12.24
N VAL A 8 5.63 -4.31 12.03
CA VAL A 8 6.29 -3.77 10.85
C VAL A 8 7.67 -3.24 11.20
N THR A 9 8.57 -3.27 10.22
CA THR A 9 9.93 -2.79 10.42
C THR A 9 10.39 -1.92 9.26
N TRP A 10 11.34 -1.04 9.54
CA TRP A 10 11.88 -0.14 8.52
C TRP A 10 13.40 -0.20 8.48
N GLN A 11 13.95 -0.55 7.33
CA GLN A 11 15.40 -0.64 7.17
C GLN A 11 15.90 0.34 6.12
N PRO A 12 17.09 0.93 6.33
CA PRO A 12 17.68 1.89 5.39
C PRO A 12 17.92 1.28 4.03
N SER A 13 17.67 2.07 2.99
CA SER A 13 17.86 1.62 1.62
C SER A 13 19.31 1.24 1.37
N LYS A 14 19.60 0.79 0.15
CA LYS A 14 20.95 0.40 -0.21
C LYS A 14 21.91 1.57 -0.11
N GLU A 15 21.58 2.65 -0.80
CA GLU A 15 22.42 3.84 -0.81
C GLU A 15 22.53 4.45 0.58
N GLY A 16 21.52 4.24 1.40
CA GLY A 16 21.54 4.79 2.75
C GLY A 16 20.96 6.19 2.80
N ASP A 17 19.99 6.45 1.94
CA ASP A 17 19.36 7.77 1.89
C ASP A 17 17.84 7.64 2.02
N ARG A 18 17.30 6.49 1.68
CA ARG A 18 15.86 6.26 1.77
C ARG A 18 15.54 5.17 2.78
N LEU A 19 14.34 5.24 3.37
CA LEU A 19 13.93 4.25 4.36
C LEU A 19 12.84 3.34 3.78
N ILE A 20 13.10 2.04 3.82
CA ILE A 20 12.15 1.06 3.30
C ILE A 20 11.60 0.17 4.42
N GLY A 21 10.31 -0.14 4.33
CA GLY A 21 9.68 -0.98 5.33
C GLY A 21 8.75 -1.99 4.73
N ARG A 22 8.46 -3.06 5.46
CA ARG A 22 7.55 -4.10 4.98
C ARG A 22 6.24 -4.05 5.75
N VAL A 23 5.14 -3.81 5.04
CA VAL A 23 3.84 -3.72 5.68
C VAL A 23 2.93 -4.88 5.27
N ILE A 24 2.45 -5.61 6.27
CA ILE A 24 1.56 -6.73 6.04
C ILE A 24 0.14 -6.36 6.47
N LEU A 25 -0.80 -6.39 5.52
CA LEU A 25 -2.18 -6.02 5.81
C LEU A 25 -3.14 -7.16 5.50
N ASN A 26 -4.24 -7.20 6.23
CA ASN A 26 -5.26 -8.23 6.04
C ASN A 26 -6.65 -7.61 5.98
N LYS A 27 -7.35 -7.85 4.87
CA LYS A 27 -8.70 -7.31 4.68
C LYS A 27 -9.76 -8.37 4.94
N ARG A 28 -9.46 -9.61 4.54
CA ARG A 28 -10.40 -10.71 4.73
C ARG A 28 -10.90 -10.78 6.17
N THR A 29 -10.06 -10.35 7.10
CA THR A 29 -10.41 -10.36 8.52
C THR A 29 -11.16 -9.10 8.93
N THR A 30 -12.23 -9.26 9.68
CA THR A 30 -13.03 -8.13 10.14
C THR A 30 -12.38 -7.46 11.34
N MET A 31 -12.54 -6.14 11.44
CA MET A 31 -11.96 -5.39 12.55
C MET A 31 -12.63 -5.77 13.87
N PRO A 32 -11.85 -5.88 14.96
CA PRO A 32 -12.37 -6.24 16.28
C PRO A 32 -13.11 -5.08 16.94
N LYS A 33 -12.71 -3.85 16.62
CA LYS A 33 -13.33 -2.67 17.20
C LYS A 33 -14.40 -2.10 16.28
N GLU A 34 -14.23 -2.29 14.97
CA GLU A 34 -15.18 -1.80 13.99
C GLU A 34 -15.28 -2.76 12.80
N SER A 35 -15.83 -2.27 11.69
CA SER A 35 -15.99 -3.09 10.50
C SER A 35 -14.84 -2.85 9.53
N GLY A 36 -14.89 -1.73 8.81
CA GLY A 36 -13.85 -1.41 7.85
C GLY A 36 -14.28 -1.66 6.42
N ALA A 37 -13.51 -1.12 5.47
CA ALA A 37 -13.83 -1.29 4.05
C ALA A 37 -12.98 -2.40 3.44
N LEU A 38 -11.67 -2.21 3.47
CA LEU A 38 -10.74 -3.20 2.93
C LEU A 38 -9.68 -3.57 3.95
N LEU A 39 -8.66 -2.72 4.08
CA LEU A 39 -7.59 -2.97 5.06
C LEU A 39 -7.29 -1.71 5.87
N GLY A 40 -7.22 -0.55 5.22
CA GLY A 40 -6.97 0.67 5.98
C GLY A 40 -6.45 1.87 5.17
N LEU A 41 -6.35 1.76 3.85
CA LEU A 41 -5.86 2.89 3.06
C LEU A 41 -6.23 2.81 1.59
N LYS A 42 -6.40 3.96 0.96
CA LYS A 42 -6.74 4.03 -0.46
C LYS A 42 -5.48 4.36 -1.26
N VAL A 43 -5.19 3.59 -2.30
CA VAL A 43 -4.00 3.83 -3.10
C VAL A 43 -4.33 4.32 -4.50
N VAL A 44 -3.39 5.06 -5.08
CA VAL A 44 -3.53 5.59 -6.42
C VAL A 44 -2.34 5.18 -7.28
N GLY A 45 -2.62 4.55 -8.42
CA GLY A 45 -1.55 4.11 -9.30
C GLY A 45 -1.48 4.93 -10.57
N GLY A 46 -0.41 4.72 -11.34
CA GLY A 46 -0.24 5.44 -12.58
C GLY A 46 0.10 6.90 -12.38
N LYS A 47 1.06 7.17 -11.50
CA LYS A 47 1.48 8.53 -11.21
C LYS A 47 2.92 8.76 -11.65
N MET A 48 3.08 9.23 -12.89
CA MET A 48 4.42 9.49 -13.44
C MET A 48 5.17 10.49 -12.57
N THR A 49 6.30 10.06 -12.03
CA THR A 49 7.13 10.92 -11.19
C THR A 49 8.19 11.64 -12.02
N ASP A 50 9.01 12.44 -11.34
CA ASP A 50 10.07 13.18 -12.02
C ASP A 50 11.21 12.27 -12.45
N LEU A 51 11.18 11.02 -12.00
CA LEU A 51 12.21 10.05 -12.36
C LEU A 51 11.90 9.39 -13.70
N GLY A 52 10.61 9.24 -13.99
CA GLY A 52 10.20 8.63 -15.23
C GLY A 52 9.64 7.23 -15.04
N ARG A 53 9.17 6.94 -13.83
CA ARG A 53 8.59 5.64 -13.52
C ARG A 53 7.23 5.78 -12.85
N LEU A 54 6.33 4.86 -13.16
CA LEU A 54 4.99 4.88 -12.59
C LEU A 54 4.95 4.15 -11.26
N GLY A 55 4.15 4.67 -10.33
CA GLY A 55 4.04 4.06 -9.02
C GLY A 55 2.66 4.23 -8.41
N ALA A 56 2.56 3.98 -7.10
CA ALA A 56 1.30 4.12 -6.39
C ALA A 56 1.43 5.05 -5.19
N PHE A 57 0.34 5.74 -4.84
CA PHE A 57 0.36 6.65 -3.71
C PHE A 57 -0.94 6.56 -2.91
N ILE A 58 -0.82 6.57 -1.58
CA ILE A 58 -1.98 6.49 -0.71
C ILE A 58 -2.75 7.81 -0.71
N THR A 59 -4.01 7.76 -1.13
CA THR A 59 -4.84 8.97 -1.16
C THR A 59 -5.41 9.27 0.21
N LYS A 60 -5.67 8.23 1.00
CA LYS A 60 -6.23 8.41 2.34
C LYS A 60 -6.06 7.15 3.19
N VAL A 61 -6.04 7.33 4.50
CA VAL A 61 -5.90 6.23 5.45
C VAL A 61 -7.00 6.26 6.51
N LYS A 62 -7.63 5.11 6.74
CA LYS A 62 -8.69 5.01 7.72
C LYS A 62 -8.10 4.86 9.13
N LYS A 63 -8.19 5.94 9.91
CA LYS A 63 -7.66 5.95 11.27
C LYS A 63 -8.32 4.88 12.13
N GLY A 64 -7.59 3.80 12.39
CA GLY A 64 -8.12 2.72 13.20
C GLY A 64 -8.07 1.38 12.48
N SER A 65 -8.11 1.42 11.15
CA SER A 65 -8.07 0.21 10.35
C SER A 65 -6.74 -0.50 10.51
N LEU A 66 -6.64 -1.71 9.96
CA LEU A 66 -5.42 -2.49 10.04
C LEU A 66 -4.22 -1.73 9.48
N ALA A 67 -4.39 -1.22 8.27
CA ALA A 67 -3.32 -0.48 7.59
C ALA A 67 -2.69 0.57 8.51
N ASP A 68 -3.51 1.15 9.38
CA ASP A 68 -3.04 2.18 10.29
C ASP A 68 -2.33 1.57 11.50
N VAL A 69 -2.98 0.60 12.13
CA VAL A 69 -2.43 -0.05 13.32
C VAL A 69 -1.25 -0.96 12.99
N VAL A 70 -1.43 -1.85 12.01
CA VAL A 70 -0.36 -2.78 11.63
C VAL A 70 0.56 -2.17 10.58
N GLY A 71 0.02 -1.30 9.74
CA GLY A 71 0.82 -0.67 8.70
C GLY A 71 1.42 0.64 9.17
N HIS A 72 0.58 1.52 9.69
CA HIS A 72 1.02 2.83 10.18
C HIS A 72 1.60 3.68 9.05
N LEU A 73 0.75 4.14 8.16
CA LEU A 73 1.17 4.99 7.05
C LEU A 73 0.17 6.13 6.84
N ARG A 74 0.49 7.04 5.94
CA ARG A 74 -0.39 8.16 5.67
C ARG A 74 -0.50 8.43 4.18
N ALA A 75 -1.57 9.14 3.79
CA ALA A 75 -1.79 9.47 2.39
C ALA A 75 -0.59 10.21 1.82
N GLY A 76 -0.03 9.66 0.75
CA GLY A 76 1.14 10.28 0.13
C GLY A 76 2.28 9.30 0.01
N ASP A 77 2.28 8.28 0.85
CA ASP A 77 3.33 7.26 0.82
C ASP A 77 3.33 6.53 -0.51
N GLU A 78 4.52 6.22 -1.00
CA GLU A 78 4.66 5.53 -2.28
C GLU A 78 4.90 4.03 -2.07
N VAL A 79 3.92 3.23 -2.42
CA VAL A 79 4.04 1.77 -2.28
C VAL A 79 4.55 1.15 -3.57
N LEU A 80 5.84 0.87 -3.61
CA LEU A 80 6.46 0.26 -4.80
C LEU A 80 6.20 -1.24 -4.85
N GLU A 81 5.51 -1.76 -3.83
CA GLU A 81 5.21 -3.19 -3.77
C GLU A 81 3.82 -3.45 -3.21
N TRP A 82 3.01 -4.19 -3.95
CA TRP A 82 1.67 -4.53 -3.52
C TRP A 82 1.42 -6.03 -3.69
N ASN A 83 1.24 -6.72 -2.56
CA ASN A 83 1.01 -8.16 -2.60
C ASN A 83 2.24 -8.90 -3.12
N GLY A 84 3.41 -8.38 -2.76
CA GLY A 84 4.65 -9.00 -3.18
C GLY A 84 4.95 -8.82 -4.66
N LYS A 85 4.29 -7.86 -5.31
CA LYS A 85 4.51 -7.61 -6.72
C LYS A 85 5.21 -6.28 -6.94
N PRO A 86 6.09 -6.19 -7.94
CA PRO A 86 6.76 -4.95 -8.26
C PRO A 86 5.87 -4.03 -9.07
N LEU A 87 5.58 -2.87 -8.51
CA LEU A 87 4.72 -1.89 -9.16
C LEU A 87 5.50 -0.93 -10.07
N PRO A 88 6.77 -0.60 -9.74
CA PRO A 88 7.57 0.31 -10.56
C PRO A 88 7.42 0.05 -12.05
N GLY A 89 6.76 0.97 -12.74
CA GLY A 89 6.54 0.83 -14.17
C GLY A 89 5.10 0.47 -14.50
N ALA A 90 4.30 0.19 -13.49
CA ALA A 90 2.90 -0.16 -13.68
C ALA A 90 2.02 1.08 -13.66
N THR A 91 1.16 1.21 -14.67
CA THR A 91 0.26 2.36 -14.76
C THR A 91 -1.02 2.10 -13.97
N ASN A 92 -1.93 3.07 -14.01
CA ASN A 92 -3.20 2.97 -13.29
C ASN A 92 -3.84 1.60 -13.49
N GLU A 93 -4.10 1.25 -14.75
CA GLU A 93 -4.74 -0.03 -15.07
C GLU A 93 -3.90 -1.21 -14.58
N GLU A 94 -2.59 -1.05 -14.59
CA GLU A 94 -1.70 -2.13 -14.12
C GLU A 94 -1.97 -2.39 -12.65
N VAL A 95 -1.74 -1.37 -11.83
CA VAL A 95 -1.96 -1.46 -10.39
C VAL A 95 -3.31 -2.10 -10.08
N TYR A 96 -4.34 -1.66 -10.80
CA TYR A 96 -5.69 -2.20 -10.61
C TYR A 96 -5.69 -3.71 -10.59
N ASN A 97 -4.97 -4.30 -11.54
CA ASN A 97 -4.87 -5.76 -11.64
C ASN A 97 -4.24 -6.34 -10.39
N ILE A 98 -3.29 -5.60 -9.81
CA ILE A 98 -2.61 -6.05 -8.60
C ILE A 98 -3.57 -6.08 -7.42
N ILE A 99 -4.08 -4.91 -7.03
CA ILE A 99 -5.00 -4.82 -5.91
C ILE A 99 -6.18 -5.77 -6.09
N LEU A 100 -6.92 -5.60 -7.18
CA LEU A 100 -8.08 -6.46 -7.45
C LEU A 100 -7.73 -7.93 -7.25
N GLU A 101 -6.62 -8.34 -7.85
CA GLU A 101 -6.16 -9.72 -7.74
C GLU A 101 -5.86 -10.09 -6.29
N SER A 102 -5.55 -9.07 -5.48
CA SER A 102 -5.23 -9.29 -4.07
C SER A 102 -6.42 -8.98 -3.17
N LYS A 103 -7.45 -8.35 -3.71
CA LYS A 103 -8.64 -8.01 -2.93
C LYS A 103 -9.33 -9.27 -2.40
N SER A 104 -9.02 -10.40 -3.02
CA SER A 104 -9.62 -11.68 -2.61
C SER A 104 -8.65 -12.48 -1.75
N GLU A 105 -7.38 -12.07 -1.74
CA GLU A 105 -6.35 -12.76 -0.96
C GLU A 105 -6.59 -12.55 0.54
N PRO A 106 -6.42 -13.60 1.35
CA PRO A 106 -6.62 -13.51 2.81
C PRO A 106 -5.66 -12.55 3.48
N GLN A 107 -4.62 -12.14 2.76
CA GLN A 107 -3.63 -11.22 3.31
C GLN A 107 -2.90 -10.47 2.20
N VAL A 108 -2.24 -9.36 2.58
CA VAL A 108 -1.51 -8.55 1.62
C VAL A 108 -0.19 -8.06 2.22
N GLU A 109 0.78 -7.84 1.35
CA GLU A 109 2.09 -7.35 1.76
C GLU A 109 2.50 -6.15 0.90
N ILE A 110 2.51 -4.96 1.51
CA ILE A 110 2.86 -3.75 0.78
C ILE A 110 4.12 -3.09 1.34
N ILE A 111 4.96 -2.61 0.44
CA ILE A 111 6.20 -1.95 0.81
C ILE A 111 6.20 -0.51 0.32
N VAL A 112 6.83 0.39 1.08
CA VAL A 112 6.88 1.79 0.71
C VAL A 112 8.30 2.33 0.78
N SER A 113 8.45 3.62 0.45
CA SER A 113 9.76 4.27 0.47
C SER A 113 9.62 5.73 0.87
N ARG A 114 10.16 6.07 2.04
CA ARG A 114 10.10 7.43 2.54
C ARG A 114 11.20 8.29 1.93
N GLU B 6 -9.76 11.76 -9.38
CA GLU B 6 -8.55 11.25 -8.67
C GLU B 6 -8.79 9.86 -8.08
N GLU B 7 -7.95 9.48 -7.13
CA GLU B 7 -8.07 8.17 -6.50
C GLU B 7 -7.90 7.06 -7.52
N GLY B 8 -7.71 5.83 -7.04
CA GLY B 8 -7.52 4.71 -7.95
C GLY B 8 -8.10 3.40 -7.43
N ILE B 9 -7.69 2.99 -6.23
CA ILE B 9 -8.15 1.72 -5.68
C ILE B 9 -8.56 1.85 -4.21
N TRP B 10 -9.42 0.92 -3.78
CA TRP B 10 -9.88 0.88 -2.40
C TRP B 10 -9.18 -0.24 -1.65
N ALA B 11 -8.36 0.13 -0.67
CA ALA B 11 -7.63 -0.87 0.11
C ALA B 11 -7.47 -0.41 1.55
N HIS A 6 1.39 -9.33 12.87
CA HIS A 6 2.86 -9.12 12.87
C HIS A 6 3.19 -7.64 12.73
N PRO A 7 4.25 -7.16 13.41
CA PRO A 7 4.67 -5.77 13.36
C PRO A 7 5.38 -5.42 12.05
N VAL A 8 5.64 -4.13 11.85
CA VAL A 8 6.31 -3.68 10.64
C VAL A 8 7.72 -3.17 10.95
N THR A 9 8.60 -3.28 9.97
CA THR A 9 9.98 -2.83 10.14
C THR A 9 10.45 -2.01 8.94
N TRP A 10 11.42 -1.14 9.18
CA TRP A 10 11.97 -0.29 8.13
C TRP A 10 13.50 -0.33 8.14
N GLN A 11 14.09 -0.56 6.97
CA GLN A 11 15.54 -0.62 6.85
C GLN A 11 16.04 0.38 5.81
N PRO A 12 17.35 0.68 5.83
CA PRO A 12 17.96 1.63 4.89
C PRO A 12 17.74 1.21 3.44
N SER A 13 17.35 2.18 2.62
CA SER A 13 17.11 1.94 1.20
C SER A 13 18.37 1.43 0.51
N LYS A 14 18.27 1.25 -0.80
CA LYS A 14 19.40 0.78 -1.60
C LYS A 14 20.36 1.92 -1.95
N GLU A 15 19.95 3.15 -1.66
CA GLU A 15 20.78 4.32 -1.95
C GLU A 15 21.43 4.86 -0.67
N GLY A 16 20.89 4.47 0.48
CA GLY A 16 21.43 4.94 1.74
C GLY A 16 20.91 6.31 2.14
N ASP A 17 19.89 6.78 1.44
CA ASP A 17 19.31 8.09 1.72
C ASP A 17 17.80 7.99 1.97
N ARG A 18 17.25 6.79 1.81
CA ARG A 18 15.81 6.58 2.01
C ARG A 18 15.57 5.42 2.97
N LEU A 19 14.38 5.40 3.59
CA LEU A 19 14.02 4.34 4.52
C LEU A 19 12.87 3.50 3.97
N ILE A 20 13.16 2.24 3.69
CA ILE A 20 12.15 1.32 3.16
C ILE A 20 11.60 0.42 4.25
N GLY A 21 10.31 0.11 4.16
CA GLY A 21 9.67 -0.74 5.15
C GLY A 21 8.74 -1.75 4.53
N ARG A 22 8.41 -2.81 5.28
CA ARG A 22 7.51 -3.84 4.80
C ARG A 22 6.22 -3.82 5.61
N VAL A 23 5.09 -3.64 4.94
CA VAL A 23 3.80 -3.59 5.63
C VAL A 23 2.88 -4.72 5.19
N ILE A 24 2.29 -5.40 6.17
CA ILE A 24 1.37 -6.50 5.91
C ILE A 24 -0.03 -6.12 6.37
N LEU A 25 -0.99 -6.16 5.46
CA LEU A 25 -2.37 -5.81 5.78
C LEU A 25 -3.32 -6.97 5.46
N ASN A 26 -4.41 -7.05 6.22
CA ASN A 26 -5.40 -8.10 6.03
C ASN A 26 -6.79 -7.48 5.86
N LYS A 27 -7.51 -7.92 4.83
CA LYS A 27 -8.85 -7.39 4.58
C LYS A 27 -9.94 -8.39 4.98
N ARG A 28 -9.66 -9.67 4.76
CA ARG A 28 -10.61 -10.72 5.10
C ARG A 28 -10.91 -10.72 6.60
N THR A 29 -9.95 -10.23 7.39
CA THR A 29 -10.12 -10.18 8.83
C THR A 29 -10.87 -8.92 9.25
N THR A 30 -11.84 -9.08 10.14
CA THR A 30 -12.64 -7.95 10.61
C THR A 30 -11.86 -7.12 11.64
N MET A 31 -12.03 -5.81 11.60
CA MET A 31 -11.35 -4.92 12.53
C MET A 31 -12.10 -4.85 13.86
N PRO A 32 -11.46 -4.28 14.89
CA PRO A 32 -12.07 -4.14 16.22
C PRO A 32 -13.34 -3.29 16.18
N LYS A 33 -13.37 -2.35 15.23
CA LYS A 33 -14.52 -1.47 15.08
C LYS A 33 -15.45 -1.96 13.96
N GLU A 34 -14.85 -2.51 12.92
CA GLU A 34 -15.62 -3.02 11.78
C GLU A 34 -16.40 -1.90 11.11
N SER A 35 -15.69 -0.96 10.51
CA SER A 35 -16.31 0.17 9.83
C SER A 35 -15.64 0.46 8.48
N GLY A 36 -14.41 -0.02 8.31
CA GLY A 36 -13.69 0.20 7.07
C GLY A 36 -14.37 -0.41 5.87
N ALA A 37 -13.63 -1.18 5.09
CA ALA A 37 -14.18 -1.81 3.90
C ALA A 37 -13.19 -2.80 3.29
N LEU A 38 -11.91 -2.44 3.28
CA LEU A 38 -10.87 -3.30 2.72
C LEU A 38 -9.81 -3.63 3.78
N LEU A 39 -8.78 -2.80 3.90
CA LEU A 39 -7.73 -3.04 4.88
C LEU A 39 -7.54 -1.82 5.79
N GLY A 40 -7.57 -0.62 5.21
CA GLY A 40 -7.43 0.58 6.01
C GLY A 40 -6.84 1.78 5.28
N LEU A 41 -6.66 1.69 3.97
CA LEU A 41 -6.10 2.83 3.23
C LEU A 41 -6.41 2.74 1.73
N LYS A 42 -6.57 3.90 1.10
CA LYS A 42 -6.86 3.97 -0.32
C LYS A 42 -5.58 4.33 -1.08
N VAL A 43 -5.26 3.56 -2.12
CA VAL A 43 -4.04 3.80 -2.88
C VAL A 43 -4.34 4.23 -4.31
N VAL A 44 -3.38 4.94 -4.90
CA VAL A 44 -3.50 5.43 -6.26
C VAL A 44 -2.28 5.01 -7.09
N GLY A 45 -2.53 4.34 -8.20
CA GLY A 45 -1.44 3.92 -9.06
C GLY A 45 -1.31 4.76 -10.30
N GLY A 46 -0.20 4.59 -11.02
CA GLY A 46 0.03 5.35 -12.23
C GLY A 46 0.50 6.78 -11.96
N LYS A 47 1.28 6.94 -10.90
CA LYS A 47 1.80 8.26 -10.54
C LYS A 47 3.27 8.39 -10.89
N MET A 48 3.55 8.94 -12.06
CA MET A 48 4.92 9.12 -12.52
C MET A 48 5.70 10.00 -11.54
N THR A 49 6.68 9.39 -10.86
CA THR A 49 7.51 10.12 -9.91
C THR A 49 8.71 10.74 -10.58
N ASP A 50 9.57 11.39 -9.79
CA ASP A 50 10.77 12.03 -10.32
C ASP A 50 11.76 10.99 -10.83
N LEU A 51 11.58 9.74 -10.44
CA LEU A 51 12.47 8.66 -10.87
C LEU A 51 12.25 8.33 -12.34
N GLY A 52 11.04 8.55 -12.82
CA GLY A 52 10.73 8.28 -14.21
C GLY A 52 9.87 7.03 -14.39
N ARG A 53 9.31 6.54 -13.29
CA ARG A 53 8.47 5.35 -13.32
C ARG A 53 7.15 5.58 -12.60
N LEU A 54 6.21 4.67 -12.78
CA LEU A 54 4.90 4.78 -12.14
C LEU A 54 4.88 4.02 -10.82
N GLY A 55 4.06 4.49 -9.89
CA GLY A 55 3.96 3.84 -8.59
C GLY A 55 2.58 4.01 -7.97
N ALA A 56 2.47 3.63 -6.70
CA ALA A 56 1.21 3.73 -5.98
C ALA A 56 1.32 4.71 -4.82
N PHE A 57 0.29 5.53 -4.61
CA PHE A 57 0.30 6.50 -3.53
C PHE A 57 -0.99 6.41 -2.72
N ILE A 58 -0.87 6.40 -1.39
CA ILE A 58 -2.03 6.32 -0.51
C ILE A 58 -2.77 7.66 -0.46
N THR A 59 -4.03 7.64 -0.91
CA THR A 59 -4.84 8.84 -0.92
C THR A 59 -5.39 9.17 0.48
N LYS A 60 -5.64 8.13 1.27
CA LYS A 60 -6.17 8.33 2.61
C LYS A 60 -6.13 7.03 3.43
N VAL A 61 -6.08 7.19 4.76
CA VAL A 61 -6.04 6.04 5.66
C VAL A 61 -7.17 6.13 6.68
N LYS A 62 -7.89 5.03 6.86
CA LYS A 62 -8.99 4.99 7.81
C LYS A 62 -8.47 4.96 9.25
N LYS A 63 -8.70 6.04 9.97
CA LYS A 63 -8.25 6.13 11.37
C LYS A 63 -8.85 5.02 12.21
N GLY A 64 -8.07 3.96 12.44
CA GLY A 64 -8.55 2.84 13.24
C GLY A 64 -8.51 1.53 12.49
N SER A 65 -8.50 1.60 11.17
CA SER A 65 -8.45 0.41 10.33
C SER A 65 -7.11 -0.31 10.48
N LEU A 66 -7.01 -1.49 9.85
CA LEU A 66 -5.78 -2.27 9.91
C LEU A 66 -4.60 -1.48 9.37
N ALA A 67 -4.76 -0.94 8.16
CA ALA A 67 -3.70 -0.16 7.51
C ALA A 67 -3.11 0.88 8.46
N ASP A 68 -3.93 1.34 9.41
CA ASP A 68 -3.49 2.34 10.37
C ASP A 68 -2.83 1.70 11.59
N VAL A 69 -3.54 0.76 12.19
CA VAL A 69 -3.05 0.07 13.39
C VAL A 69 -1.90 -0.89 13.06
N VAL A 70 -2.15 -1.82 12.14
CA VAL A 70 -1.12 -2.79 11.76
C VAL A 70 -0.22 -2.26 10.65
N GLY A 71 -0.79 -1.44 9.77
CA GLY A 71 -0.01 -0.88 8.68
C GLY A 71 0.90 0.24 9.15
N HIS A 72 0.31 1.27 9.73
CA HIS A 72 1.07 2.41 10.25
C HIS A 72 1.59 3.30 9.12
N LEU A 73 0.69 3.78 8.26
CA LEU A 73 1.08 4.66 7.17
C LEU A 73 0.06 5.79 7.02
N ARG A 74 0.36 6.74 6.15
CA ARG A 74 -0.52 7.88 5.93
C ARG A 74 -0.60 8.24 4.45
N ALA A 75 -1.63 9.00 4.09
CA ALA A 75 -1.81 9.42 2.71
C ALA A 75 -0.59 10.17 2.20
N GLY A 76 -0.03 9.68 1.10
CA GLY A 76 1.15 10.31 0.53
C GLY A 76 2.29 9.33 0.36
N ASP A 77 2.25 8.23 1.12
CA ASP A 77 3.29 7.21 1.05
C ASP A 77 3.26 6.51 -0.30
N GLU A 78 4.45 6.22 -0.84
CA GLU A 78 4.55 5.55 -2.13
C GLU A 78 4.80 4.06 -1.96
N VAL A 79 3.82 3.25 -2.35
CA VAL A 79 3.95 1.80 -2.25
C VAL A 79 4.47 1.21 -3.54
N LEU A 80 5.74 0.80 -3.54
CA LEU A 80 6.35 0.22 -4.72
C LEU A 80 6.07 -1.29 -4.81
N GLU A 81 5.32 -1.81 -3.84
CA GLU A 81 4.99 -3.23 -3.81
C GLU A 81 3.61 -3.49 -3.24
N TRP A 82 2.80 -4.24 -3.97
CA TRP A 82 1.44 -4.56 -3.54
C TRP A 82 1.19 -6.06 -3.67
N ASN A 83 0.98 -6.73 -2.54
CA ASN A 83 0.72 -8.17 -2.55
C ASN A 83 1.97 -8.94 -2.97
N GLY A 84 3.13 -8.47 -2.52
CA GLY A 84 4.38 -9.14 -2.86
C GLY A 84 4.76 -9.00 -4.31
N LYS A 85 4.15 -8.04 -5.02
CA LYS A 85 4.45 -7.82 -6.42
C LYS A 85 5.12 -6.48 -6.63
N PRO A 86 6.01 -6.38 -7.63
CA PRO A 86 6.68 -5.11 -7.92
C PRO A 86 5.78 -4.20 -8.75
N LEU A 87 5.46 -3.05 -8.18
CA LEU A 87 4.61 -2.07 -8.84
C LEU A 87 5.40 -1.08 -9.70
N PRO A 88 6.67 -0.76 -9.39
CA PRO A 88 7.45 0.20 -10.18
C PRO A 88 7.36 -0.09 -11.68
N GLY A 89 6.77 0.85 -12.42
CA GLY A 89 6.63 0.68 -13.85
C GLY A 89 5.20 0.38 -14.26
N ALA A 90 4.35 0.08 -13.29
CA ALA A 90 2.95 -0.24 -13.56
C ALA A 90 2.07 1.01 -13.48
N THR A 91 1.16 1.14 -14.44
CA THR A 91 0.26 2.29 -14.47
C THR A 91 -1.03 1.99 -13.71
N ASN A 92 -1.94 2.97 -13.69
CA ASN A 92 -3.21 2.81 -12.99
C ASN A 92 -3.89 1.49 -13.33
N GLU A 93 -3.92 1.15 -14.61
CA GLU A 93 -4.55 -0.09 -15.06
C GLU A 93 -3.78 -1.30 -14.56
N GLU A 94 -2.46 -1.19 -14.52
CA GLU A 94 -1.63 -2.29 -14.05
C GLU A 94 -1.97 -2.58 -12.59
N VAL A 95 -1.75 -1.58 -11.74
CA VAL A 95 -2.05 -1.69 -10.32
C VAL A 95 -3.43 -2.30 -10.11
N TYR A 96 -4.41 -1.82 -10.86
CA TYR A 96 -5.77 -2.32 -10.76
C TYR A 96 -5.79 -3.84 -10.74
N ASN A 97 -4.99 -4.44 -11.62
CA ASN A 97 -4.91 -5.89 -11.71
C ASN A 97 -4.26 -6.47 -10.45
N ILE A 98 -3.16 -5.85 -10.01
CA ILE A 98 -2.45 -6.29 -8.83
C ILE A 98 -3.33 -6.19 -7.58
N ILE A 99 -3.94 -5.02 -7.39
CA ILE A 99 -4.81 -4.81 -6.23
C ILE A 99 -5.95 -5.81 -6.22
N LEU A 100 -6.82 -5.72 -7.21
CA LEU A 100 -7.95 -6.63 -7.33
C LEU A 100 -7.54 -8.08 -7.09
N GLU A 101 -6.49 -8.50 -7.79
CA GLU A 101 -5.98 -9.86 -7.65
C GLU A 101 -5.59 -10.15 -6.20
N SER A 102 -5.17 -9.10 -5.50
CA SER A 102 -4.77 -9.23 -4.10
C SER A 102 -5.96 -9.03 -3.16
N LYS A 103 -7.06 -8.49 -3.70
CA LYS A 103 -8.26 -8.25 -2.90
C LYS A 103 -8.91 -9.56 -2.51
N SER A 104 -8.68 -10.61 -3.31
CA SER A 104 -9.26 -11.92 -3.04
C SER A 104 -8.48 -12.65 -1.95
N GLU A 105 -7.20 -12.33 -1.81
CA GLU A 105 -6.36 -12.95 -0.80
C GLU A 105 -6.73 -12.46 0.60
N PRO A 106 -6.65 -13.34 1.61
CA PRO A 106 -6.98 -12.99 3.00
C PRO A 106 -5.90 -12.13 3.66
N GLN A 107 -4.79 -11.94 2.97
CA GLN A 107 -3.69 -11.14 3.49
C GLN A 107 -2.97 -10.41 2.37
N VAL A 108 -2.27 -9.32 2.71
CA VAL A 108 -1.53 -8.54 1.73
C VAL A 108 -0.20 -8.06 2.28
N GLU A 109 0.75 -7.85 1.38
CA GLU A 109 2.08 -7.37 1.74
C GLU A 109 2.45 -6.17 0.88
N ILE A 110 2.45 -4.99 1.48
CA ILE A 110 2.78 -3.77 0.76
C ILE A 110 4.04 -3.11 1.29
N ILE A 111 4.88 -2.66 0.38
CA ILE A 111 6.13 -2.01 0.75
C ILE A 111 6.14 -0.55 0.29
N VAL A 112 6.76 0.32 1.06
CA VAL A 112 6.82 1.74 0.72
C VAL A 112 8.24 2.28 0.82
N SER A 113 8.38 3.57 0.51
CA SER A 113 9.69 4.23 0.55
C SER A 113 9.55 5.67 1.04
N ARG A 114 9.93 5.91 2.29
CA ARG A 114 9.84 7.24 2.87
C ARG A 114 11.24 7.80 3.15
N GLU B 6 -7.62 12.67 -7.02
CA GLU B 6 -7.88 11.46 -7.86
C GLU B 6 -7.59 10.18 -7.08
N GLU B 7 -8.50 9.22 -7.16
CA GLU B 7 -8.35 7.95 -6.47
C GLU B 7 -8.00 6.83 -7.45
N GLY B 8 -7.59 5.68 -6.92
CA GLY B 8 -7.24 4.56 -7.76
C GLY B 8 -7.93 3.27 -7.33
N ILE B 9 -7.52 2.75 -6.18
CA ILE B 9 -8.10 1.52 -5.67
C ILE B 9 -8.48 1.67 -4.21
N TRP B 10 -9.45 0.88 -3.77
CA TRP B 10 -9.91 0.91 -2.39
C TRP B 10 -9.22 -0.18 -1.59
N ALA B 11 -8.53 0.22 -0.53
CA ALA B 11 -7.82 -0.72 0.32
C ALA B 11 -7.90 -0.27 1.78
N HIS A 6 1.29 -10.23 12.30
CA HIS A 6 2.59 -9.97 11.62
C HIS A 6 3.02 -8.51 11.80
N PRO A 7 4.07 -8.27 12.61
CA PRO A 7 4.56 -6.91 12.86
C PRO A 7 5.23 -6.32 11.63
N VAL A 8 5.56 -5.03 11.72
CA VAL A 8 6.21 -4.33 10.61
C VAL A 8 7.56 -3.79 11.02
N THR A 9 8.47 -3.70 10.06
CA THR A 9 9.81 -3.19 10.31
C THR A 9 10.28 -2.27 9.19
N TRP A 10 11.23 -1.41 9.51
CA TRP A 10 11.78 -0.46 8.55
C TRP A 10 13.30 -0.49 8.53
N GLN A 11 13.88 -0.64 7.35
CA GLN A 11 15.33 -0.68 7.21
C GLN A 11 15.79 0.28 6.10
N PRO A 12 16.94 0.95 6.30
CA PRO A 12 17.48 1.89 5.31
C PRO A 12 17.78 1.21 3.98
N SER A 13 17.80 2.00 2.92
CA SER A 13 18.09 1.49 1.58
C SER A 13 19.51 0.98 1.50
N LYS A 14 19.90 0.50 0.32
CA LYS A 14 21.24 -0.02 0.12
C LYS A 14 22.27 1.09 0.23
N GLU A 15 22.05 2.19 -0.47
CA GLU A 15 22.96 3.32 -0.45
C GLU A 15 23.05 3.94 0.94
N GLY A 16 21.99 3.80 1.72
CA GLY A 16 21.98 4.35 3.06
C GLY A 16 21.46 5.77 3.09
N ASP A 17 20.52 6.07 2.20
CA ASP A 17 19.93 7.41 2.12
C ASP A 17 18.41 7.34 2.21
N ARG A 18 17.84 6.21 1.84
CA ARG A 18 16.39 6.03 1.87
C ARG A 18 15.98 5.03 2.96
N LEU A 19 14.69 4.98 3.26
CA LEU A 19 14.18 4.07 4.28
C LEU A 19 13.04 3.22 3.72
N ILE A 20 13.24 1.91 3.69
CA ILE A 20 12.23 0.99 3.18
C ILE A 20 11.72 0.06 4.28
N GLY A 21 10.42 -0.21 4.24
CA GLY A 21 9.82 -1.10 5.23
C GLY A 21 8.83 -2.06 4.61
N ARG A 22 8.51 -3.13 5.34
CA ARG A 22 7.56 -4.13 4.87
C ARG A 22 6.23 -3.99 5.60
N VAL A 23 5.16 -3.70 4.86
CA VAL A 23 3.85 -3.53 5.47
C VAL A 23 2.91 -4.68 5.12
N ILE A 24 2.47 -5.40 6.15
CA ILE A 24 1.56 -6.51 5.98
C ILE A 24 0.15 -6.13 6.42
N LEU A 25 -0.80 -6.20 5.49
CA LEU A 25 -2.18 -5.85 5.78
C LEU A 25 -3.11 -7.03 5.50
N ASN A 26 -4.20 -7.11 6.25
CA ASN A 26 -5.17 -8.18 6.09
C ASN A 26 -6.59 -7.64 6.05
N LYS A 27 -7.41 -8.18 5.15
CA LYS A 27 -8.80 -7.74 5.02
C LYS A 27 -9.74 -8.74 5.69
N ARG A 28 -9.36 -10.01 5.68
CA ARG A 28 -10.17 -11.06 6.29
C ARG A 28 -10.11 -10.99 7.82
N THR A 29 -8.99 -10.50 8.34
CA THR A 29 -8.81 -10.37 9.78
C THR A 29 -9.89 -9.49 10.39
N THR A 30 -10.51 -8.64 9.56
CA THR A 30 -11.55 -7.75 10.02
C THR A 30 -11.02 -6.78 11.06
N MET A 31 -11.74 -5.69 11.29
CA MET A 31 -11.33 -4.68 12.25
C MET A 31 -12.12 -4.80 13.55
N PRO A 32 -11.65 -4.16 14.62
CA PRO A 32 -12.31 -4.18 15.92
C PRO A 32 -13.54 -3.29 15.97
N LYS A 33 -13.60 -2.32 15.05
CA LYS A 33 -14.72 -1.40 14.99
C LYS A 33 -15.95 -2.05 14.36
N GLU A 34 -15.74 -2.82 13.31
CA GLU A 34 -16.85 -3.50 12.63
C GLU A 34 -16.36 -4.32 11.44
N SER A 35 -15.75 -3.64 10.47
CA SER A 35 -15.24 -4.32 9.28
C SER A 35 -14.49 -3.34 8.37
N GLY A 36 -14.98 -2.10 8.31
CA GLY A 36 -14.34 -1.09 7.49
C GLY A 36 -14.70 -1.23 6.02
N ALA A 37 -13.84 -1.87 5.25
CA ALA A 37 -14.07 -2.05 3.83
C ALA A 37 -13.10 -3.04 3.22
N LEU A 38 -11.82 -2.66 3.16
CA LEU A 38 -10.79 -3.51 2.59
C LEU A 38 -9.72 -3.87 3.64
N LEU A 39 -8.77 -2.97 3.85
CA LEU A 39 -7.71 -3.20 4.84
C LEU A 39 -7.53 -1.99 5.76
N GLY A 40 -7.41 -0.79 5.18
CA GLY A 40 -7.27 0.39 6.01
C GLY A 40 -6.70 1.64 5.31
N LEU A 41 -6.60 1.63 3.99
CA LEU A 41 -6.06 2.81 3.29
C LEU A 41 -6.43 2.83 1.81
N LYS A 42 -6.48 4.03 1.23
CA LYS A 42 -6.81 4.17 -0.18
C LYS A 42 -5.54 4.50 -0.97
N VAL A 43 -5.31 3.79 -2.06
CA VAL A 43 -4.12 4.01 -2.87
C VAL A 43 -4.44 4.41 -4.29
N VAL A 44 -3.48 5.08 -4.91
CA VAL A 44 -3.60 5.54 -6.28
C VAL A 44 -2.44 5.05 -7.13
N GLY A 45 -2.75 4.38 -8.23
CA GLY A 45 -1.70 3.87 -9.10
C GLY A 45 -1.59 4.65 -10.39
N GLY A 46 -0.45 4.52 -11.06
CA GLY A 46 -0.24 5.22 -12.32
C GLY A 46 0.10 6.69 -12.11
N LYS A 47 1.14 6.95 -11.32
CA LYS A 47 1.57 8.32 -11.05
C LYS A 47 3.03 8.53 -11.46
N MET A 48 3.22 9.13 -12.62
CA MET A 48 4.57 9.40 -13.13
C MET A 48 5.36 10.26 -12.15
N THR A 49 6.31 9.63 -11.47
CA THR A 49 7.13 10.34 -10.49
C THR A 49 8.16 11.23 -11.18
N ASP A 50 8.88 12.02 -10.38
CA ASP A 50 9.90 12.92 -10.89
C ASP A 50 11.00 12.16 -11.64
N LEU A 51 11.12 10.87 -11.33
CA LEU A 51 12.13 10.03 -11.96
C LEU A 51 11.66 9.52 -13.31
N GLY A 52 10.38 9.15 -13.38
CA GLY A 52 9.82 8.64 -14.62
C GLY A 52 9.25 7.25 -14.48
N ARG A 53 9.02 6.82 -13.24
CA ARG A 53 8.46 5.49 -12.99
C ARG A 53 7.08 5.59 -12.34
N LEU A 54 6.18 4.70 -12.74
CA LEU A 54 4.82 4.68 -12.20
C LEU A 54 4.76 3.85 -10.92
N GLY A 55 3.89 4.27 -10.01
CA GLY A 55 3.75 3.55 -8.75
C GLY A 55 2.40 3.77 -8.11
N ALA A 56 2.33 3.54 -6.79
CA ALA A 56 1.08 3.73 -6.05
C ALA A 56 1.25 4.75 -4.94
N PHE A 57 0.22 5.56 -4.71
CA PHE A 57 0.26 6.57 -3.66
C PHE A 57 -1.00 6.51 -2.80
N ILE A 58 -0.83 6.50 -1.49
CA ILE A 58 -1.96 6.45 -0.57
C ILE A 58 -2.69 7.78 -0.52
N THR A 59 -3.95 7.78 -0.95
CA THR A 59 -4.76 8.99 -0.96
C THR A 59 -5.29 9.31 0.44
N LYS A 60 -5.54 8.28 1.23
CA LYS A 60 -6.06 8.47 2.59
C LYS A 60 -5.99 7.18 3.40
N VAL A 61 -5.98 7.34 4.73
CA VAL A 61 -5.93 6.20 5.64
C VAL A 61 -7.03 6.30 6.69
N LYS A 62 -7.73 5.20 6.92
CA LYS A 62 -8.81 5.17 7.90
C LYS A 62 -8.23 5.03 9.31
N LYS A 63 -8.27 6.11 10.07
CA LYS A 63 -7.75 6.11 11.44
C LYS A 63 -8.42 5.04 12.29
N GLY A 64 -7.72 3.92 12.49
CA GLY A 64 -8.26 2.84 13.27
C GLY A 64 -8.28 1.52 12.51
N SER A 65 -8.22 1.60 11.19
CA SER A 65 -8.22 0.41 10.35
C SER A 65 -6.91 -0.34 10.50
N LEU A 66 -6.85 -1.54 9.93
CA LEU A 66 -5.65 -2.37 10.01
C LEU A 66 -4.45 -1.65 9.41
N ALA A 67 -4.62 -1.15 8.19
CA ALA A 67 -3.55 -0.44 7.50
C ALA A 67 -2.86 0.58 8.40
N ASP A 68 -3.62 1.14 9.33
CA ASP A 68 -3.09 2.15 10.24
C ASP A 68 -2.37 1.51 11.43
N VAL A 69 -3.01 0.51 12.04
CA VAL A 69 -2.44 -0.17 13.20
C VAL A 69 -1.34 -1.17 12.80
N VAL A 70 -1.64 -2.02 11.83
CA VAL A 70 -0.66 -3.02 11.38
C VAL A 70 0.32 -2.42 10.37
N GLY A 71 -0.20 -1.65 9.42
CA GLY A 71 0.65 -1.04 8.42
C GLY A 71 1.33 0.21 8.94
N HIS A 72 0.56 1.11 9.52
CA HIS A 72 1.09 2.35 10.06
C HIS A 72 1.66 3.26 8.97
N LEU A 73 0.78 3.78 8.11
CA LEU A 73 1.20 4.67 7.05
C LEU A 73 0.23 5.84 6.92
N ARG A 74 0.54 6.77 6.04
CA ARG A 74 -0.32 7.94 5.85
C ARG A 74 -0.43 8.31 4.37
N ALA A 75 -1.47 9.07 4.04
CA ALA A 75 -1.70 9.50 2.67
C ALA A 75 -0.48 10.25 2.13
N GLY A 76 0.03 9.78 0.99
CA GLY A 76 1.19 10.42 0.39
C GLY A 76 2.34 9.43 0.19
N ASP A 77 2.31 8.34 0.95
CA ASP A 77 3.35 7.32 0.85
C ASP A 77 3.32 6.64 -0.52
N GLU A 78 4.49 6.22 -0.99
CA GLU A 78 4.59 5.57 -2.29
C GLU A 78 4.84 4.07 -2.13
N VAL A 79 3.82 3.26 -2.40
CA VAL A 79 3.94 1.82 -2.30
C VAL A 79 4.44 1.22 -3.61
N LEU A 80 5.73 0.89 -3.65
CA LEU A 80 6.34 0.32 -4.83
C LEU A 80 6.09 -1.18 -4.92
N GLU A 81 5.39 -1.72 -3.92
CA GLU A 81 5.10 -3.15 -3.89
C GLU A 81 3.71 -3.43 -3.33
N TRP A 82 2.92 -4.19 -4.08
CA TRP A 82 1.57 -4.54 -3.65
C TRP A 82 1.36 -6.05 -3.81
N ASN A 83 1.26 -6.74 -2.68
CA ASN A 83 1.06 -8.18 -2.68
C ASN A 83 2.31 -8.90 -3.19
N GLY A 84 3.47 -8.38 -2.80
CA GLY A 84 4.74 -8.98 -3.21
C GLY A 84 5.03 -8.82 -4.69
N LYS A 85 4.35 -7.88 -5.34
CA LYS A 85 4.56 -7.65 -6.77
C LYS A 85 5.25 -6.32 -7.00
N PRO A 86 6.11 -6.24 -8.04
CA PRO A 86 6.78 -4.99 -8.35
C PRO A 86 5.86 -4.07 -9.14
N LEU A 87 5.59 -2.91 -8.56
CA LEU A 87 4.71 -1.92 -9.17
C LEU A 87 5.47 -0.98 -10.12
N PRO A 88 6.70 -0.56 -9.77
CA PRO A 88 7.49 0.34 -10.61
C PRO A 88 7.39 0.00 -12.09
N GLY A 89 6.81 0.92 -12.86
CA GLY A 89 6.65 0.71 -14.28
C GLY A 89 5.22 0.42 -14.68
N ALA A 90 4.39 0.09 -13.69
CA ALA A 90 2.98 -0.22 -13.95
C ALA A 90 2.11 1.02 -13.76
N THR A 91 1.15 1.22 -14.66
CA THR A 91 0.25 2.36 -14.58
C THR A 91 -0.99 2.02 -13.75
N ASN A 92 -1.94 2.95 -13.70
CA ASN A 92 -3.17 2.76 -12.94
C ASN A 92 -3.84 1.45 -13.31
N GLU A 93 -3.97 1.19 -14.61
CA GLU A 93 -4.60 -0.04 -15.09
C GLU A 93 -3.83 -1.26 -14.63
N GLU A 94 -2.52 -1.16 -14.60
CA GLU A 94 -1.68 -2.27 -14.16
C GLU A 94 -1.97 -2.56 -12.69
N VAL A 95 -1.71 -1.57 -11.84
CA VAL A 95 -1.95 -1.70 -10.41
C VAL A 95 -3.36 -2.23 -10.15
N TYR A 96 -4.32 -1.74 -10.92
CA TYR A 96 -5.71 -2.17 -10.77
C TYR A 96 -5.80 -3.69 -10.72
N ASN A 97 -5.13 -4.35 -11.66
CA ASN A 97 -5.11 -5.80 -11.73
C ASN A 97 -4.37 -6.40 -10.54
N ILE A 98 -3.27 -5.76 -10.15
CA ILE A 98 -2.47 -6.22 -9.03
C ILE A 98 -3.28 -6.21 -7.74
N ILE A 99 -3.67 -5.01 -7.29
CA ILE A 99 -4.43 -4.87 -6.06
C ILE A 99 -5.67 -5.78 -6.06
N LEU A 100 -6.50 -5.66 -7.09
CA LEU A 100 -7.71 -6.47 -7.20
C LEU A 100 -7.40 -7.95 -6.98
N GLU A 101 -6.39 -8.44 -7.67
CA GLU A 101 -5.98 -9.83 -7.54
C GLU A 101 -5.53 -10.14 -6.12
N SER A 102 -5.10 -9.12 -5.39
CA SER A 102 -4.63 -9.30 -4.02
C SER A 102 -5.69 -8.89 -2.99
N LYS A 103 -6.75 -8.21 -3.44
CA LYS A 103 -7.81 -7.78 -2.53
C LYS A 103 -8.70 -8.95 -2.13
N SER A 104 -8.64 -10.03 -2.90
CA SER A 104 -9.44 -11.22 -2.62
C SER A 104 -8.75 -12.10 -1.57
N GLU A 105 -7.43 -12.06 -1.55
CA GLU A 105 -6.65 -12.85 -0.60
C GLU A 105 -6.91 -12.40 0.83
N PRO A 106 -6.72 -13.29 1.81
CA PRO A 106 -6.93 -12.98 3.23
C PRO A 106 -5.80 -12.13 3.82
N GLN A 107 -4.72 -11.97 3.06
CA GLN A 107 -3.58 -11.19 3.53
C GLN A 107 -2.92 -10.44 2.38
N VAL A 108 -2.20 -9.37 2.72
CA VAL A 108 -1.53 -8.55 1.72
C VAL A 108 -0.16 -8.10 2.22
N GLU A 109 0.75 -7.89 1.28
CA GLU A 109 2.10 -7.44 1.59
C GLU A 109 2.46 -6.22 0.75
N ILE A 110 2.53 -5.05 1.37
CA ILE A 110 2.85 -3.82 0.65
C ILE A 110 4.11 -3.16 1.21
N ILE A 111 4.92 -2.65 0.30
CA ILE A 111 6.16 -1.98 0.69
C ILE A 111 6.15 -0.52 0.22
N VAL A 112 6.77 0.35 0.99
CA VAL A 112 6.81 1.76 0.64
C VAL A 112 8.23 2.32 0.68
N SER A 113 8.36 3.60 0.34
CA SER A 113 9.65 4.26 0.33
C SER A 113 9.53 5.70 0.83
N ARG A 114 10.15 5.97 1.99
CA ARG A 114 10.10 7.30 2.58
C ARG A 114 10.96 8.28 1.78
N GLU B 6 -9.57 12.15 -6.66
CA GLU B 6 -8.38 11.68 -7.40
C GLU B 6 -7.79 10.41 -6.78
N GLU B 7 -8.66 9.42 -6.56
CA GLU B 7 -8.24 8.15 -5.97
C GLU B 7 -8.03 7.10 -7.04
N GLY B 8 -7.50 5.95 -6.65
CA GLY B 8 -7.25 4.87 -7.59
C GLY B 8 -8.02 3.62 -7.25
N ILE B 9 -7.72 3.00 -6.12
CA ILE B 9 -8.38 1.79 -5.69
C ILE B 9 -8.68 1.82 -4.20
N TRP B 10 -9.66 1.02 -3.79
CA TRP B 10 -10.03 0.92 -2.39
C TRP B 10 -9.26 -0.20 -1.73
N ALA B 11 -8.45 0.15 -0.73
CA ALA B 11 -7.66 -0.83 -0.02
C ALA B 11 -7.55 -0.47 1.46
N HIS A 6 2.77 -8.98 11.92
CA HIS A 6 1.95 -7.95 12.62
C HIS A 6 2.67 -6.61 12.69
N PRO A 7 3.90 -6.58 13.23
CA PRO A 7 4.69 -5.36 13.34
C PRO A 7 5.39 -5.00 12.03
N VAL A 8 5.89 -3.77 11.96
CA VAL A 8 6.60 -3.29 10.78
C VAL A 8 8.03 -2.87 11.11
N THR A 9 8.91 -3.00 10.14
CA THR A 9 10.31 -2.64 10.31
C THR A 9 10.82 -1.77 9.16
N TRP A 10 11.81 -0.95 9.44
CA TRP A 10 12.40 -0.07 8.43
C TRP A 10 13.91 -0.16 8.43
N GLN A 11 14.50 -0.34 7.25
CA GLN A 11 15.95 -0.44 7.12
C GLN A 11 16.50 0.65 6.19
N PRO A 12 17.80 0.97 6.32
CA PRO A 12 18.44 1.99 5.49
C PRO A 12 18.78 1.47 4.09
N SER A 13 18.37 2.22 3.08
CA SER A 13 18.61 1.86 1.69
C SER A 13 19.85 2.56 1.14
N LYS A 14 20.60 1.85 0.29
CA LYS A 14 21.80 2.39 -0.32
C LYS A 14 21.48 3.27 -1.53
N GLU A 15 20.22 3.27 -1.95
CA GLU A 15 19.78 4.04 -3.10
C GLU A 15 19.75 5.56 -2.81
N GLY A 16 20.44 5.99 -1.76
CA GLY A 16 20.47 7.40 -1.44
C GLY A 16 20.11 7.69 0.01
N ASP A 17 20.25 6.68 0.87
CA ASP A 17 19.93 6.83 2.28
C ASP A 17 18.42 6.97 2.48
N ARG A 18 17.70 5.87 2.30
CA ARG A 18 16.26 5.86 2.45
C ARG A 18 15.83 4.78 3.44
N LEU A 19 14.57 4.83 3.86
CA LEU A 19 14.06 3.86 4.81
C LEU A 19 12.95 3.01 4.17
N ILE A 20 13.22 1.72 4.01
CA ILE A 20 12.25 0.80 3.43
C ILE A 20 11.72 -0.17 4.48
N GLY A 21 10.42 -0.44 4.42
CA GLY A 21 9.81 -1.34 5.37
C GLY A 21 8.83 -2.29 4.74
N ARG A 22 8.49 -3.37 5.45
CA ARG A 22 7.54 -4.35 4.94
C ARG A 22 6.24 -4.28 5.74
N VAL A 23 5.14 -3.99 5.06
CA VAL A 23 3.85 -3.88 5.73
C VAL A 23 2.88 -4.95 5.28
N ILE A 24 2.33 -5.66 6.26
CA ILE A 24 1.36 -6.72 5.99
C ILE A 24 -0.01 -6.30 6.47
N LEU A 25 -0.99 -6.28 5.56
CA LEU A 25 -2.33 -5.86 5.91
C LEU A 25 -3.36 -6.96 5.62
N ASN A 26 -4.24 -7.19 6.58
CA ASN A 26 -5.28 -8.20 6.46
C ASN A 26 -6.65 -7.55 6.34
N LYS A 27 -7.49 -8.07 5.45
CA LYS A 27 -8.82 -7.52 5.24
C LYS A 27 -9.89 -8.30 6.02
N ARG A 28 -9.64 -9.59 6.24
CA ARG A 28 -10.59 -10.43 6.96
C ARG A 28 -10.18 -10.61 8.42
N THR A 29 -8.88 -10.59 8.69
CA THR A 29 -8.38 -10.76 10.04
C THR A 29 -7.72 -9.48 10.55
N THR A 30 -7.37 -9.47 11.84
CA THR A 30 -6.74 -8.31 12.47
C THR A 30 -7.74 -7.18 12.74
N MET A 31 -8.96 -7.31 12.23
CA MET A 31 -9.97 -6.28 12.43
C MET A 31 -11.00 -6.70 13.47
N PRO A 32 -11.17 -5.91 14.55
CA PRO A 32 -12.12 -6.20 15.61
C PRO A 32 -13.54 -5.74 15.27
N LYS A 33 -13.65 -4.52 14.77
CA LYS A 33 -14.94 -3.94 14.41
C LYS A 33 -15.38 -4.32 13.00
N GLU A 34 -14.54 -4.02 12.01
CA GLU A 34 -14.86 -4.32 10.62
C GLU A 34 -15.92 -3.38 10.08
N SER A 35 -15.50 -2.37 9.33
CA SER A 35 -16.42 -1.41 8.74
C SER A 35 -17.29 -2.05 7.67
N GLY A 36 -16.66 -2.80 6.77
CA GLY A 36 -17.39 -3.47 5.72
C GLY A 36 -16.87 -3.11 4.34
N ALA A 37 -15.55 -2.95 4.22
CA ALA A 37 -14.94 -2.60 2.94
C ALA A 37 -13.68 -3.44 2.70
N LEU A 38 -12.50 -2.84 2.89
CA LEU A 38 -11.24 -3.55 2.69
C LEU A 38 -10.36 -3.42 3.94
N LEU A 39 -9.03 -3.38 3.78
CA LEU A 39 -8.14 -3.25 4.93
C LEU A 39 -8.40 -1.95 5.67
N GLY A 40 -8.00 -0.83 5.07
CA GLY A 40 -8.23 0.46 5.71
C GLY A 40 -7.41 1.60 5.12
N LEU A 41 -7.08 1.49 3.84
CA LEU A 41 -6.29 2.52 3.17
C LEU A 41 -6.71 2.64 1.70
N LYS A 42 -6.50 3.83 1.13
CA LYS A 42 -6.85 4.05 -0.26
C LYS A 42 -5.60 4.42 -1.05
N VAL A 43 -5.32 3.68 -2.12
CA VAL A 43 -4.13 3.94 -2.92
C VAL A 43 -4.48 4.35 -4.35
N VAL A 44 -3.54 5.04 -4.98
CA VAL A 44 -3.69 5.50 -6.33
C VAL A 44 -2.49 5.09 -7.18
N GLY A 45 -2.75 4.41 -8.29
CA GLY A 45 -1.68 3.97 -9.16
C GLY A 45 -1.60 4.79 -10.44
N GLY A 46 -0.53 4.59 -11.20
CA GLY A 46 -0.36 5.32 -12.44
C GLY A 46 0.09 6.75 -12.22
N LYS A 47 0.98 6.94 -11.26
CA LYS A 47 1.49 8.27 -10.95
C LYS A 47 2.96 8.40 -11.34
N MET A 48 3.21 8.99 -12.50
CA MET A 48 4.57 9.18 -12.99
C MET A 48 5.39 10.02 -12.01
N THR A 49 6.31 9.37 -11.31
CA THR A 49 7.15 10.05 -10.34
C THR A 49 8.22 10.89 -11.03
N ASP A 50 9.08 11.51 -10.25
CA ASP A 50 10.15 12.34 -10.78
C ASP A 50 11.23 11.49 -11.44
N LEU A 51 11.27 10.20 -11.11
CA LEU A 51 12.24 9.29 -11.68
C LEU A 51 11.88 8.93 -13.12
N GLY A 52 10.59 8.95 -13.42
CA GLY A 52 10.14 8.62 -14.76
C GLY A 52 9.38 7.31 -14.82
N ARG A 53 8.97 6.81 -13.66
CA ARG A 53 8.23 5.56 -13.59
C ARG A 53 6.89 5.74 -12.86
N LEU A 54 5.97 4.83 -13.07
CA LEU A 54 4.66 4.89 -12.43
C LEU A 54 4.67 4.14 -11.10
N GLY A 55 3.85 4.60 -10.16
CA GLY A 55 3.77 3.96 -8.86
C GLY A 55 2.41 4.12 -8.21
N ALA A 56 2.35 3.83 -6.91
CA ALA A 56 1.10 3.94 -6.17
C ALA A 56 1.22 4.95 -5.04
N PHE A 57 0.14 5.69 -4.77
CA PHE A 57 0.16 6.69 -3.71
C PHE A 57 -1.12 6.61 -2.88
N ILE A 58 -0.97 6.63 -1.55
CA ILE A 58 -2.11 6.55 -0.65
C ILE A 58 -2.89 7.87 -0.62
N THR A 59 -4.16 7.81 -1.02
CA THR A 59 -5.00 9.00 -1.04
C THR A 59 -5.59 9.29 0.33
N LYS A 60 -5.84 8.22 1.10
CA LYS A 60 -6.41 8.38 2.44
C LYS A 60 -6.29 7.10 3.25
N VAL A 61 -6.25 7.25 4.57
CA VAL A 61 -6.15 6.11 5.48
C VAL A 61 -7.26 6.16 6.53
N LYS A 62 -7.91 5.02 6.75
CA LYS A 62 -8.99 4.94 7.74
C LYS A 62 -8.42 4.84 9.14
N LYS A 63 -8.56 5.93 9.91
CA LYS A 63 -8.06 5.97 11.28
C LYS A 63 -8.80 4.96 12.16
N GLY A 64 -8.14 3.84 12.44
CA GLY A 64 -8.74 2.81 13.27
C GLY A 64 -8.65 1.43 12.65
N SER A 65 -8.57 1.39 11.33
CA SER A 65 -8.47 0.13 10.60
C SER A 65 -7.10 -0.50 10.84
N LEU A 66 -6.87 -1.64 10.20
CA LEU A 66 -5.59 -2.34 10.35
C LEU A 66 -4.48 -1.55 9.68
N ALA A 67 -4.74 -1.10 8.46
CA ALA A 67 -3.76 -0.33 7.69
C ALA A 67 -3.13 0.78 8.54
N ASP A 68 -3.92 1.32 9.46
CA ASP A 68 -3.45 2.40 10.33
C ASP A 68 -2.70 1.86 11.54
N VAL A 69 -3.32 0.92 12.24
CA VAL A 69 -2.71 0.33 13.44
C VAL A 69 -1.58 -0.63 13.10
N VAL A 70 -1.85 -1.63 12.27
CA VAL A 70 -0.83 -2.61 11.90
C VAL A 70 0.08 -2.07 10.80
N GLY A 71 -0.48 -1.23 9.93
CA GLY A 71 0.29 -0.65 8.85
C GLY A 71 1.03 0.60 9.29
N HIS A 72 0.28 1.56 9.82
CA HIS A 72 0.85 2.81 10.31
C HIS A 72 1.41 3.65 9.17
N LEU A 73 0.57 4.03 8.21
CA LEU A 73 0.99 4.88 7.11
C LEU A 73 0.00 6.02 6.91
N ARG A 74 0.29 6.90 5.96
CA ARG A 74 -0.59 8.03 5.71
C ARG A 74 -0.70 8.31 4.21
N ALA A 75 -1.73 9.06 3.84
CA ALA A 75 -1.96 9.42 2.45
C ALA A 75 -0.77 10.19 1.90
N GLY A 76 -0.17 9.66 0.85
CA GLY A 76 0.99 10.29 0.25
C GLY A 76 2.15 9.32 0.12
N ASP A 77 2.15 8.30 0.97
CA ASP A 77 3.21 7.29 0.93
C ASP A 77 3.22 6.59 -0.41
N GLU A 78 4.42 6.24 -0.89
CA GLU A 78 4.57 5.57 -2.17
C GLU A 78 4.80 4.08 -1.98
N VAL A 79 3.79 3.28 -2.32
CA VAL A 79 3.89 1.83 -2.20
C VAL A 79 4.40 1.22 -3.50
N LEU A 80 5.70 0.92 -3.53
CA LEU A 80 6.32 0.33 -4.71
C LEU A 80 6.08 -1.18 -4.77
N GLU A 81 5.36 -1.70 -3.78
CA GLU A 81 5.07 -3.12 -3.74
C GLU A 81 3.68 -3.39 -3.17
N TRP A 82 2.88 -4.15 -3.92
CA TRP A 82 1.54 -4.50 -3.50
C TRP A 82 1.31 -6.01 -3.64
N ASN A 83 1.16 -6.70 -2.51
CA ASN A 83 0.95 -8.14 -2.53
C ASN A 83 2.19 -8.87 -3.01
N GLY A 84 3.36 -8.37 -2.62
CA GLY A 84 4.61 -8.98 -3.01
C GLY A 84 4.92 -8.84 -4.50
N LYS A 85 4.27 -7.88 -5.15
CA LYS A 85 4.47 -7.66 -6.58
C LYS A 85 5.11 -6.30 -6.83
N PRO A 86 5.96 -6.20 -7.86
CA PRO A 86 6.59 -4.93 -8.19
C PRO A 86 5.64 -4.05 -9.00
N LEU A 87 5.32 -2.89 -8.45
CA LEU A 87 4.43 -1.94 -9.10
C LEU A 87 5.18 -0.96 -10.01
N PRO A 88 6.38 -0.50 -9.61
CA PRO A 88 7.16 0.44 -10.42
C PRO A 88 7.13 0.11 -11.91
N GLY A 89 6.60 1.05 -12.70
CA GLY A 89 6.51 0.84 -14.12
C GLY A 89 5.09 0.53 -14.58
N ALA A 90 4.25 0.13 -13.64
CA ALA A 90 2.86 -0.19 -13.95
C ALA A 90 1.96 1.02 -13.79
N THR A 91 1.00 1.16 -14.68
CA THR A 91 0.07 2.29 -14.64
C THR A 91 -1.16 1.95 -13.80
N ASN A 92 -2.09 2.90 -13.70
CA ASN A 92 -3.31 2.70 -12.93
C ASN A 92 -3.99 1.39 -13.29
N GLU A 93 -4.06 1.09 -14.58
CA GLU A 93 -4.70 -0.13 -15.04
C GLU A 93 -3.95 -1.36 -14.55
N GLU A 94 -2.63 -1.30 -14.59
CA GLU A 94 -1.81 -2.42 -14.13
C GLU A 94 -2.09 -2.67 -12.65
N VAL A 95 -1.84 -1.65 -11.83
CA VAL A 95 -2.08 -1.74 -10.40
C VAL A 95 -3.45 -2.33 -10.11
N TYR A 96 -4.45 -1.86 -10.85
CA TYR A 96 -5.82 -2.35 -10.69
C TYR A 96 -5.86 -3.87 -10.66
N ASN A 97 -5.13 -4.48 -11.57
CA ASN A 97 -5.08 -5.94 -11.66
C ASN A 97 -4.32 -6.53 -10.47
N ILE A 98 -3.30 -5.82 -10.02
CA ILE A 98 -2.49 -6.27 -8.88
C ILE A 98 -3.30 -6.25 -7.59
N ILE A 99 -3.67 -5.06 -7.14
CA ILE A 99 -4.44 -4.91 -5.91
C ILE A 99 -5.68 -5.78 -5.91
N LEU A 100 -6.51 -5.66 -6.94
CA LEU A 100 -7.74 -6.45 -7.04
C LEU A 100 -7.46 -7.93 -6.78
N GLU A 101 -6.45 -8.46 -7.45
CA GLU A 101 -6.07 -9.85 -7.30
C GLU A 101 -5.65 -10.14 -5.85
N SER A 102 -5.21 -9.10 -5.14
CA SER A 102 -4.78 -9.25 -3.76
C SER A 102 -5.89 -8.87 -2.77
N LYS A 103 -6.93 -8.21 -3.27
CA LYS A 103 -8.04 -7.80 -2.41
C LYS A 103 -8.83 -9.02 -1.94
N SER A 104 -8.78 -10.10 -2.71
CA SER A 104 -9.49 -11.33 -2.36
C SER A 104 -8.69 -12.17 -1.39
N GLU A 105 -7.37 -11.98 -1.38
CA GLU A 105 -6.50 -12.73 -0.49
C GLU A 105 -6.72 -12.32 0.97
N PRO A 106 -6.78 -13.28 1.89
CA PRO A 106 -6.99 -13.00 3.31
C PRO A 106 -5.91 -12.09 3.91
N GLN A 107 -4.79 -11.95 3.19
CA GLN A 107 -3.70 -11.10 3.67
C GLN A 107 -3.09 -10.30 2.52
N VAL A 108 -2.43 -9.20 2.87
CA VAL A 108 -1.80 -8.33 1.89
C VAL A 108 -0.40 -7.90 2.36
N GLU A 109 0.52 -7.80 1.42
CA GLU A 109 1.89 -7.39 1.72
C GLU A 109 2.27 -6.19 0.88
N ILE A 110 2.38 -5.02 1.52
CA ILE A 110 2.73 -3.80 0.80
C ILE A 110 3.99 -3.15 1.36
N ILE A 111 4.81 -2.63 0.46
CA ILE A 111 6.05 -1.97 0.84
C ILE A 111 6.05 -0.51 0.37
N VAL A 112 6.67 0.37 1.14
CA VAL A 112 6.72 1.78 0.80
C VAL A 112 8.14 2.33 0.87
N SER A 113 8.28 3.61 0.55
CA SER A 113 9.59 4.26 0.58
C SER A 113 9.45 5.73 0.97
N ARG A 114 10.21 6.14 1.98
CA ARG A 114 10.18 7.52 2.45
C ARG A 114 11.33 8.33 1.85
N GLU B 6 -9.29 12.27 -7.67
CA GLU B 6 -8.74 11.25 -8.60
C GLU B 6 -8.17 10.06 -7.84
N GLU B 7 -9.05 9.21 -7.34
CA GLU B 7 -8.62 8.02 -6.60
C GLU B 7 -8.16 6.91 -7.54
N GLY B 8 -7.74 5.80 -6.97
CA GLY B 8 -7.28 4.69 -7.78
C GLY B 8 -7.95 3.37 -7.41
N ILE B 9 -7.75 2.93 -6.18
CA ILE B 9 -8.36 1.69 -5.72
C ILE B 9 -8.69 1.74 -4.24
N TRP B 10 -9.62 0.87 -3.84
CA TRP B 10 -10.04 0.79 -2.46
C TRP B 10 -9.32 -0.36 -1.77
N ALA B 11 -8.47 -0.04 -0.81
CA ALA B 11 -7.70 -1.06 -0.10
C ALA B 11 -7.67 -0.80 1.40
N HIS A 6 4.10 -9.82 11.90
CA HIS A 6 2.90 -9.03 12.32
C HIS A 6 3.20 -7.53 12.37
N PRO A 7 4.28 -7.13 13.05
CA PRO A 7 4.65 -5.72 13.17
C PRO A 7 5.36 -5.21 11.92
N VAL A 8 5.56 -3.90 11.85
CA VAL A 8 6.23 -3.29 10.71
C VAL A 8 7.63 -2.79 11.09
N THR A 9 8.54 -2.85 10.13
CA THR A 9 9.91 -2.41 10.35
C THR A 9 10.42 -1.59 9.18
N TRP A 10 11.41 -0.74 9.44
CA TRP A 10 11.98 0.11 8.40
C TRP A 10 13.50 0.00 8.39
N GLN A 11 14.06 -0.36 7.24
CA GLN A 11 15.50 -0.50 7.09
C GLN A 11 16.03 0.40 5.97
N PRO A 12 17.33 0.72 5.99
CA PRO A 12 17.95 1.58 4.98
C PRO A 12 17.63 1.12 3.56
N SER A 13 17.35 2.09 2.69
CA SER A 13 17.01 1.79 1.30
C SER A 13 18.27 1.56 0.48
N LYS A 14 18.10 1.34 -0.83
CA LYS A 14 19.22 1.10 -1.72
C LYS A 14 19.87 2.41 -2.17
N GLU A 15 19.23 3.53 -1.84
CA GLU A 15 19.76 4.84 -2.21
C GLU A 15 20.78 5.33 -1.17
N GLY A 16 20.67 4.83 0.05
CA GLY A 16 21.58 5.21 1.09
C GLY A 16 21.06 6.35 1.95
N ASP A 17 20.16 7.15 1.39
CA ASP A 17 19.59 8.28 2.11
C ASP A 17 18.07 8.13 2.26
N ARG A 18 17.57 6.92 2.04
CA ARG A 18 16.14 6.66 2.16
C ARG A 18 15.88 5.46 3.08
N LEU A 19 14.68 5.41 3.64
CA LEU A 19 14.30 4.32 4.53
C LEU A 19 13.11 3.54 3.98
N ILE A 20 13.27 2.22 3.87
CA ILE A 20 12.21 1.36 3.35
C ILE A 20 11.63 0.49 4.46
N GLY A 21 10.33 0.21 4.36
CA GLY A 21 9.68 -0.61 5.35
C GLY A 21 8.73 -1.63 4.74
N ARG A 22 8.41 -2.68 5.48
CA ARG A 22 7.51 -3.71 5.00
C ARG A 22 6.21 -3.68 5.77
N VAL A 23 5.10 -3.45 5.08
CA VAL A 23 3.80 -3.39 5.72
C VAL A 23 2.94 -4.58 5.35
N ILE A 24 2.50 -5.33 6.35
CA ILE A 24 1.66 -6.50 6.13
C ILE A 24 0.24 -6.21 6.58
N LEU A 25 -0.69 -6.21 5.63
CA LEU A 25 -2.09 -5.93 5.95
C LEU A 25 -2.96 -7.16 5.68
N ASN A 26 -4.06 -7.28 6.42
CA ASN A 26 -4.96 -8.42 6.27
C ASN A 26 -6.42 -7.95 6.17
N LYS A 27 -7.04 -8.23 5.02
CA LYS A 27 -8.42 -7.85 4.79
C LYS A 27 -9.31 -9.09 4.70
N ARG A 28 -9.05 -10.07 5.57
CA ARG A 28 -9.82 -11.31 5.57
C ARG A 28 -11.20 -11.10 6.17
N THR A 29 -11.29 -10.23 7.17
CA THR A 29 -12.57 -9.96 7.83
C THR A 29 -12.74 -8.47 8.12
N THR A 30 -13.77 -8.14 8.88
CA THR A 30 -14.06 -6.75 9.24
C THR A 30 -12.88 -6.12 9.97
N MET A 31 -12.74 -4.81 9.82
CA MET A 31 -11.65 -4.07 10.46
C MET A 31 -12.16 -3.29 11.67
N PRO A 32 -11.25 -2.93 12.60
CA PRO A 32 -11.61 -2.17 13.79
C PRO A 32 -12.24 -0.82 13.47
N LYS A 33 -12.03 -0.36 12.23
CA LYS A 33 -12.58 0.92 11.81
C LYS A 33 -14.06 0.80 11.42
N GLU A 34 -14.63 -0.39 11.60
CA GLU A 34 -16.04 -0.62 11.28
C GLU A 34 -16.26 -0.62 9.78
N SER A 35 -17.52 -0.76 9.37
CA SER A 35 -17.87 -0.78 7.95
C SER A 35 -17.37 -2.06 7.29
N GLY A 36 -16.05 -2.22 7.24
CA GLY A 36 -15.47 -3.40 6.62
C GLY A 36 -15.09 -3.17 5.18
N ALA A 37 -14.49 -2.01 4.91
CA ALA A 37 -14.08 -1.67 3.54
C ALA A 37 -13.15 -2.75 2.98
N LEU A 38 -11.84 -2.57 3.15
CA LEU A 38 -10.88 -3.54 2.65
C LEU A 38 -9.87 -3.92 3.73
N LEU A 39 -8.89 -3.05 3.96
CA LEU A 39 -7.88 -3.30 4.98
C LEU A 39 -7.66 -2.06 5.86
N GLY A 40 -7.53 -0.88 5.25
CA GLY A 40 -7.35 0.33 6.06
C GLY A 40 -6.85 1.56 5.32
N LEU A 41 -6.68 1.49 4.00
CA LEU A 41 -6.19 2.67 3.25
C LEU A 41 -6.49 2.59 1.75
N LYS A 42 -6.72 3.75 1.14
CA LYS A 42 -7.00 3.82 -0.29
C LYS A 42 -5.73 4.23 -1.02
N VAL A 43 -5.40 3.51 -2.09
CA VAL A 43 -4.20 3.81 -2.85
C VAL A 43 -4.50 4.18 -4.30
N VAL A 44 -3.57 4.89 -4.90
CA VAL A 44 -3.68 5.30 -6.29
C VAL A 44 -2.64 4.60 -7.15
N GLY A 45 -2.87 4.59 -8.46
CA GLY A 45 -1.93 3.93 -9.36
C GLY A 45 -1.70 4.73 -10.62
N GLY A 46 -0.53 4.54 -11.24
CA GLY A 46 -0.22 5.25 -12.47
C GLY A 46 0.26 6.66 -12.21
N LYS A 47 1.12 6.83 -11.21
CA LYS A 47 1.64 8.14 -10.87
C LYS A 47 3.08 8.30 -11.37
N MET A 48 3.23 8.74 -12.61
CA MET A 48 4.55 8.94 -13.20
C MET A 48 5.39 9.90 -12.38
N THR A 49 6.48 9.40 -11.83
CA THR A 49 7.37 10.22 -11.01
C THR A 49 8.55 10.73 -11.84
N ASP A 50 9.46 11.45 -11.19
CA ASP A 50 10.63 12.00 -11.86
C ASP A 50 11.65 10.91 -12.17
N LEU A 51 11.42 9.70 -11.66
CA LEU A 51 12.33 8.58 -11.89
C LEU A 51 11.94 7.79 -13.13
N GLY A 52 11.03 8.34 -13.93
CA GLY A 52 10.60 7.66 -15.14
C GLY A 52 9.97 6.31 -14.86
N ARG A 53 9.34 6.19 -13.69
CA ARG A 53 8.68 4.94 -13.31
C ARG A 53 7.36 5.21 -12.62
N LEU A 54 6.38 4.33 -12.85
CA LEU A 54 5.06 4.47 -12.25
C LEU A 54 5.00 3.74 -10.91
N GLY A 55 4.11 4.20 -10.04
CA GLY A 55 3.97 3.57 -8.73
C GLY A 55 2.59 3.78 -8.13
N ALA A 56 2.50 3.67 -6.81
CA ALA A 56 1.23 3.84 -6.11
C ALA A 56 1.38 4.77 -4.91
N PHE A 57 0.32 5.52 -4.62
CA PHE A 57 0.32 6.45 -3.50
C PHE A 57 -0.98 6.33 -2.70
N ILE A 58 -0.86 6.40 -1.38
CA ILE A 58 -2.02 6.28 -0.51
C ILE A 58 -2.82 7.59 -0.50
N THR A 59 -4.05 7.53 -0.99
CA THR A 59 -4.91 8.70 -1.06
C THR A 59 -5.50 9.04 0.30
N LYS A 60 -5.72 8.02 1.14
CA LYS A 60 -6.29 8.23 2.46
C LYS A 60 -6.15 7.00 3.34
N VAL A 61 -6.28 7.21 4.65
CA VAL A 61 -6.17 6.13 5.63
C VAL A 61 -7.25 6.26 6.70
N LYS A 62 -7.99 5.18 6.93
CA LYS A 62 -9.04 5.19 7.94
C LYS A 62 -8.45 4.86 9.32
N LYS A 63 -8.35 5.88 10.16
CA LYS A 63 -7.79 5.71 11.50
C LYS A 63 -8.54 4.64 12.28
N GLY A 64 -7.87 3.52 12.54
CA GLY A 64 -8.49 2.44 13.29
C GLY A 64 -8.41 1.12 12.55
N SER A 65 -8.44 1.18 11.23
CA SER A 65 -8.37 -0.03 10.41
C SER A 65 -7.02 -0.72 10.59
N LEU A 66 -6.87 -1.89 9.96
CA LEU A 66 -5.63 -2.64 10.05
C LEU A 66 -4.46 -1.83 9.53
N ALA A 67 -4.61 -1.28 8.34
CA ALA A 67 -3.57 -0.49 7.70
C ALA A 67 -2.99 0.56 8.65
N ASP A 68 -3.81 1.00 9.59
CA ASP A 68 -3.38 2.01 10.56
C ASP A 68 -2.72 1.38 11.78
N VAL A 69 -3.38 0.38 12.36
CA VAL A 69 -2.86 -0.29 13.55
C VAL A 69 -1.67 -1.19 13.21
N VAL A 70 -1.77 -1.98 12.15
CA VAL A 70 -0.69 -2.89 11.77
C VAL A 70 0.21 -2.27 10.70
N GLY A 71 -0.37 -1.39 9.87
CA GLY A 71 0.41 -0.75 8.83
C GLY A 71 1.09 0.50 9.31
N HIS A 72 0.30 1.42 9.85
CA HIS A 72 0.83 2.68 10.38
C HIS A 72 1.41 3.56 9.27
N LEU A 73 0.55 4.01 8.36
CA LEU A 73 1.00 4.89 7.27
C LEU A 73 0.02 6.02 7.08
N ARG A 74 0.35 6.95 6.20
CA ARG A 74 -0.51 8.11 5.95
C ARG A 74 -0.62 8.39 4.46
N ALA A 75 -1.70 9.05 4.07
CA ALA A 75 -1.93 9.39 2.68
C ALA A 75 -0.76 10.19 2.11
N GLY A 76 -0.17 9.68 1.05
CA GLY A 76 0.97 10.35 0.45
C GLY A 76 2.16 9.42 0.30
N ASP A 77 2.17 8.34 1.08
CA ASP A 77 3.24 7.37 1.01
C ASP A 77 3.24 6.65 -0.33
N GLU A 78 4.43 6.34 -0.84
CA GLU A 78 4.56 5.66 -2.12
C GLU A 78 4.81 4.16 -1.92
N VAL A 79 3.83 3.35 -2.30
CA VAL A 79 3.96 1.90 -2.16
C VAL A 79 4.49 1.28 -3.45
N LEU A 80 5.77 0.97 -3.47
CA LEU A 80 6.40 0.37 -4.65
C LEU A 80 6.15 -1.14 -4.69
N GLU A 81 5.44 -1.66 -3.70
CA GLU A 81 5.14 -3.10 -3.64
C GLU A 81 3.74 -3.36 -3.09
N TRP A 82 2.95 -4.12 -3.83
CA TRP A 82 1.61 -4.47 -3.42
C TRP A 82 1.37 -5.97 -3.54
N ASN A 83 1.16 -6.63 -2.41
CA ASN A 83 0.94 -8.07 -2.42
C ASN A 83 2.19 -8.80 -2.87
N GLY A 84 3.35 -8.35 -2.40
CA GLY A 84 4.61 -8.97 -2.75
C GLY A 84 4.92 -8.87 -4.25
N LYS A 85 4.24 -7.97 -4.95
CA LYS A 85 4.46 -7.80 -6.38
C LYS A 85 5.18 -6.49 -6.65
N PRO A 86 6.04 -6.44 -7.68
CA PRO A 86 6.73 -5.23 -8.04
C PRO A 86 5.85 -4.32 -8.90
N LEU A 87 5.58 -3.14 -8.39
CA LEU A 87 4.74 -2.16 -9.08
C LEU A 87 5.55 -1.26 -10.02
N PRO A 88 6.80 -0.89 -9.66
CA PRO A 88 7.64 -0.02 -10.50
C PRO A 88 7.52 -0.35 -11.99
N GLY A 89 6.87 0.55 -12.73
CA GLY A 89 6.69 0.35 -14.16
C GLY A 89 5.25 0.03 -14.51
N ALA A 90 4.41 -0.20 -13.50
CA ALA A 90 3.00 -0.50 -13.72
C ALA A 90 2.14 0.76 -13.60
N THR A 91 1.29 0.97 -14.59
CA THR A 91 0.42 2.13 -14.61
C THR A 91 -0.86 1.87 -13.81
N ASN A 92 -1.74 2.86 -13.76
CA ASN A 92 -3.00 2.74 -13.03
C ASN A 92 -3.71 1.42 -13.34
N GLU A 93 -3.92 1.15 -14.63
CA GLU A 93 -4.59 -0.08 -15.04
C GLU A 93 -3.84 -1.32 -14.56
N GLU A 94 -2.52 -1.22 -14.50
CA GLU A 94 -1.72 -2.34 -14.04
C GLU A 94 -2.03 -2.63 -12.57
N VAL A 95 -1.77 -1.64 -11.73
CA VAL A 95 -2.04 -1.76 -10.31
C VAL A 95 -3.47 -2.24 -10.06
N TYR A 96 -4.40 -1.69 -10.82
CA TYR A 96 -5.81 -2.06 -10.71
C TYR A 96 -5.97 -3.58 -10.65
N ASN A 97 -5.28 -4.26 -11.55
CA ASN A 97 -5.32 -5.71 -11.62
C ASN A 97 -4.61 -6.34 -10.43
N ILE A 98 -3.44 -5.78 -10.10
CA ILE A 98 -2.65 -6.28 -8.98
C ILE A 98 -3.45 -6.25 -7.68
N ILE A 99 -3.84 -5.04 -7.26
CA ILE A 99 -4.61 -4.87 -6.03
C ILE A 99 -5.89 -5.69 -6.07
N LEU A 100 -6.74 -5.43 -7.08
CA LEU A 100 -7.99 -6.17 -7.21
C LEU A 100 -7.78 -7.67 -7.06
N GLU A 101 -6.82 -8.19 -7.81
CA GLU A 101 -6.50 -9.61 -7.77
C GLU A 101 -6.13 -10.04 -6.35
N SER A 102 -5.58 -9.10 -5.59
CA SER A 102 -5.16 -9.38 -4.21
C SER A 102 -6.28 -9.04 -3.21
N LYS A 103 -7.31 -8.34 -3.68
CA LYS A 103 -8.43 -7.96 -2.82
C LYS A 103 -9.09 -9.20 -2.22
N SER A 104 -8.90 -10.35 -2.87
CA SER A 104 -9.47 -11.59 -2.39
C SER A 104 -8.47 -12.41 -1.56
N GLU A 105 -7.29 -11.84 -1.34
CA GLU A 105 -6.26 -12.52 -0.55
C GLU A 105 -6.41 -12.20 0.93
N PRO A 106 -6.52 -13.23 1.78
CA PRO A 106 -6.67 -13.05 3.23
C PRO A 106 -5.53 -12.22 3.84
N GLN A 107 -4.42 -12.09 3.10
CA GLN A 107 -3.28 -11.32 3.59
C GLN A 107 -2.64 -10.52 2.45
N VAL A 108 -2.05 -9.38 2.82
CA VAL A 108 -1.40 -8.51 1.85
C VAL A 108 -0.07 -7.98 2.39
N GLU A 109 0.87 -7.75 1.49
CA GLU A 109 2.18 -7.23 1.86
C GLU A 109 2.53 -6.02 1.00
N ILE A 110 2.51 -4.84 1.61
CA ILE A 110 2.82 -3.62 0.87
C ILE A 110 4.07 -2.95 1.42
N ILE A 111 4.93 -2.50 0.51
CA ILE A 111 6.17 -1.83 0.89
C ILE A 111 6.16 -0.38 0.42
N VAL A 112 6.76 0.50 1.19
CA VAL A 112 6.82 1.92 0.84
C VAL A 112 8.22 2.47 0.93
N SER A 113 8.36 3.76 0.62
CA SER A 113 9.65 4.44 0.66
C SER A 113 9.49 5.89 1.09
N ARG A 114 10.09 6.24 2.22
CA ARG A 114 10.01 7.60 2.73
C ARG A 114 11.37 8.30 2.63
N GLU B 6 -9.05 12.10 -6.26
CA GLU B 6 -8.22 11.46 -7.32
C GLU B 6 -7.64 10.13 -6.83
N GLU B 7 -8.53 9.22 -6.42
CA GLU B 7 -8.13 7.92 -5.92
C GLU B 7 -8.03 6.91 -7.07
N GLY B 8 -7.76 5.66 -6.74
CA GLY B 8 -7.66 4.64 -7.77
C GLY B 8 -8.17 3.27 -7.34
N ILE B 9 -7.76 2.82 -6.15
CA ILE B 9 -8.19 1.52 -5.65
C ILE B 9 -8.55 1.59 -4.17
N TRP B 10 -9.46 0.72 -3.77
CA TRP B 10 -9.88 0.64 -2.38
C TRP B 10 -9.11 -0.46 -1.68
N ALA B 11 -8.39 -0.09 -0.63
CA ALA B 11 -7.61 -1.06 0.13
C ALA B 11 -7.55 -0.67 1.60
N HIS A 6 1.21 -8.11 13.94
CA HIS A 6 2.64 -7.79 14.18
C HIS A 6 2.99 -6.39 13.67
N PRO A 7 3.96 -5.73 14.31
CA PRO A 7 4.38 -4.38 13.91
C PRO A 7 5.19 -4.38 12.62
N VAL A 8 5.45 -3.19 12.10
CA VAL A 8 6.21 -3.04 10.86
C VAL A 8 7.64 -2.60 11.15
N THR A 9 8.56 -2.97 10.26
CA THR A 9 9.97 -2.62 10.40
C THR A 9 10.47 -1.88 9.17
N TRP A 10 11.48 -1.05 9.37
CA TRP A 10 12.06 -0.27 8.26
C TRP A 10 13.58 -0.39 8.26
N GLN A 11 14.15 -0.67 7.10
CA GLN A 11 15.60 -0.81 6.96
C GLN A 11 16.14 0.21 5.97
N PRO A 12 17.34 0.78 6.26
CA PRO A 12 17.97 1.77 5.38
C PRO A 12 18.25 1.21 3.98
N SER A 13 18.02 2.03 2.98
CA SER A 13 18.25 1.64 1.60
C SER A 13 19.71 1.28 1.38
N LYS A 14 20.02 0.82 0.17
CA LYS A 14 21.39 0.44 -0.17
C LYS A 14 22.33 1.63 -0.06
N GLU A 15 21.99 2.72 -0.75
CA GLU A 15 22.81 3.92 -0.74
C GLU A 15 22.90 4.53 0.65
N GLY A 16 21.88 4.30 1.47
CA GLY A 16 21.86 4.83 2.81
C GLY A 16 21.25 6.22 2.87
N ASP A 17 20.27 6.47 2.01
CA ASP A 17 19.60 7.76 1.96
C ASP A 17 18.09 7.60 2.04
N ARG A 18 17.59 6.41 1.70
CA ARG A 18 16.16 6.15 1.74
C ARG A 18 15.83 5.10 2.80
N LEU A 19 14.62 5.16 3.34
CA LEU A 19 14.19 4.21 4.35
C LEU A 19 13.03 3.35 3.84
N ILE A 20 13.28 2.06 3.69
CA ILE A 20 12.26 1.13 3.20
C ILE A 20 11.71 0.28 4.33
N GLY A 21 10.41 -0.01 4.27
CA GLY A 21 9.78 -0.83 5.28
C GLY A 21 8.82 -1.84 4.70
N ARG A 22 8.53 -2.89 5.46
CA ARG A 22 7.61 -3.93 5.02
C ARG A 22 6.30 -3.84 5.79
N VAL A 23 5.19 -3.61 5.08
CA VAL A 23 3.89 -3.49 5.71
C VAL A 23 2.97 -4.65 5.35
N ILE A 24 2.50 -5.35 6.38
CA ILE A 24 1.58 -6.47 6.17
C ILE A 24 0.19 -6.08 6.61
N LEU A 25 -0.74 -6.04 5.67
CA LEU A 25 -2.12 -5.67 5.98
C LEU A 25 -3.10 -6.78 5.60
N ASN A 26 -4.21 -6.83 6.32
CA ASN A 26 -5.23 -7.85 6.07
C ASN A 26 -6.60 -7.24 5.94
N LYS A 27 -7.43 -7.81 5.08
CA LYS A 27 -8.79 -7.31 4.87
C LYS A 27 -9.81 -8.25 5.51
N ARG A 28 -9.47 -9.53 5.59
CA ARG A 28 -10.35 -10.53 6.17
C ARG A 28 -10.52 -10.31 7.68
N THR A 29 -9.40 -10.10 8.37
CA THR A 29 -9.43 -9.87 9.80
C THR A 29 -10.28 -8.65 10.15
N THR A 30 -11.12 -8.78 11.17
CA THR A 30 -11.99 -7.69 11.59
C THR A 30 -11.18 -6.54 12.17
N MET A 31 -11.69 -5.33 11.99
CA MET A 31 -11.04 -4.13 12.50
C MET A 31 -11.78 -3.59 13.73
N PRO A 32 -11.15 -2.65 14.46
CA PRO A 32 -11.74 -2.06 15.67
C PRO A 32 -12.96 -1.19 15.36
N LYS A 33 -12.84 -0.32 14.37
CA LYS A 33 -13.95 0.56 13.97
C LYS A 33 -15.02 -0.22 13.23
N GLU A 34 -14.58 -1.16 12.40
CA GLU A 34 -15.48 -1.99 11.61
C GLU A 34 -16.31 -1.16 10.65
N SER A 35 -16.26 -1.54 9.37
CA SER A 35 -17.00 -0.84 8.32
C SER A 35 -17.48 -1.83 7.26
N GLY A 36 -16.58 -2.71 6.84
CA GLY A 36 -16.93 -3.70 5.84
C GLY A 36 -16.52 -3.28 4.44
N ALA A 37 -15.22 -3.32 4.16
CA ALA A 37 -14.72 -2.95 2.85
C ALA A 37 -13.36 -3.62 2.55
N LEU A 38 -12.27 -2.90 2.77
CA LEU A 38 -10.93 -3.43 2.52
C LEU A 38 -10.11 -3.48 3.81
N LEU A 39 -8.86 -3.01 3.77
CA LEU A 39 -8.01 -3.03 4.96
C LEU A 39 -8.15 -1.72 5.74
N GLY A 40 -7.59 -0.63 5.21
CA GLY A 40 -7.70 0.64 5.92
C GLY A 40 -7.05 1.83 5.21
N LEU A 41 -6.85 1.74 3.88
CA LEU A 41 -6.24 2.84 3.15
C LEU A 41 -6.52 2.75 1.65
N LYS A 42 -6.72 3.89 1.01
CA LYS A 42 -6.98 3.93 -0.42
C LYS A 42 -5.69 4.23 -1.17
N VAL A 43 -5.41 3.45 -2.21
CA VAL A 43 -4.20 3.65 -2.99
C VAL A 43 -4.50 4.05 -4.43
N VAL A 44 -3.55 4.74 -5.04
CA VAL A 44 -3.69 5.17 -6.41
C VAL A 44 -2.62 4.53 -7.29
N GLY A 45 -2.86 4.54 -8.60
CA GLY A 45 -1.90 3.94 -9.52
C GLY A 45 -1.74 4.77 -10.79
N GLY A 46 -0.54 4.74 -11.36
CA GLY A 46 -0.28 5.48 -12.58
C GLY A 46 0.04 6.93 -12.30
N LYS A 47 1.05 7.16 -11.45
CA LYS A 47 1.47 8.52 -11.11
C LYS A 47 2.92 8.75 -11.47
N MET A 48 3.16 9.31 -12.65
CA MET A 48 4.51 9.59 -13.11
C MET A 48 5.23 10.53 -12.14
N THR A 49 6.23 10.00 -11.45
CA THR A 49 7.00 10.79 -10.48
C THR A 49 7.94 11.76 -11.18
N ASP A 50 8.67 12.52 -10.38
CA ASP A 50 9.62 13.51 -10.91
C ASP A 50 10.76 12.82 -11.66
N LEU A 51 10.97 11.54 -11.38
CA LEU A 51 12.03 10.77 -12.02
C LEU A 51 11.58 10.25 -13.37
N GLY A 52 10.34 9.77 -13.41
CA GLY A 52 9.80 9.24 -14.65
C GLY A 52 9.31 7.81 -14.51
N ARG A 53 9.12 7.36 -13.28
CA ARG A 53 8.66 6.00 -13.03
C ARG A 53 7.26 6.01 -12.41
N LEU A 54 6.43 5.06 -12.82
CA LEU A 54 5.07 4.96 -12.31
C LEU A 54 5.02 4.15 -11.02
N GLY A 55 4.12 4.53 -10.12
CA GLY A 55 3.99 3.83 -8.85
C GLY A 55 2.61 3.98 -8.24
N ALA A 56 2.51 3.75 -6.94
CA ALA A 56 1.24 3.86 -6.23
C ALA A 56 1.36 4.76 -5.01
N PHE A 57 0.30 5.50 -4.73
CA PHE A 57 0.29 6.41 -3.57
C PHE A 57 -1.03 6.29 -2.81
N ILE A 58 -0.96 6.38 -1.49
CA ILE A 58 -2.15 6.30 -0.65
C ILE A 58 -2.92 7.61 -0.64
N THR A 59 -4.15 7.59 -1.14
CA THR A 59 -4.97 8.78 -1.20
C THR A 59 -5.51 9.17 0.18
N LYS A 60 -5.71 8.16 1.04
CA LYS A 60 -6.23 8.41 2.38
C LYS A 60 -6.19 7.16 3.25
N VAL A 61 -6.19 7.36 4.56
CA VAL A 61 -6.17 6.26 5.52
C VAL A 61 -7.29 6.39 6.54
N LYS A 62 -7.99 5.30 6.80
CA LYS A 62 -9.08 5.31 7.77
C LYS A 62 -8.54 5.14 9.20
N LYS A 63 -8.55 6.23 9.95
CA LYS A 63 -8.06 6.22 11.33
C LYS A 63 -8.80 5.18 12.17
N GLY A 64 -8.14 4.06 12.43
CA GLY A 64 -8.75 3.00 13.21
C GLY A 64 -8.72 1.67 12.51
N SER A 65 -8.72 1.71 11.17
CA SER A 65 -8.68 0.49 10.38
C SER A 65 -7.35 -0.23 10.53
N LEU A 66 -7.25 -1.41 9.94
CA LEU A 66 -6.02 -2.20 10.02
C LEU A 66 -4.82 -1.43 9.48
N ALA A 67 -4.98 -0.89 8.27
CA ALA A 67 -3.92 -0.12 7.63
C ALA A 67 -3.27 0.89 8.57
N ASP A 68 -4.05 1.36 9.53
CA ASP A 68 -3.56 2.35 10.49
C ASP A 68 -2.88 1.69 11.68
N VAL A 69 -3.53 0.67 12.23
CA VAL A 69 -2.98 -0.03 13.40
C VAL A 69 -1.88 -1.02 13.03
N VAL A 70 -2.10 -1.83 12.01
CA VAL A 70 -1.10 -2.82 11.59
C VAL A 70 -0.19 -2.27 10.50
N GLY A 71 -0.72 -1.38 9.68
CA GLY A 71 0.08 -0.79 8.61
C GLY A 71 0.88 0.42 9.09
N HIS A 72 0.17 1.39 9.67
CA HIS A 72 0.80 2.59 10.18
C HIS A 72 1.38 3.47 9.07
N LEU A 73 0.51 3.90 8.15
CA LEU A 73 0.94 4.76 7.06
C LEU A 73 -0.03 5.92 6.90
N ARG A 74 0.30 6.86 6.03
CA ARG A 74 -0.54 8.03 5.81
C ARG A 74 -0.68 8.36 4.34
N ALA A 75 -1.74 9.08 4.00
CA ALA A 75 -2.00 9.47 2.62
C ALA A 75 -0.80 10.21 2.04
N GLY A 76 -0.25 9.68 0.96
CA GLY A 76 0.90 10.29 0.33
C GLY A 76 2.06 9.31 0.20
N ASP A 77 2.04 8.28 1.04
CA ASP A 77 3.08 7.25 1.01
C ASP A 77 3.09 6.54 -0.33
N GLU A 78 4.28 6.26 -0.84
CA GLU A 78 4.41 5.57 -2.13
C GLU A 78 4.71 4.09 -1.94
N VAL A 79 3.74 3.25 -2.31
CA VAL A 79 3.90 1.81 -2.19
C VAL A 79 4.43 1.22 -3.48
N LEU A 80 5.72 0.89 -3.50
CA LEU A 80 6.34 0.32 -4.68
C LEU A 80 6.13 -1.19 -4.74
N GLU A 81 5.40 -1.73 -3.76
CA GLU A 81 5.14 -3.16 -3.72
C GLU A 81 3.75 -3.46 -3.16
N TRP A 82 2.96 -4.22 -3.91
CA TRP A 82 1.61 -4.60 -3.48
C TRP A 82 1.41 -6.10 -3.63
N ASN A 83 1.23 -6.79 -2.50
CA ASN A 83 1.03 -8.23 -2.51
C ASN A 83 2.29 -8.95 -2.99
N GLY A 84 3.44 -8.43 -2.58
CA GLY A 84 4.71 -9.03 -2.95
C GLY A 84 5.04 -8.88 -4.43
N LYS A 85 4.37 -7.94 -5.10
CA LYS A 85 4.60 -7.71 -6.52
C LYS A 85 5.27 -6.36 -6.75
N PRO A 86 6.15 -6.26 -7.75
CA PRO A 86 6.80 -5.01 -8.06
C PRO A 86 5.88 -4.10 -8.89
N LEU A 87 5.57 -2.95 -8.33
CA LEU A 87 4.71 -1.98 -8.98
C LEU A 87 5.48 -1.05 -9.93
N PRO A 88 6.70 -0.62 -9.55
CA PRO A 88 7.50 0.28 -10.39
C PRO A 88 7.44 -0.08 -11.87
N GLY A 89 6.84 0.81 -12.65
CA GLY A 89 6.71 0.59 -14.08
C GLY A 89 5.28 0.32 -14.49
N ALA A 90 4.42 0.03 -13.50
CA ALA A 90 3.02 -0.25 -13.78
C ALA A 90 2.17 1.01 -13.58
N THR A 91 1.24 1.25 -14.50
CA THR A 91 0.36 2.41 -14.42
C THR A 91 -0.90 2.08 -13.62
N ASN A 92 -1.86 3.00 -13.65
CA ASN A 92 -3.12 2.81 -12.93
C ASN A 92 -3.78 1.48 -13.28
N GLU A 93 -3.96 1.21 -14.56
CA GLU A 93 -4.58 -0.02 -15.01
C GLU A 93 -3.77 -1.24 -14.57
N GLU A 94 -2.45 -1.08 -14.49
CA GLU A 94 -1.59 -2.17 -14.06
C GLU A 94 -1.88 -2.51 -12.60
N VAL A 95 -1.65 -1.54 -11.72
CA VAL A 95 -1.90 -1.71 -10.30
C VAL A 95 -3.31 -2.27 -10.08
N TYR A 96 -4.26 -1.77 -10.86
CA TYR A 96 -5.65 -2.21 -10.76
C TYR A 96 -5.73 -3.74 -10.73
N ASN A 97 -5.12 -4.36 -11.72
CA ASN A 97 -5.12 -5.82 -11.82
C ASN A 97 -4.36 -6.44 -10.66
N ILE A 98 -3.29 -5.79 -10.23
CA ILE A 98 -2.48 -6.27 -9.13
C ILE A 98 -3.27 -6.27 -7.82
N ILE A 99 -3.61 -5.07 -7.35
CA ILE A 99 -4.36 -4.93 -6.10
C ILE A 99 -5.64 -5.75 -6.11
N LEU A 100 -6.51 -5.49 -7.08
CA LEU A 100 -7.78 -6.22 -7.19
C LEU A 100 -7.57 -7.72 -7.02
N GLU A 101 -6.63 -8.27 -7.78
CA GLU A 101 -6.32 -9.69 -7.71
C GLU A 101 -5.96 -10.10 -6.29
N SER A 102 -5.45 -9.14 -5.51
CA SER A 102 -5.06 -9.40 -4.13
C SER A 102 -6.18 -9.05 -3.16
N LYS A 103 -7.19 -8.34 -3.64
CA LYS A 103 -8.32 -7.96 -2.79
C LYS A 103 -9.07 -9.18 -2.29
N SER A 104 -8.92 -10.30 -2.99
CA SER A 104 -9.59 -11.55 -2.61
C SER A 104 -8.83 -12.27 -1.51
N GLU A 105 -7.52 -12.04 -1.44
CA GLU A 105 -6.69 -12.68 -0.43
C GLU A 105 -6.97 -12.09 0.96
N PRO A 106 -6.96 -12.94 2.01
CA PRO A 106 -7.22 -12.50 3.37
C PRO A 106 -6.04 -11.76 3.98
N GLN A 107 -4.93 -11.70 3.25
CA GLN A 107 -3.73 -11.02 3.73
C GLN A 107 -3.02 -10.30 2.58
N VAL A 108 -2.27 -9.25 2.92
CA VAL A 108 -1.54 -8.49 1.93
C VAL A 108 -0.19 -8.00 2.47
N GLU A 109 0.75 -7.81 1.56
CA GLU A 109 2.08 -7.34 1.92
C GLU A 109 2.47 -6.16 1.03
N ILE A 110 2.52 -4.97 1.62
CA ILE A 110 2.86 -3.77 0.85
C ILE A 110 4.10 -3.08 1.40
N ILE A 111 4.93 -2.59 0.48
CA ILE A 111 6.16 -1.91 0.85
C ILE A 111 6.11 -0.45 0.37
N VAL A 112 6.73 0.44 1.13
CA VAL A 112 6.74 1.85 0.78
C VAL A 112 8.16 2.43 0.80
N SER A 113 8.26 3.70 0.47
CA SER A 113 9.55 4.39 0.44
C SER A 113 9.41 5.83 0.91
N ARG A 114 10.11 6.18 1.98
CA ARG A 114 10.05 7.54 2.52
C ARG A 114 11.00 8.46 1.77
N GLU B 6 -9.67 11.93 -6.14
CA GLU B 6 -8.34 11.38 -6.55
C GLU B 6 -8.08 10.02 -5.91
N GLU B 7 -8.40 8.96 -6.63
CA GLU B 7 -8.20 7.61 -6.14
C GLU B 7 -8.02 6.62 -7.29
N GLY B 8 -7.78 5.36 -6.96
CA GLY B 8 -7.60 4.35 -7.97
C GLY B 8 -8.05 2.96 -7.52
N ILE B 9 -7.70 2.61 -6.29
CA ILE B 9 -8.08 1.31 -5.74
C ILE B 9 -8.45 1.42 -4.28
N TRP B 10 -9.42 0.62 -3.86
CA TRP B 10 -9.86 0.61 -2.48
C TRP B 10 -9.12 -0.46 -1.71
N ALA B 11 -8.43 -0.06 -0.65
CA ALA B 11 -7.67 -1.00 0.17
C ALA B 11 -7.61 -0.52 1.61
N HIS A 6 4.00 -8.46 14.26
CA HIS A 6 2.73 -7.68 14.15
C HIS A 6 2.97 -6.28 13.59
N PRO A 7 3.93 -5.53 14.18
CA PRO A 7 4.24 -4.18 13.74
C PRO A 7 5.14 -4.16 12.51
N VAL A 8 5.29 -2.98 11.90
CA VAL A 8 6.12 -2.83 10.72
C VAL A 8 7.54 -2.41 11.09
N THR A 9 8.49 -2.79 10.25
CA THR A 9 9.89 -2.46 10.48
C THR A 9 10.48 -1.68 9.31
N TRP A 10 11.46 -0.83 9.59
CA TRP A 10 12.10 -0.04 8.55
C TRP A 10 13.63 -0.16 8.63
N GLN A 11 14.24 -0.51 7.50
CA GLN A 11 15.69 -0.68 7.44
C GLN A 11 16.29 0.30 6.43
N PRO A 12 17.59 0.64 6.59
CA PRO A 12 18.28 1.56 5.69
C PRO A 12 18.11 1.17 4.23
N SER A 13 17.78 2.15 3.40
CA SER A 13 17.58 1.91 1.97
C SER A 13 18.86 1.39 1.32
N LYS A 14 18.82 1.23 0.01
CA LYS A 14 19.97 0.74 -0.75
C LYS A 14 20.98 1.85 -1.00
N GLU A 15 20.60 3.09 -0.71
CA GLU A 15 21.49 4.23 -0.90
C GLU A 15 22.01 4.77 0.42
N GLY A 16 21.45 4.29 1.53
CA GLY A 16 21.89 4.74 2.84
C GLY A 16 21.37 6.13 3.18
N ASP A 17 20.42 6.61 2.41
CA ASP A 17 19.85 7.94 2.63
C ASP A 17 18.33 7.87 2.80
N ARG A 18 17.77 6.67 2.71
CA ARG A 18 16.33 6.48 2.84
C ARG A 18 16.00 5.33 3.78
N LEU A 19 14.74 5.23 4.18
CA LEU A 19 14.31 4.17 5.08
C LEU A 19 13.21 3.33 4.44
N ILE A 20 13.51 2.06 4.18
CA ILE A 20 12.54 1.17 3.57
C ILE A 20 11.92 0.24 4.60
N GLY A 21 10.62 -0.02 4.46
CA GLY A 21 9.92 -0.89 5.38
C GLY A 21 8.96 -1.83 4.68
N ARG A 22 8.56 -2.89 5.38
CA ARG A 22 7.63 -3.85 4.81
C ARG A 22 6.32 -3.85 5.59
N VAL A 23 5.20 -3.71 4.90
CA VAL A 23 3.90 -3.67 5.55
C VAL A 23 3.03 -4.86 5.14
N ILE A 24 2.49 -5.55 6.13
CA ILE A 24 1.62 -6.69 5.89
C ILE A 24 0.19 -6.37 6.29
N LEU A 25 -0.72 -6.42 5.34
CA LEU A 25 -2.12 -6.11 5.61
C LEU A 25 -3.03 -7.27 5.21
N ASN A 26 -4.15 -7.39 5.90
CA ASN A 26 -5.11 -8.46 5.63
C ASN A 26 -6.53 -7.91 5.50
N LYS A 27 -7.23 -8.35 4.45
CA LYS A 27 -8.60 -7.89 4.21
C LYS A 27 -9.60 -8.88 4.80
N ARG A 28 -9.22 -10.15 4.87
CA ARG A 28 -10.10 -11.18 5.41
C ARG A 28 -10.07 -11.20 6.94
N THR A 29 -8.95 -10.78 7.52
CA THR A 29 -8.81 -10.76 8.97
C THR A 29 -9.90 -9.91 9.62
N THR A 30 -10.46 -8.99 8.83
CA THR A 30 -11.51 -8.10 9.33
C THR A 30 -10.97 -7.10 10.34
N MET A 31 -11.79 -6.13 10.72
CA MET A 31 -11.39 -5.11 11.67
C MET A 31 -12.04 -5.36 13.04
N PRO A 32 -11.54 -4.69 14.09
CA PRO A 32 -12.06 -4.84 15.45
C PRO A 32 -13.37 -4.10 15.65
N LYS A 33 -13.65 -3.13 14.79
CA LYS A 33 -14.89 -2.36 14.88
C LYS A 33 -16.04 -3.06 14.18
N GLU A 34 -15.85 -3.39 12.90
CA GLU A 34 -16.88 -4.07 12.12
C GLU A 34 -16.36 -4.46 10.74
N SER A 35 -15.53 -3.59 10.16
CA SER A 35 -14.96 -3.85 8.84
C SER A 35 -15.99 -3.63 7.74
N GLY A 36 -15.52 -3.50 6.51
CA GLY A 36 -16.42 -3.28 5.39
C GLY A 36 -15.69 -2.85 4.13
N ALA A 37 -14.57 -2.17 4.30
CA ALA A 37 -13.79 -1.71 3.16
C ALA A 37 -12.85 -2.81 2.63
N LEU A 38 -11.55 -2.69 2.91
CA LEU A 38 -10.60 -3.69 2.45
C LEU A 38 -9.58 -4.02 3.55
N LEU A 39 -8.54 -3.21 3.68
CA LEU A 39 -7.52 -3.43 4.71
C LEU A 39 -7.40 -2.21 5.63
N GLY A 40 -7.36 -1.00 5.07
CA GLY A 40 -7.28 0.19 5.91
C GLY A 40 -6.71 1.44 5.25
N LEU A 41 -6.56 1.44 3.92
CA LEU A 41 -6.03 2.63 3.23
C LEU A 41 -6.36 2.63 1.74
N LYS A 42 -6.43 3.82 1.15
CA LYS A 42 -6.72 3.95 -0.28
C LYS A 42 -5.45 4.30 -1.04
N VAL A 43 -5.22 3.62 -2.15
CA VAL A 43 -4.02 3.87 -2.94
C VAL A 43 -4.36 4.17 -4.39
N VAL A 44 -3.46 4.89 -5.03
CA VAL A 44 -3.63 5.25 -6.43
C VAL A 44 -2.69 4.42 -7.29
N GLY A 45 -3.01 4.32 -8.58
CA GLY A 45 -2.18 3.54 -9.48
C GLY A 45 -1.95 4.22 -10.82
N GLY A 46 -0.69 4.27 -11.24
CA GLY A 46 -0.35 4.88 -12.51
C GLY A 46 -0.32 6.40 -12.44
N LYS A 47 0.58 6.94 -11.63
CA LYS A 47 0.73 8.38 -11.50
C LYS A 47 2.17 8.80 -11.81
N MET A 48 2.32 9.60 -12.86
CA MET A 48 3.64 10.06 -13.27
C MET A 48 4.28 10.94 -12.21
N THR A 49 5.25 10.38 -11.49
CA THR A 49 5.95 11.11 -10.44
C THR A 49 7.08 11.95 -11.03
N ASP A 50 7.87 12.56 -10.15
CA ASP A 50 8.99 13.39 -10.57
C ASP A 50 10.12 12.54 -11.14
N LEU A 51 10.16 11.27 -10.76
CA LEU A 51 11.20 10.36 -11.24
C LEU A 51 11.01 10.06 -12.72
N GLY A 52 9.77 10.14 -13.19
CA GLY A 52 9.49 9.88 -14.59
C GLY A 52 8.86 8.51 -14.81
N ARG A 53 8.45 7.86 -13.72
CA ARG A 53 7.83 6.54 -13.80
C ARG A 53 6.51 6.51 -13.04
N LEU A 54 5.76 5.43 -13.21
CA LEU A 54 4.47 5.28 -12.54
C LEU A 54 4.61 4.47 -11.25
N GLY A 55 3.76 4.78 -10.27
CA GLY A 55 3.81 4.06 -9.00
C GLY A 55 2.46 4.06 -8.30
N ALA A 56 2.49 3.87 -6.98
CA ALA A 56 1.27 3.84 -6.19
C ALA A 56 1.40 4.67 -4.92
N PHE A 57 0.48 5.62 -4.74
CA PHE A 57 0.50 6.47 -3.55
C PHE A 57 -0.81 6.31 -2.77
N ILE A 58 -0.73 6.45 -1.45
CA ILE A 58 -1.91 6.33 -0.60
C ILE A 58 -2.70 7.64 -0.56
N THR A 59 -3.92 7.59 -1.07
CA THR A 59 -4.79 8.76 -1.10
C THR A 59 -5.36 9.08 0.28
N LYS A 60 -5.54 8.05 1.10
CA LYS A 60 -6.08 8.27 2.45
C LYS A 60 -6.08 6.97 3.27
N VAL A 61 -6.03 7.13 4.60
CA VAL A 61 -6.03 6.00 5.51
C VAL A 61 -7.19 6.08 6.48
N LYS A 62 -7.85 4.95 6.72
CA LYS A 62 -8.97 4.90 7.65
C LYS A 62 -8.49 4.67 9.08
N LYS A 63 -8.53 5.72 9.89
CA LYS A 63 -8.09 5.62 11.29
C LYS A 63 -8.87 4.56 12.04
N GLY A 64 -8.21 3.43 12.31
CA GLY A 64 -8.87 2.35 13.03
C GLY A 64 -8.78 1.03 12.29
N SER A 65 -8.58 1.10 10.98
CA SER A 65 -8.48 -0.09 10.15
C SER A 65 -7.14 -0.79 10.35
N LEU A 66 -6.94 -1.91 9.68
CA LEU A 66 -5.70 -2.67 9.79
C LEU A 66 -4.51 -1.85 9.31
N ALA A 67 -4.62 -1.33 8.09
CA ALA A 67 -3.56 -0.53 7.50
C ALA A 67 -3.06 0.54 8.46
N ASP A 68 -3.92 0.98 9.37
CA ASP A 68 -3.56 2.00 10.35
C ASP A 68 -2.89 1.40 11.57
N VAL A 69 -3.51 0.36 12.13
CA VAL A 69 -2.98 -0.30 13.32
C VAL A 69 -1.81 -1.23 13.01
N VAL A 70 -1.95 -2.06 11.97
CA VAL A 70 -0.90 -2.99 11.59
C VAL A 70 -0.01 -2.41 10.50
N GLY A 71 -0.59 -1.58 9.64
CA GLY A 71 0.18 -0.97 8.57
C GLY A 71 1.01 0.20 9.06
N HIS A 72 0.34 1.19 9.66
CA HIS A 72 1.00 2.36 10.20
C HIS A 72 1.54 3.27 9.10
N LEU A 73 0.67 3.70 8.19
CA LEU A 73 1.07 4.60 7.12
C LEU A 73 0.05 5.73 6.98
N ARG A 74 0.37 6.70 6.15
CA ARG A 74 -0.52 7.84 5.95
C ARG A 74 -0.59 8.24 4.48
N ALA A 75 -1.67 8.94 4.13
CA ALA A 75 -1.86 9.39 2.75
C ALA A 75 -0.65 10.17 2.25
N GLY A 76 -0.07 9.71 1.16
CA GLY A 76 1.09 10.37 0.60
C GLY A 76 2.25 9.40 0.42
N ASP A 77 2.23 8.31 1.17
CA ASP A 77 3.27 7.29 1.08
C ASP A 77 3.26 6.63 -0.30
N GLU A 78 4.45 6.27 -0.77
CA GLU A 78 4.57 5.62 -2.08
C GLU A 78 4.87 4.14 -1.94
N VAL A 79 3.88 3.31 -2.25
CA VAL A 79 4.05 1.86 -2.16
C VAL A 79 4.63 1.32 -3.47
N LEU A 80 5.90 0.94 -3.42
CA LEU A 80 6.57 0.40 -4.61
C LEU A 80 6.31 -1.10 -4.75
N GLU A 81 5.54 -1.66 -3.83
CA GLU A 81 5.23 -3.08 -3.86
C GLU A 81 3.83 -3.38 -3.32
N TRP A 82 3.05 -4.10 -4.12
CA TRP A 82 1.69 -4.47 -3.72
C TRP A 82 1.46 -5.96 -3.92
N ASN A 83 1.24 -6.68 -2.83
CA ASN A 83 1.03 -8.13 -2.90
C ASN A 83 2.28 -8.84 -3.38
N GLY A 84 3.43 -8.34 -2.95
CA GLY A 84 4.70 -8.94 -3.34
C GLY A 84 5.05 -8.72 -4.80
N LYS A 85 4.34 -7.81 -5.45
CA LYS A 85 4.59 -7.53 -6.87
C LYS A 85 5.18 -6.14 -7.04
N PRO A 86 6.03 -5.94 -8.06
CA PRO A 86 6.61 -4.64 -8.33
C PRO A 86 5.66 -3.77 -9.15
N LEU A 87 5.27 -2.65 -8.57
CA LEU A 87 4.35 -1.72 -9.22
C LEU A 87 5.09 -0.69 -10.09
N PRO A 88 6.28 -0.21 -9.66
CA PRO A 88 7.05 0.78 -10.43
C PRO A 88 7.05 0.49 -11.92
N GLY A 89 6.42 1.38 -12.69
CA GLY A 89 6.35 1.21 -14.13
C GLY A 89 4.96 0.82 -14.60
N ALA A 90 4.10 0.44 -13.67
CA ALA A 90 2.73 0.05 -14.00
C ALA A 90 1.76 1.22 -13.85
N THR A 91 0.83 1.34 -14.78
CA THR A 91 -0.15 2.42 -14.75
C THR A 91 -1.38 2.00 -13.96
N ASN A 92 -2.40 2.86 -13.96
CA ASN A 92 -3.63 2.59 -13.22
C ASN A 92 -4.19 1.21 -13.55
N GLU A 93 -4.30 0.90 -14.83
CA GLU A 93 -4.83 -0.39 -15.26
C GLU A 93 -3.97 -1.53 -14.72
N GLU A 94 -2.66 -1.32 -14.68
CA GLU A 94 -1.76 -2.34 -14.17
C GLU A 94 -2.04 -2.57 -12.70
N VAL A 95 -1.85 -1.53 -11.91
CA VAL A 95 -2.11 -1.60 -10.47
C VAL A 95 -3.54 -2.07 -10.21
N TYR A 96 -4.48 -1.56 -11.00
CA TYR A 96 -5.89 -1.93 -10.85
C TYR A 96 -6.04 -3.45 -10.79
N ASN A 97 -5.39 -4.13 -11.72
CA ASN A 97 -5.45 -5.58 -11.78
C ASN A 97 -4.68 -6.20 -10.62
N ILE A 98 -3.53 -5.61 -10.29
CA ILE A 98 -2.70 -6.10 -9.20
C ILE A 98 -3.48 -6.06 -7.88
N ILE A 99 -3.84 -4.86 -7.45
CA ILE A 99 -4.58 -4.70 -6.20
C ILE A 99 -5.88 -5.50 -6.21
N LEU A 100 -6.73 -5.25 -7.21
CA LEU A 100 -8.00 -5.98 -7.32
C LEU A 100 -7.79 -7.47 -7.13
N GLU A 101 -6.83 -8.02 -7.86
CA GLU A 101 -6.52 -9.44 -7.77
C GLU A 101 -6.23 -9.84 -6.32
N SER A 102 -5.77 -8.87 -5.53
CA SER A 102 -5.44 -9.12 -4.13
C SER A 102 -6.66 -8.88 -3.22
N LYS A 103 -7.69 -8.22 -3.75
CA LYS A 103 -8.89 -7.96 -2.97
C LYS A 103 -9.53 -9.26 -2.49
N SER A 104 -9.21 -10.36 -3.16
CA SER A 104 -9.76 -11.65 -2.80
C SER A 104 -8.75 -12.50 -2.03
N GLU A 105 -7.56 -11.95 -1.81
CA GLU A 105 -6.52 -12.67 -1.08
C GLU A 105 -6.71 -12.53 0.42
N PRO A 106 -6.38 -13.58 1.20
CA PRO A 106 -6.52 -13.56 2.65
C PRO A 106 -5.46 -12.70 3.34
N GLN A 107 -4.44 -12.30 2.58
CA GLN A 107 -3.37 -11.48 3.13
C GLN A 107 -2.65 -10.70 2.02
N VAL A 108 -1.99 -9.61 2.40
CA VAL A 108 -1.28 -8.77 1.44
C VAL A 108 0.00 -8.21 2.05
N GLU A 109 0.99 -7.97 1.20
CA GLU A 109 2.27 -7.42 1.63
C GLU A 109 2.63 -6.21 0.78
N ILE A 110 2.61 -5.03 1.40
CA ILE A 110 2.92 -3.79 0.69
C ILE A 110 4.16 -3.11 1.26
N ILE A 111 5.02 -2.64 0.37
CA ILE A 111 6.25 -1.96 0.77
C ILE A 111 6.22 -0.50 0.34
N VAL A 112 6.80 0.37 1.16
CA VAL A 112 6.82 1.80 0.85
C VAL A 112 8.23 2.38 0.96
N SER A 113 8.34 3.66 0.63
CA SER A 113 9.63 4.35 0.68
C SER A 113 9.45 5.78 1.19
N ARG A 114 10.16 6.10 2.27
CA ARG A 114 10.08 7.43 2.87
C ARG A 114 11.26 8.29 2.44
N GLU B 6 -8.32 12.59 -5.99
CA GLU B 6 -7.16 11.72 -6.35
C GLU B 6 -7.29 10.34 -5.71
N GLU B 7 -7.60 9.35 -6.54
CA GLU B 7 -7.75 7.97 -6.06
C GLU B 7 -7.57 6.98 -7.20
N GLY B 8 -7.63 5.70 -6.88
CA GLY B 8 -7.47 4.68 -7.90
C GLY B 8 -7.98 3.31 -7.48
N ILE B 9 -7.66 2.90 -6.25
CA ILE B 9 -8.07 1.59 -5.76
C ILE B 9 -8.41 1.63 -4.27
N TRP B 10 -9.37 0.80 -3.89
CA TRP B 10 -9.78 0.71 -2.50
C TRP B 10 -9.01 -0.42 -1.83
N ALA B 11 -8.34 -0.11 -0.73
CA ALA B 11 -7.56 -1.09 0.00
C ALA B 11 -7.46 -0.73 1.48
N HIS A 6 0.70 -6.27 15.06
CA HIS A 6 2.03 -6.49 14.43
C HIS A 6 2.54 -5.21 13.77
N PRO A 7 3.50 -4.51 14.41
CA PRO A 7 4.06 -3.27 13.87
C PRO A 7 4.93 -3.52 12.64
N VAL A 8 5.33 -2.44 11.98
CA VAL A 8 6.16 -2.53 10.80
C VAL A 8 7.57 -2.00 11.05
N THR A 9 8.53 -2.53 10.31
CA THR A 9 9.93 -2.12 10.46
C THR A 9 10.44 -1.45 9.20
N TRP A 10 11.49 -0.65 9.33
CA TRP A 10 12.09 0.05 8.20
C TRP A 10 13.60 -0.12 8.17
N GLN A 11 14.11 -0.68 7.08
CA GLN A 11 15.55 -0.89 6.93
C GLN A 11 16.13 0.06 5.88
N PRO A 12 17.45 0.35 5.95
CA PRO A 12 18.11 1.24 5.00
C PRO A 12 17.85 0.85 3.56
N SER A 13 17.38 1.81 2.76
CA SER A 13 17.08 1.57 1.36
C SER A 13 18.33 1.12 0.59
N LYS A 14 18.18 0.96 -0.71
CA LYS A 14 19.30 0.54 -1.57
C LYS A 14 20.21 1.71 -1.92
N GLU A 15 19.77 2.93 -1.59
CA GLU A 15 20.56 4.12 -1.88
C GLU A 15 21.38 4.56 -0.66
N GLY A 16 21.05 4.01 0.51
CA GLY A 16 21.77 4.34 1.72
C GLY A 16 21.35 5.69 2.30
N ASP A 17 20.39 6.34 1.65
CA ASP A 17 19.91 7.64 2.12
C ASP A 17 18.40 7.63 2.33
N ARG A 18 17.79 6.45 2.23
CA ARG A 18 16.35 6.31 2.41
C ARG A 18 16.03 5.15 3.34
N LEU A 19 14.79 5.12 3.83
CA LEU A 19 14.36 4.05 4.73
C LEU A 19 13.18 3.30 4.15
N ILE A 20 13.39 2.02 3.84
CA ILE A 20 12.33 1.18 3.28
C ILE A 20 11.76 0.26 4.35
N GLY A 21 10.44 0.06 4.31
CA GLY A 21 9.80 -0.80 5.29
C GLY A 21 8.84 -1.78 4.64
N ARG A 22 8.52 -2.85 5.36
CA ARG A 22 7.60 -3.86 4.87
C ARG A 22 6.31 -3.83 5.67
N VAL A 23 5.18 -3.62 4.98
CA VAL A 23 3.90 -3.55 5.65
C VAL A 23 2.97 -4.67 5.19
N ILE A 24 2.42 -5.41 6.15
CA ILE A 24 1.50 -6.50 5.83
C ILE A 24 0.10 -6.17 6.34
N LEU A 25 -0.87 -6.18 5.43
CA LEU A 25 -2.25 -5.87 5.80
C LEU A 25 -3.16 -7.06 5.50
N ASN A 26 -4.18 -7.21 6.32
CA ASN A 26 -5.13 -8.31 6.17
C ASN A 26 -6.56 -7.78 6.09
N LYS A 27 -7.23 -8.05 4.99
CA LYS A 27 -8.60 -7.60 4.80
C LYS A 27 -9.59 -8.64 5.33
N ARG A 28 -9.20 -9.91 5.26
CA ARG A 28 -10.05 -10.99 5.74
C ARG A 28 -10.30 -10.85 7.24
N THR A 29 -9.32 -10.31 7.94
CA THR A 29 -9.43 -10.11 9.38
C THR A 29 -9.92 -8.69 9.70
N THR A 30 -11.22 -8.56 9.92
CA THR A 30 -11.81 -7.26 10.23
C THR A 30 -11.16 -6.64 11.46
N MET A 31 -11.57 -5.42 11.81
CA MET A 31 -11.03 -4.72 12.95
C MET A 31 -11.94 -4.86 14.17
N PRO A 32 -11.43 -4.53 15.37
CA PRO A 32 -12.18 -4.64 16.62
C PRO A 32 -13.37 -3.68 16.70
N LYS A 33 -13.16 -2.42 16.32
CA LYS A 33 -14.20 -1.41 16.38
C LYS A 33 -15.46 -1.86 15.63
N GLU A 34 -15.28 -2.51 14.48
CA GLU A 34 -16.41 -2.98 13.68
C GLU A 34 -15.91 -3.64 12.39
N SER A 35 -16.75 -3.64 11.36
CA SER A 35 -16.38 -4.23 10.08
C SER A 35 -15.83 -3.17 9.13
N GLY A 36 -14.71 -3.48 8.47
CA GLY A 36 -14.10 -2.54 7.56
C GLY A 36 -14.45 -2.82 6.11
N ALA A 37 -13.98 -1.96 5.22
CA ALA A 37 -14.24 -2.12 3.80
C ALA A 37 -13.20 -3.03 3.14
N LEU A 38 -11.95 -2.60 3.15
CA LEU A 38 -10.87 -3.37 2.57
C LEU A 38 -9.80 -3.72 3.62
N LEU A 39 -8.84 -2.83 3.83
CA LEU A 39 -7.80 -3.07 4.83
C LEU A 39 -7.59 -1.86 5.73
N GLY A 40 -7.60 -0.65 5.16
CA GLY A 40 -7.44 0.54 5.97
C GLY A 40 -6.84 1.75 5.25
N LEU A 41 -6.67 1.67 3.93
CA LEU A 41 -6.10 2.80 3.19
C LEU A 41 -6.41 2.72 1.69
N LYS A 42 -6.55 3.88 1.06
CA LYS A 42 -6.83 3.93 -0.37
C LYS A 42 -5.55 4.26 -1.13
N VAL A 43 -5.24 3.47 -2.15
CA VAL A 43 -4.03 3.69 -2.93
C VAL A 43 -4.35 4.09 -4.36
N VAL A 44 -3.40 4.77 -4.97
CA VAL A 44 -3.53 5.22 -6.35
C VAL A 44 -2.51 4.52 -7.24
N GLY A 45 -2.78 4.53 -8.55
CA GLY A 45 -1.87 3.90 -9.48
C GLY A 45 -1.65 4.72 -10.73
N GLY A 46 -0.45 4.63 -11.30
CA GLY A 46 -0.14 5.39 -12.51
C GLY A 46 0.28 6.82 -12.21
N LYS A 47 1.20 6.98 -11.27
CA LYS A 47 1.69 8.29 -10.90
C LYS A 47 3.14 8.48 -11.32
N MET A 48 3.33 9.00 -12.53
CA MET A 48 4.67 9.23 -13.07
C MET A 48 5.47 10.17 -12.16
N THR A 49 6.51 9.64 -11.53
CA THR A 49 7.34 10.43 -10.64
C THR A 49 8.41 11.19 -11.43
N ASP A 50 9.22 11.98 -10.71
CA ASP A 50 10.28 12.75 -11.34
C ASP A 50 11.40 11.85 -11.87
N LEU A 51 11.38 10.58 -11.45
CA LEU A 51 12.39 9.62 -11.89
C LEU A 51 12.08 9.12 -13.30
N GLY A 52 10.80 9.04 -13.63
CA GLY A 52 10.40 8.58 -14.95
C GLY A 52 9.70 7.23 -14.92
N ARG A 53 9.25 6.82 -13.73
CA ARG A 53 8.58 5.55 -13.57
C ARG A 53 7.24 5.74 -12.85
N LEU A 54 6.33 4.80 -13.07
CA LEU A 54 5.00 4.85 -12.44
C LEU A 54 5.01 4.11 -11.10
N GLY A 55 4.17 4.57 -10.18
CA GLY A 55 4.09 3.93 -8.87
C GLY A 55 2.73 4.08 -8.23
N ALA A 56 2.68 3.90 -6.92
CA ALA A 56 1.42 4.01 -6.18
C ALA A 56 1.53 5.02 -5.05
N PHE A 57 0.38 5.55 -4.63
CA PHE A 57 0.33 6.52 -3.54
C PHE A 57 -0.97 6.40 -2.77
N ILE A 58 -0.89 6.48 -1.45
CA ILE A 58 -2.08 6.37 -0.60
C ILE A 58 -2.83 7.70 -0.56
N THR A 59 -4.09 7.66 -1.01
CA THR A 59 -4.91 8.86 -1.04
C THR A 59 -5.47 9.19 0.35
N LYS A 60 -5.70 8.15 1.16
CA LYS A 60 -6.24 8.34 2.50
C LYS A 60 -6.19 7.05 3.31
N VAL A 61 -6.15 7.20 4.64
CA VAL A 61 -6.11 6.07 5.56
C VAL A 61 -7.26 6.13 6.55
N LYS A 62 -7.94 5.00 6.75
CA LYS A 62 -9.05 4.94 7.69
C LYS A 62 -8.54 4.78 9.12
N LYS A 63 -8.63 5.85 9.90
CA LYS A 63 -8.17 5.83 11.28
C LYS A 63 -8.91 4.78 12.09
N GLY A 64 -8.25 3.65 12.33
CA GLY A 64 -8.86 2.57 13.08
C GLY A 64 -8.76 1.24 12.37
N SER A 65 -8.64 1.29 11.04
CA SER A 65 -8.53 0.07 10.24
C SER A 65 -7.15 -0.57 10.39
N LEU A 66 -7.02 -1.79 9.90
CA LEU A 66 -5.76 -2.52 9.97
C LEU A 66 -4.60 -1.69 9.44
N ALA A 67 -4.77 -1.15 8.24
CA ALA A 67 -3.74 -0.33 7.61
C ALA A 67 -3.16 0.70 8.56
N ASP A 68 -3.97 1.12 9.54
CA ASP A 68 -3.54 2.11 10.51
C ASP A 68 -2.88 1.48 11.73
N VAL A 69 -3.55 0.49 12.32
CA VAL A 69 -3.05 -0.18 13.51
C VAL A 69 -1.90 -1.14 13.19
N VAL A 70 -2.05 -1.93 12.13
CA VAL A 70 -1.01 -2.88 11.75
C VAL A 70 -0.13 -2.33 10.64
N GLY A 71 -0.70 -1.48 9.79
CA GLY A 71 0.06 -0.92 8.69
C GLY A 71 0.92 0.25 9.14
N HIS A 72 0.27 1.27 9.70
CA HIS A 72 0.98 2.46 10.19
C HIS A 72 1.50 3.33 9.05
N LEU A 73 0.59 3.82 8.21
CA LEU A 73 0.96 4.69 7.11
C LEU A 73 -0.06 5.80 6.94
N ARG A 74 0.23 6.74 6.06
CA ARG A 74 -0.67 7.87 5.84
C ARG A 74 -0.72 8.26 4.37
N ALA A 75 -1.74 9.03 4.01
CA ALA A 75 -1.91 9.47 2.63
C ALA A 75 -0.68 10.22 2.15
N GLY A 76 -0.11 9.76 1.05
CA GLY A 76 1.08 10.39 0.51
C GLY A 76 2.22 9.41 0.34
N ASP A 77 2.17 8.33 1.11
CA ASP A 77 3.21 7.30 1.05
C ASP A 77 3.18 6.59 -0.29
N GLU A 78 4.35 6.27 -0.82
CA GLU A 78 4.46 5.59 -2.10
C GLU A 78 4.74 4.10 -1.91
N VAL A 79 3.78 3.27 -2.32
CA VAL A 79 3.94 1.83 -2.21
C VAL A 79 4.48 1.24 -3.51
N LEU A 80 5.76 0.91 -3.52
CA LEU A 80 6.40 0.33 -4.70
C LEU A 80 6.17 -1.19 -4.75
N GLU A 81 5.44 -1.72 -3.78
CA GLU A 81 5.17 -3.15 -3.73
C GLU A 81 3.78 -3.43 -3.17
N TRP A 82 3.00 -4.20 -3.93
CA TRP A 82 1.65 -4.57 -3.51
C TRP A 82 1.45 -6.07 -3.65
N ASN A 83 1.22 -6.75 -2.53
CA ASN A 83 1.02 -8.19 -2.54
C ASN A 83 2.29 -8.91 -2.99
N GLY A 84 3.44 -8.37 -2.59
CA GLY A 84 4.71 -8.97 -2.94
C GLY A 84 5.04 -8.84 -4.43
N LYS A 85 4.37 -7.92 -5.12
CA LYS A 85 4.61 -7.73 -6.54
C LYS A 85 5.33 -6.41 -6.80
N PRO A 86 6.19 -6.36 -7.83
CA PRO A 86 6.90 -5.13 -8.16
C PRO A 86 6.00 -4.21 -8.98
N LEU A 87 5.74 -3.04 -8.44
CA LEU A 87 4.88 -2.06 -9.10
C LEU A 87 5.67 -1.09 -10.00
N PRO A 88 6.95 -0.78 -9.69
CA PRO A 88 7.76 0.13 -10.50
C PRO A 88 7.55 -0.09 -12.00
N GLY A 89 6.89 0.87 -12.63
CA GLY A 89 6.61 0.77 -14.06
C GLY A 89 5.16 0.42 -14.35
N ALA A 90 4.39 0.21 -13.29
CA ALA A 90 2.98 -0.13 -13.43
C ALA A 90 2.10 1.12 -13.45
N THR A 91 1.20 1.20 -14.43
CA THR A 91 0.31 2.34 -14.54
C THR A 91 -0.97 2.11 -13.75
N ASN A 92 -1.87 3.09 -13.78
CA ASN A 92 -3.13 3.00 -13.06
C ASN A 92 -3.86 1.70 -13.35
N GLU A 93 -3.94 1.34 -14.64
CA GLU A 93 -4.62 0.13 -15.05
C GLU A 93 -3.83 -1.12 -14.61
N GLU A 94 -2.52 -0.98 -14.54
CA GLU A 94 -1.68 -2.09 -14.12
C GLU A 94 -1.96 -2.43 -12.66
N VAL A 95 -1.69 -1.47 -11.78
CA VAL A 95 -1.93 -1.65 -10.35
C VAL A 95 -3.35 -2.14 -10.11
N TYR A 96 -4.30 -1.60 -10.87
CA TYR A 96 -5.70 -1.98 -10.74
C TYR A 96 -5.84 -3.50 -10.72
N ASN A 97 -5.25 -4.15 -11.71
CA ASN A 97 -5.31 -5.60 -11.82
C ASN A 97 -4.52 -6.26 -10.69
N ILE A 98 -3.39 -5.66 -10.34
CA ILE A 98 -2.55 -6.18 -9.26
C ILE A 98 -3.30 -6.18 -7.93
N ILE A 99 -3.66 -4.99 -7.46
CA ILE A 99 -4.38 -4.86 -6.20
C ILE A 99 -5.67 -5.68 -6.20
N LEU A 100 -6.55 -5.42 -7.17
CA LEU A 100 -7.80 -6.15 -7.26
C LEU A 100 -7.59 -7.65 -7.13
N GLU A 101 -6.65 -8.17 -7.91
CA GLU A 101 -6.33 -9.59 -7.87
C GLU A 101 -5.84 -9.99 -6.48
N SER A 102 -5.29 -9.03 -5.75
CA SER A 102 -4.78 -9.28 -4.41
C SER A 102 -5.82 -8.93 -3.33
N LYS A 103 -6.90 -8.26 -3.72
CA LYS A 103 -7.95 -7.90 -2.77
C LYS A 103 -8.76 -9.11 -2.33
N SER A 104 -8.52 -10.25 -2.99
CA SER A 104 -9.23 -11.47 -2.65
C SER A 104 -8.35 -12.42 -1.81
N GLU A 105 -7.15 -11.96 -1.46
CA GLU A 105 -6.23 -12.76 -0.68
C GLU A 105 -6.43 -12.50 0.82
N PRO A 106 -6.21 -13.54 1.66
CA PRO A 106 -6.37 -13.42 3.11
C PRO A 106 -5.41 -12.40 3.72
N GLN A 107 -4.31 -12.13 3.03
CA GLN A 107 -3.32 -11.17 3.52
C GLN A 107 -2.66 -10.42 2.36
N VAL A 108 -2.03 -9.30 2.68
CA VAL A 108 -1.36 -8.49 1.67
C VAL A 108 -0.03 -7.93 2.21
N GLU A 109 0.98 -7.94 1.36
CA GLU A 109 2.30 -7.43 1.73
C GLU A 109 2.63 -6.21 0.88
N ILE A 110 2.60 -5.03 1.51
CA ILE A 110 2.90 -3.79 0.80
C ILE A 110 4.14 -3.11 1.35
N ILE A 111 4.98 -2.61 0.44
CA ILE A 111 6.20 -1.93 0.81
C ILE A 111 6.16 -0.48 0.35
N VAL A 112 6.79 0.41 1.12
CA VAL A 112 6.81 1.82 0.78
C VAL A 112 8.21 2.40 0.84
N SER A 113 8.33 3.68 0.49
CA SER A 113 9.61 4.37 0.52
C SER A 113 9.43 5.86 0.77
N ARG A 114 10.38 6.45 1.50
CA ARG A 114 10.32 7.87 1.81
C ARG A 114 11.06 8.70 0.76
N GLU B 6 -8.61 11.96 -7.66
CA GLU B 6 -8.11 10.92 -8.60
C GLU B 6 -8.37 9.52 -8.09
N GLU B 7 -7.63 9.14 -7.05
CA GLU B 7 -7.77 7.83 -6.45
C GLU B 7 -7.46 6.72 -7.47
N GLY B 8 -7.51 5.48 -7.01
CA GLY B 8 -7.24 4.36 -7.89
C GLY B 8 -7.87 3.06 -7.44
N ILE B 9 -7.53 2.63 -6.23
CA ILE B 9 -8.07 1.39 -5.69
C ILE B 9 -8.44 1.54 -4.22
N TRP B 10 -9.48 0.83 -3.80
CA TRP B 10 -9.92 0.87 -2.42
C TRP B 10 -9.21 -0.20 -1.59
N ALA B 11 -8.52 0.22 -0.55
CA ALA B 11 -7.81 -0.70 0.32
C ALA B 11 -7.92 -0.27 1.78
N HIS A 6 1.91 -8.02 13.02
CA HIS A 6 1.28 -6.72 13.38
C HIS A 6 2.29 -5.57 13.35
N PRO A 7 3.48 -5.75 13.94
CA PRO A 7 4.51 -4.71 13.97
C PRO A 7 5.34 -4.69 12.69
N VAL A 8 5.45 -3.51 12.09
CA VAL A 8 6.23 -3.36 10.86
C VAL A 8 7.66 -2.96 11.17
N THR A 9 8.57 -3.33 10.27
CA THR A 9 9.99 -3.01 10.45
C THR A 9 10.53 -2.23 9.26
N TRP A 10 11.54 -1.41 9.50
CA TRP A 10 12.15 -0.61 8.45
C TRP A 10 13.67 -0.76 8.46
N GLN A 11 14.24 -1.02 7.29
CA GLN A 11 15.69 -1.19 7.16
C GLN A 11 16.27 -0.21 6.14
N PRO A 12 17.59 0.03 6.19
CA PRO A 12 18.27 0.94 5.27
C PRO A 12 17.83 0.75 3.82
N SER A 13 17.38 1.84 3.20
CA SER A 13 16.93 1.79 1.82
C SER A 13 18.08 1.48 0.86
N LYS A 14 17.74 1.33 -0.42
CA LYS A 14 18.74 1.03 -1.44
C LYS A 14 19.61 2.24 -1.74
N GLU A 15 19.12 3.42 -1.39
CA GLU A 15 19.86 4.66 -1.63
C GLU A 15 20.77 4.98 -0.44
N GLY A 16 20.52 4.34 0.70
CA GLY A 16 21.33 4.58 1.88
C GLY A 16 20.75 5.66 2.78
N ASP A 17 20.29 6.75 2.19
CA ASP A 17 19.72 7.85 2.94
C ASP A 17 18.19 7.73 3.03
N ARG A 18 17.66 6.56 2.70
CA ARG A 18 16.22 6.32 2.74
C ARG A 18 15.90 5.16 3.67
N LEU A 19 14.66 5.11 4.14
CA LEU A 19 14.22 4.04 5.03
C LEU A 19 13.04 3.28 4.43
N ILE A 20 13.25 2.00 4.15
CA ILE A 20 12.22 1.15 3.59
C ILE A 20 11.66 0.19 4.64
N GLY A 21 10.37 -0.10 4.54
CA GLY A 21 9.75 -1.01 5.49
C GLY A 21 8.80 -1.98 4.83
N ARG A 22 8.46 -3.06 5.53
CA ARG A 22 7.55 -4.07 5.00
C ARG A 22 6.25 -4.05 5.79
N VAL A 23 5.13 -3.83 5.10
CA VAL A 23 3.85 -3.78 5.76
C VAL A 23 2.93 -4.91 5.31
N ILE A 24 2.42 -5.66 6.28
CA ILE A 24 1.52 -6.76 6.00
C ILE A 24 0.11 -6.41 6.44
N LEU A 25 -0.83 -6.39 5.49
CA LEU A 25 -2.21 -6.04 5.81
C LEU A 25 -3.16 -7.18 5.44
N ASN A 26 -4.24 -7.31 6.21
CA ASN A 26 -5.23 -8.34 5.97
C ASN A 26 -6.62 -7.73 5.93
N LYS A 27 -7.40 -8.12 4.92
CA LYS A 27 -8.76 -7.60 4.76
C LYS A 27 -9.81 -8.60 5.26
N ARG A 28 -9.50 -9.88 5.13
CA ARG A 28 -10.42 -10.93 5.56
C ARG A 28 -10.06 -11.48 6.94
N THR A 29 -9.16 -10.80 7.64
CA THR A 29 -8.75 -11.25 8.97
C THR A 29 -7.97 -10.17 9.72
N THR A 30 -7.51 -10.50 10.91
CA THR A 30 -6.73 -9.58 11.74
C THR A 30 -7.48 -8.26 11.95
N MET A 31 -8.80 -8.29 11.79
CA MET A 31 -9.62 -7.10 11.99
C MET A 31 -9.96 -6.91 13.47
N PRO A 32 -9.61 -5.74 14.04
CA PRO A 32 -9.86 -5.46 15.46
C PRO A 32 -11.30 -5.03 15.73
N LYS A 33 -11.82 -4.13 14.90
CA LYS A 33 -13.18 -3.64 15.07
C LYS A 33 -14.20 -4.50 14.32
N GLU A 34 -13.99 -4.65 13.01
CA GLU A 34 -14.90 -5.44 12.19
C GLU A 34 -14.49 -5.37 10.72
N SER A 35 -15.34 -5.90 9.84
CA SER A 35 -15.06 -5.89 8.41
C SER A 35 -15.65 -4.64 7.75
N GLY A 36 -14.97 -3.52 7.94
CA GLY A 36 -15.44 -2.26 7.36
C GLY A 36 -15.56 -2.33 5.85
N ALA A 37 -14.44 -2.26 5.16
CA ALA A 37 -14.42 -2.32 3.70
C ALA A 37 -13.25 -3.16 3.20
N LEU A 38 -12.06 -2.57 3.25
CA LEU A 38 -10.85 -3.26 2.79
C LEU A 38 -9.85 -3.41 3.94
N LEU A 39 -8.59 -2.98 3.75
CA LEU A 39 -7.58 -3.09 4.79
C LEU A 39 -7.61 -1.84 5.69
N GLY A 40 -7.72 -0.67 5.08
CA GLY A 40 -7.76 0.56 5.87
C GLY A 40 -7.17 1.77 5.18
N LEU A 41 -6.78 1.64 3.90
CA LEU A 41 -6.20 2.78 3.17
C LEU A 41 -6.52 2.74 1.68
N LYS A 42 -6.71 3.91 1.09
CA LYS A 42 -7.00 4.02 -0.34
C LYS A 42 -5.73 4.31 -1.10
N VAL A 43 -5.48 3.56 -2.17
CA VAL A 43 -4.27 3.75 -2.96
C VAL A 43 -4.57 4.10 -4.40
N VAL A 44 -3.60 4.74 -5.04
CA VAL A 44 -3.73 5.14 -6.43
C VAL A 44 -2.70 4.40 -7.28
N GLY A 45 -2.93 4.38 -8.59
CA GLY A 45 -2.02 3.71 -9.50
C GLY A 45 -1.65 4.56 -10.70
N GLY A 46 -0.45 4.37 -11.21
CA GLY A 46 0.00 5.14 -12.36
C GLY A 46 0.32 6.57 -12.02
N LYS A 47 1.43 6.78 -11.33
CA LYS A 47 1.85 8.12 -10.93
C LYS A 47 3.31 8.38 -11.31
N MET A 48 3.52 9.00 -12.46
CA MET A 48 4.87 9.31 -12.93
C MET A 48 5.61 10.18 -11.92
N THR A 49 6.59 9.59 -11.25
CA THR A 49 7.38 10.31 -10.25
C THR A 49 8.53 11.07 -10.90
N ASP A 50 9.34 11.72 -10.05
CA ASP A 50 10.48 12.50 -10.52
C ASP A 50 11.51 11.60 -11.20
N LEU A 51 11.46 10.32 -10.90
CA LEU A 51 12.40 9.36 -11.48
C LEU A 51 12.04 9.04 -12.92
N GLY A 52 10.77 8.72 -13.12
CA GLY A 52 10.29 8.39 -14.46
C GLY A 52 9.56 7.07 -14.52
N ARG A 53 9.17 6.54 -13.36
CA ARG A 53 8.46 5.26 -13.30
C ARG A 53 7.13 5.44 -12.59
N LEU A 54 6.19 4.54 -12.88
CA LEU A 54 4.87 4.59 -12.27
C LEU A 54 4.84 3.80 -10.97
N GLY A 55 4.03 4.27 -10.02
CA GLY A 55 3.93 3.58 -8.75
C GLY A 55 2.56 3.74 -8.11
N ALA A 56 2.49 3.51 -6.80
CA ALA A 56 1.23 3.63 -6.08
C ALA A 56 1.35 4.61 -4.93
N PHE A 57 0.27 5.36 -4.69
CA PHE A 57 0.25 6.34 -3.61
C PHE A 57 -1.06 6.26 -2.84
N ILE A 58 -0.97 6.33 -1.52
CA ILE A 58 -2.15 6.26 -0.67
C ILE A 58 -2.90 7.59 -0.66
N THR A 59 -4.12 7.58 -1.18
CA THR A 59 -4.94 8.77 -1.26
C THR A 59 -5.54 9.14 0.11
N LYS A 60 -5.81 8.13 0.93
CA LYS A 60 -6.38 8.38 2.26
C LYS A 60 -6.38 7.12 3.13
N VAL A 61 -6.27 7.33 4.43
CA VAL A 61 -6.26 6.24 5.41
C VAL A 61 -7.40 6.39 6.40
N LYS A 62 -8.15 5.32 6.63
CA LYS A 62 -9.26 5.35 7.56
C LYS A 62 -8.80 4.98 8.97
N LYS A 63 -9.05 5.88 9.92
CA LYS A 63 -8.66 5.66 11.31
C LYS A 63 -9.31 4.40 11.86
N GLY A 64 -8.68 3.81 12.87
CA GLY A 64 -9.22 2.60 13.48
C GLY A 64 -9.24 1.42 12.52
N SER A 65 -8.53 1.54 11.40
CA SER A 65 -8.48 0.47 10.41
C SER A 65 -7.12 -0.24 10.47
N LEU A 66 -7.07 -1.43 9.87
CA LEU A 66 -5.85 -2.22 9.85
C LEU A 66 -4.67 -1.40 9.31
N ALA A 67 -4.85 -0.86 8.10
CA ALA A 67 -3.81 -0.06 7.46
C ALA A 67 -3.26 0.99 8.41
N ASP A 68 -4.08 1.43 9.35
CA ASP A 68 -3.66 2.45 10.32
C ASP A 68 -2.97 1.83 11.53
N VAL A 69 -3.62 0.83 12.12
CA VAL A 69 -3.07 0.17 13.31
C VAL A 69 -1.94 -0.81 12.95
N VAL A 70 -2.22 -1.76 12.06
CA VAL A 70 -1.23 -2.75 11.66
C VAL A 70 -0.33 -2.21 10.56
N GLY A 71 -0.87 -1.33 9.72
CA GLY A 71 -0.09 -0.75 8.64
C GLY A 71 0.73 0.44 9.10
N HIS A 72 0.05 1.40 9.69
CA HIS A 72 0.71 2.61 10.20
C HIS A 72 1.27 3.48 9.07
N LEU A 73 0.40 3.93 8.18
CA LEU A 73 0.81 4.80 7.09
C LEU A 73 -0.18 5.94 6.92
N ARG A 74 0.13 6.87 6.02
CA ARG A 74 -0.74 8.01 5.79
C ARG A 74 -0.83 8.35 4.30
N ALA A 75 -1.87 9.09 3.93
CA ALA A 75 -2.05 9.49 2.55
C ALA A 75 -0.84 10.24 2.02
N GLY A 76 -0.25 9.73 0.94
CA GLY A 76 0.91 10.34 0.37
C GLY A 76 2.08 9.37 0.26
N ASP A 77 2.02 8.30 1.03
CA ASP A 77 3.07 7.29 1.02
C ASP A 77 3.13 6.60 -0.34
N GLU A 78 4.34 6.28 -0.79
CA GLU A 78 4.52 5.63 -2.08
C GLU A 78 4.78 4.13 -1.91
N VAL A 79 3.77 3.33 -2.19
CA VAL A 79 3.90 1.87 -2.08
C VAL A 79 4.44 1.29 -3.38
N LEU A 80 5.74 0.98 -3.38
CA LEU A 80 6.39 0.41 -4.55
C LEU A 80 6.13 -1.09 -4.65
N GLU A 81 5.40 -1.63 -3.68
CA GLU A 81 5.11 -3.05 -3.67
C GLU A 81 3.71 -3.33 -3.11
N TRP A 82 2.91 -4.07 -3.88
CA TRP A 82 1.56 -4.42 -3.47
C TRP A 82 1.33 -5.91 -3.66
N ASN A 83 1.11 -6.62 -2.55
CA ASN A 83 0.88 -8.06 -2.60
C ASN A 83 2.16 -8.79 -3.02
N GLY A 84 3.29 -8.29 -2.54
CA GLY A 84 4.57 -8.90 -2.85
C GLY A 84 4.95 -8.79 -4.32
N LYS A 85 4.37 -7.81 -5.02
CA LYS A 85 4.66 -7.62 -6.43
C LYS A 85 5.32 -6.27 -6.67
N PRO A 86 6.18 -6.18 -7.71
CA PRO A 86 6.83 -4.92 -8.03
C PRO A 86 5.91 -4.03 -8.85
N LEU A 87 5.61 -2.87 -8.31
CA LEU A 87 4.73 -1.90 -8.96
C LEU A 87 5.50 -0.94 -9.87
N PRO A 88 6.73 -0.52 -9.51
CA PRO A 88 7.52 0.40 -10.32
C PRO A 88 7.41 0.12 -11.82
N GLY A 89 6.78 1.04 -12.54
CA GLY A 89 6.62 0.88 -13.97
C GLY A 89 5.20 0.52 -14.36
N ALA A 90 4.37 0.19 -13.37
CA ALA A 90 2.98 -0.17 -13.62
C ALA A 90 2.07 1.06 -13.53
N THR A 91 1.16 1.19 -14.48
CA THR A 91 0.23 2.31 -14.51
C THR A 91 -1.04 2.01 -13.71
N ASN A 92 -1.97 2.95 -13.70
CA ASN A 92 -3.22 2.79 -12.98
C ASN A 92 -3.89 1.46 -13.29
N GLU A 93 -3.97 1.15 -14.59
CA GLU A 93 -4.61 -0.10 -15.02
C GLU A 93 -3.83 -1.31 -14.51
N GLU A 94 -2.51 -1.18 -14.46
CA GLU A 94 -1.67 -2.26 -13.98
C GLU A 94 -1.98 -2.54 -12.51
N VAL A 95 -1.75 -1.53 -11.67
CA VAL A 95 -2.02 -1.65 -10.25
C VAL A 95 -3.43 -2.18 -10.01
N TYR A 96 -4.38 -1.70 -10.81
CA TYR A 96 -5.76 -2.15 -10.70
C TYR A 96 -5.85 -3.66 -10.63
N ASN A 97 -5.20 -4.32 -11.59
CA ASN A 97 -5.18 -5.77 -11.65
C ASN A 97 -4.47 -6.37 -10.44
N ILE A 98 -3.31 -5.82 -10.10
CA ILE A 98 -2.53 -6.29 -8.97
C ILE A 98 -3.35 -6.25 -7.68
N ILE A 99 -3.76 -5.06 -7.27
CA ILE A 99 -4.55 -4.89 -6.06
C ILE A 99 -5.83 -5.71 -6.11
N LEU A 100 -6.66 -5.48 -7.12
CA LEU A 100 -7.91 -6.22 -7.27
C LEU A 100 -7.68 -7.72 -7.11
N GLU A 101 -6.71 -8.24 -7.84
CA GLU A 101 -6.38 -9.66 -7.77
C GLU A 101 -6.02 -10.05 -6.34
N SER A 102 -5.55 -9.08 -5.56
CA SER A 102 -5.17 -9.32 -4.18
C SER A 102 -6.33 -9.06 -3.22
N LYS A 103 -7.38 -8.38 -3.72
CA LYS A 103 -8.54 -8.08 -2.90
C LYS A 103 -9.23 -9.37 -2.44
N SER A 104 -9.01 -10.45 -3.20
CA SER A 104 -9.61 -11.73 -2.86
C SER A 104 -8.75 -12.49 -1.85
N GLU A 105 -7.46 -12.18 -1.82
CA GLU A 105 -6.54 -12.83 -0.88
C GLU A 105 -6.84 -12.40 0.55
N PRO A 106 -6.69 -13.33 1.51
CA PRO A 106 -6.95 -13.05 2.92
C PRO A 106 -5.82 -12.26 3.59
N GLN A 107 -4.75 -11.99 2.83
CA GLN A 107 -3.63 -11.25 3.36
C GLN A 107 -2.88 -10.52 2.25
N VAL A 108 -2.17 -9.46 2.62
CA VAL A 108 -1.40 -8.68 1.65
C VAL A 108 -0.11 -8.15 2.25
N GLU A 109 0.87 -7.90 1.38
CA GLU A 109 2.17 -7.38 1.79
C GLU A 109 2.53 -6.16 0.96
N ILE A 110 2.50 -4.98 1.58
CA ILE A 110 2.81 -3.75 0.88
C ILE A 110 4.06 -3.07 1.44
N ILE A 111 4.90 -2.56 0.53
CA ILE A 111 6.13 -1.89 0.91
C ILE A 111 6.09 -0.44 0.46
N VAL A 112 6.70 0.44 1.24
CA VAL A 112 6.71 1.86 0.91
C VAL A 112 8.13 2.44 0.98
N SER A 113 8.25 3.72 0.63
CA SER A 113 9.55 4.39 0.66
C SER A 113 9.40 5.82 1.16
N ARG A 114 9.88 6.07 2.37
CA ARG A 114 9.81 7.40 2.98
C ARG A 114 10.95 8.28 2.49
N GLU B 6 -8.56 11.89 -7.11
CA GLU B 6 -8.12 11.01 -8.23
C GLU B 6 -7.65 9.66 -7.71
N GLU B 7 -8.46 9.03 -6.86
CA GLU B 7 -8.12 7.73 -6.30
C GLU B 7 -7.94 6.70 -7.40
N GLY B 8 -7.79 5.44 -7.01
CA GLY B 8 -7.61 4.38 -7.98
C GLY B 8 -8.12 3.03 -7.50
N ILE B 9 -7.82 2.69 -6.26
CA ILE B 9 -8.24 1.41 -5.69
C ILE B 9 -8.64 1.56 -4.22
N TRP B 10 -9.60 0.76 -3.80
CA TRP B 10 -10.06 0.78 -2.41
C TRP B 10 -9.32 -0.27 -1.60
N ALA B 11 -8.58 0.18 -0.59
CA ALA B 11 -7.84 -0.73 0.27
C ALA B 11 -7.94 -0.28 1.73
N HIS A 6 1.35 -8.33 13.41
CA HIS A 6 2.81 -8.11 13.24
C HIS A 6 3.11 -6.63 12.94
N PRO A 7 4.04 -6.02 13.68
CA PRO A 7 4.41 -4.61 13.47
C PRO A 7 5.24 -4.41 12.20
N VAL A 8 5.47 -3.16 11.85
CA VAL A 8 6.26 -2.82 10.67
C VAL A 8 7.68 -2.42 11.05
N THR A 9 8.61 -2.65 10.14
CA THR A 9 10.01 -2.31 10.37
C THR A 9 10.57 -1.49 9.22
N TRP A 10 11.55 -0.64 9.52
CA TRP A 10 12.19 0.20 8.51
C TRP A 10 13.70 0.08 8.58
N GLN A 11 14.31 -0.30 7.45
CA GLN A 11 15.76 -0.46 7.39
C GLN A 11 16.36 0.50 6.36
N PRO A 12 17.68 0.77 6.47
CA PRO A 12 18.38 1.67 5.54
C PRO A 12 18.24 1.21 4.09
N SER A 13 17.72 2.10 3.26
CA SER A 13 17.54 1.80 1.84
C SER A 13 18.87 1.48 1.17
N LYS A 14 18.81 1.16 -0.12
CA LYS A 14 20.00 0.83 -0.89
C LYS A 14 20.80 2.08 -1.26
N GLU A 15 20.20 3.25 -1.03
CA GLU A 15 20.86 4.52 -1.34
C GLU A 15 21.49 5.13 -0.10
N GLY A 16 20.96 4.77 1.06
CA GLY A 16 21.50 5.30 2.31
C GLY A 16 20.87 6.62 2.70
N ASP A 17 19.80 7.00 2.02
CA ASP A 17 19.12 8.26 2.30
C ASP A 17 17.61 8.05 2.51
N ARG A 18 17.14 6.82 2.30
CA ARG A 18 15.72 6.52 2.46
C ARG A 18 15.53 5.30 3.37
N LEU A 19 14.35 5.21 3.98
CA LEU A 19 14.04 4.10 4.87
C LEU A 19 12.92 3.23 4.29
N ILE A 20 13.26 1.98 3.96
CA ILE A 20 12.30 1.06 3.39
C ILE A 20 11.70 0.15 4.47
N GLY A 21 10.40 -0.13 4.34
CA GLY A 21 9.74 -0.97 5.31
C GLY A 21 8.79 -1.96 4.66
N ARG A 22 8.41 -2.99 5.40
CA ARG A 22 7.49 -4.01 4.89
C ARG A 22 6.22 -4.04 5.72
N VAL A 23 5.07 -3.90 5.06
CA VAL A 23 3.80 -3.89 5.76
C VAL A 23 2.90 -5.04 5.35
N ILE A 24 2.37 -5.75 6.33
CA ILE A 24 1.49 -6.88 6.07
C ILE A 24 0.07 -6.53 6.54
N LEU A 25 -0.88 -6.55 5.62
CA LEU A 25 -2.26 -6.22 5.94
C LEU A 25 -3.20 -7.39 5.68
N ASN A 26 -4.29 -7.45 6.44
CA ASN A 26 -5.27 -8.51 6.29
C ASN A 26 -6.68 -7.91 6.22
N LYS A 27 -7.32 -8.05 5.07
CA LYS A 27 -8.67 -7.52 4.88
C LYS A 27 -9.72 -8.62 5.01
N ARG A 28 -9.37 -9.82 4.54
CA ARG A 28 -10.29 -10.95 4.60
C ARG A 28 -10.40 -11.52 6.02
N THR A 29 -9.60 -10.99 6.94
CA THR A 29 -9.64 -11.45 8.33
C THR A 29 -10.58 -10.59 9.18
N THR A 30 -11.50 -9.89 8.53
CA THR A 30 -12.45 -9.04 9.23
C THR A 30 -11.73 -7.95 10.02
N MET A 31 -12.42 -6.84 10.24
CA MET A 31 -11.85 -5.71 10.98
C MET A 31 -12.38 -5.69 12.42
N PRO A 32 -11.67 -5.00 13.32
CA PRO A 32 -12.07 -4.91 14.73
C PRO A 32 -13.45 -4.27 14.89
N LYS A 33 -13.74 -3.29 14.04
CA LYS A 33 -15.03 -2.60 14.09
C LYS A 33 -15.98 -3.17 13.03
N GLU A 34 -15.42 -3.72 11.96
CA GLU A 34 -16.22 -4.30 10.89
C GLU A 34 -16.96 -3.21 10.12
N SER A 35 -17.35 -3.52 8.89
CA SER A 35 -18.07 -2.57 8.05
C SER A 35 -17.17 -1.43 7.58
N GLY A 36 -15.87 -1.56 7.83
CA GLY A 36 -14.94 -0.52 7.42
C GLY A 36 -14.95 -0.31 5.92
N ALA A 37 -14.15 -1.09 5.20
CA ALA A 37 -14.07 -0.97 3.75
C ALA A 37 -13.30 -2.15 3.14
N LEU A 38 -11.99 -2.13 3.31
CA LEU A 38 -11.13 -3.20 2.78
C LEU A 38 -10.09 -3.62 3.81
N LEU A 39 -9.04 -2.81 3.96
CA LEU A 39 -7.99 -3.10 4.92
C LEU A 39 -7.67 -1.88 5.78
N GLY A 40 -7.55 -0.70 5.15
CA GLY A 40 -7.27 0.50 5.95
C GLY A 40 -6.77 1.71 5.17
N LEU A 41 -6.64 1.63 3.85
CA LEU A 41 -6.16 2.79 3.09
C LEU A 41 -6.50 2.72 1.60
N LYS A 42 -6.61 3.87 0.96
CA LYS A 42 -6.91 3.94 -0.46
C LYS A 42 -5.64 4.30 -1.23
N VAL A 43 -5.35 3.55 -2.29
CA VAL A 43 -4.15 3.80 -3.07
C VAL A 43 -4.45 4.13 -4.52
N VAL A 44 -3.52 4.85 -5.12
CA VAL A 44 -3.63 5.25 -6.51
C VAL A 44 -2.63 4.46 -7.37
N GLY A 45 -2.89 4.40 -8.67
CA GLY A 45 -2.00 3.68 -9.56
C GLY A 45 -1.59 4.50 -10.77
N GLY A 46 -0.44 4.19 -11.33
CA GLY A 46 0.05 4.92 -12.49
C GLY A 46 0.42 6.35 -12.17
N LYS A 47 1.41 6.53 -11.30
CA LYS A 47 1.85 7.86 -10.91
C LYS A 47 3.33 8.05 -11.27
N MET A 48 3.58 8.61 -12.44
CA MET A 48 4.94 8.85 -12.90
C MET A 48 5.69 9.75 -11.93
N THR A 49 6.66 9.18 -11.23
CA THR A 49 7.46 9.93 -10.27
C THR A 49 8.56 10.73 -10.97
N ASP A 50 9.37 11.42 -10.18
CA ASP A 50 10.46 12.23 -10.73
C ASP A 50 11.58 11.34 -11.28
N LEU A 51 11.54 10.06 -10.95
CA LEU A 51 12.56 9.13 -11.42
C LEU A 51 12.29 8.71 -12.86
N GLY A 52 11.01 8.60 -13.21
CA GLY A 52 10.64 8.21 -14.56
C GLY A 52 9.92 6.88 -14.60
N ARG A 53 9.39 6.45 -13.45
CA ARG A 53 8.68 5.19 -13.37
C ARG A 53 7.32 5.37 -12.70
N LEU A 54 6.41 4.44 -12.94
CA LEU A 54 5.08 4.50 -12.36
C LEU A 54 5.02 3.71 -11.06
N GLY A 55 4.12 4.12 -10.17
CA GLY A 55 3.97 3.43 -8.89
C GLY A 55 2.60 3.63 -8.28
N ALA A 56 2.53 3.56 -6.96
CA ALA A 56 1.26 3.73 -6.25
C ALA A 56 1.41 4.65 -5.05
N PHE A 57 0.38 5.46 -4.79
CA PHE A 57 0.38 6.38 -3.67
C PHE A 57 -0.90 6.26 -2.87
N ILE A 58 -0.81 6.43 -1.56
CA ILE A 58 -1.98 6.33 -0.69
C ILE A 58 -2.76 7.64 -0.68
N THR A 59 -4.01 7.59 -1.12
CA THR A 59 -4.86 8.76 -1.17
C THR A 59 -5.42 9.11 0.22
N LYS A 60 -5.66 8.10 1.04
CA LYS A 60 -6.20 8.32 2.37
C LYS A 60 -6.17 7.04 3.22
N VAL A 61 -6.17 7.23 4.53
CA VAL A 61 -6.14 6.11 5.47
C VAL A 61 -7.30 6.19 6.46
N LYS A 62 -7.97 5.06 6.68
CA LYS A 62 -9.08 5.01 7.62
C LYS A 62 -8.58 4.71 9.03
N LYS A 63 -8.59 5.74 9.89
CA LYS A 63 -8.13 5.59 11.27
C LYS A 63 -8.96 4.55 12.01
N GLY A 64 -8.34 3.41 12.30
CA GLY A 64 -9.03 2.35 13.02
C GLY A 64 -8.90 1.01 12.34
N SER A 65 -8.67 1.03 11.03
CA SER A 65 -8.52 -0.19 10.25
C SER A 65 -7.16 -0.85 10.52
N LEU A 66 -6.95 -2.01 9.91
CA LEU A 66 -5.70 -2.74 10.09
C LEU A 66 -4.51 -1.94 9.54
N ALA A 67 -4.64 -1.45 8.32
CA ALA A 67 -3.58 -0.69 7.67
C ALA A 67 -3.00 0.37 8.59
N ASP A 68 -3.85 0.96 9.42
CA ASP A 68 -3.42 2.01 10.34
C ASP A 68 -2.76 1.42 11.59
N VAL A 69 -3.41 0.46 12.21
CA VAL A 69 -2.90 -0.16 13.44
C VAL A 69 -1.71 -1.08 13.17
N VAL A 70 -1.82 -1.93 12.15
CA VAL A 70 -0.73 -2.86 11.82
C VAL A 70 0.21 -2.28 10.77
N GLY A 71 -0.31 -1.42 9.90
CA GLY A 71 0.51 -0.82 8.88
C GLY A 71 1.12 0.50 9.33
N HIS A 72 0.29 1.37 9.87
CA HIS A 72 0.74 2.66 10.36
C HIS A 72 1.32 3.52 9.23
N LEU A 73 0.47 3.90 8.28
CA LEU A 73 0.91 4.74 7.17
C LEU A 73 -0.08 5.87 6.95
N ARG A 74 0.26 6.79 6.07
CA ARG A 74 -0.62 7.93 5.80
C ARG A 74 -0.66 8.26 4.31
N ALA A 75 -1.69 8.98 3.90
CA ALA A 75 -1.84 9.38 2.51
C ALA A 75 -0.60 10.12 2.02
N GLY A 76 -0.01 9.62 0.95
CA GLY A 76 1.18 10.25 0.41
C GLY A 76 2.32 9.25 0.26
N ASP A 77 2.26 8.18 1.04
CA ASP A 77 3.28 7.14 0.99
C ASP A 77 3.24 6.41 -0.35
N GLU A 78 4.42 6.05 -0.86
CA GLU A 78 4.50 5.36 -2.13
C GLU A 78 4.75 3.87 -1.93
N VAL A 79 3.76 3.05 -2.30
CA VAL A 79 3.88 1.60 -2.17
C VAL A 79 4.40 0.99 -3.45
N LEU A 80 5.68 0.64 -3.47
CA LEU A 80 6.30 0.03 -4.64
C LEU A 80 6.03 -1.46 -4.70
N GLU A 81 5.26 -1.97 -3.74
CA GLU A 81 4.94 -3.39 -3.69
C GLU A 81 3.55 -3.65 -3.13
N TRP A 82 2.74 -4.38 -3.88
CA TRP A 82 1.38 -4.71 -3.46
C TRP A 82 1.13 -6.21 -3.62
N ASN A 83 0.90 -6.89 -2.50
CA ASN A 83 0.66 -8.33 -2.53
C ASN A 83 1.92 -9.07 -2.97
N GLY A 84 3.07 -8.56 -2.55
CA GLY A 84 4.34 -9.18 -2.88
C GLY A 84 4.71 -9.05 -4.34
N LYS A 85 4.09 -8.11 -5.05
CA LYS A 85 4.39 -7.90 -6.46
C LYS A 85 5.11 -6.59 -6.69
N PRO A 86 5.90 -6.49 -7.76
CA PRO A 86 6.61 -5.26 -8.07
C PRO A 86 5.75 -4.33 -8.91
N LEU A 87 5.48 -3.14 -8.36
CA LEU A 87 4.67 -2.14 -9.03
C LEU A 87 5.50 -1.20 -9.92
N PRO A 88 6.73 -0.84 -9.51
CA PRO A 88 7.58 0.07 -10.29
C PRO A 88 7.53 -0.24 -11.79
N GLY A 89 6.91 0.66 -12.54
CA GLY A 89 6.79 0.48 -13.98
C GLY A 89 5.38 0.17 -14.42
N ALA A 90 4.51 -0.12 -13.45
CA ALA A 90 3.11 -0.44 -13.74
C ALA A 90 2.25 0.82 -13.73
N THR A 91 1.41 0.95 -14.74
CA THR A 91 0.53 2.11 -14.85
C THR A 91 -0.78 1.88 -14.10
N ASN A 92 -1.70 2.83 -14.19
CA ASN A 92 -2.99 2.75 -13.53
C ASN A 92 -3.62 1.38 -13.68
N GLU A 93 -3.85 0.98 -14.93
CA GLU A 93 -4.48 -0.31 -15.21
C GLU A 93 -3.71 -1.48 -14.59
N GLU A 94 -2.39 -1.40 -14.58
CA GLU A 94 -1.58 -2.46 -13.99
C GLU A 94 -1.91 -2.58 -12.51
N VAL A 95 -1.66 -1.51 -11.78
CA VAL A 95 -1.93 -1.46 -10.35
C VAL A 95 -3.33 -2.02 -10.03
N TYR A 96 -4.33 -1.56 -10.77
CA TYR A 96 -5.70 -2.00 -10.55
C TYR A 96 -5.80 -3.53 -10.57
N ASN A 97 -5.04 -4.16 -11.45
CA ASN A 97 -5.03 -5.61 -11.57
C ASN A 97 -4.46 -6.26 -10.32
N ILE A 98 -3.44 -5.62 -9.73
CA ILE A 98 -2.81 -6.14 -8.53
C ILE A 98 -3.77 -6.06 -7.34
N ILE A 99 -4.13 -4.84 -6.95
CA ILE A 99 -5.04 -4.63 -5.83
C ILE A 99 -6.30 -5.49 -5.96
N LEU A 100 -7.04 -5.31 -7.04
CA LEU A 100 -8.25 -6.08 -7.27
C LEU A 100 -8.01 -7.58 -7.03
N GLU A 101 -6.95 -8.09 -7.61
CA GLU A 101 -6.59 -9.49 -7.46
C GLU A 101 -6.20 -9.80 -6.01
N SER A 102 -5.77 -8.77 -5.29
CA SER A 102 -5.36 -8.92 -3.90
C SER A 102 -6.50 -8.61 -2.93
N LYS A 103 -7.54 -7.95 -3.42
CA LYS A 103 -8.68 -7.61 -2.56
C LYS A 103 -9.45 -8.87 -2.15
N SER A 104 -9.18 -9.98 -2.83
CA SER A 104 -9.84 -11.24 -2.52
C SER A 104 -8.94 -12.17 -1.72
N GLU A 105 -7.65 -11.87 -1.68
CA GLU A 105 -6.69 -12.68 -0.94
C GLU A 105 -6.92 -12.55 0.57
N PRO A 106 -6.59 -13.60 1.34
CA PRO A 106 -6.76 -13.60 2.80
C PRO A 106 -5.74 -12.72 3.51
N GLN A 107 -4.72 -12.28 2.78
CA GLN A 107 -3.68 -11.44 3.36
C GLN A 107 -2.95 -10.65 2.29
N VAL A 108 -2.44 -9.47 2.66
CA VAL A 108 -1.73 -8.61 1.73
C VAL A 108 -0.39 -8.16 2.31
N GLU A 109 0.57 -7.95 1.44
CA GLU A 109 1.90 -7.49 1.83
C GLU A 109 2.30 -6.30 0.98
N ILE A 110 2.35 -5.11 1.59
CA ILE A 110 2.69 -3.90 0.87
C ILE A 110 3.96 -3.25 1.40
N ILE A 111 4.82 -2.82 0.49
CA ILE A 111 6.07 -2.17 0.84
C ILE A 111 6.07 -0.72 0.37
N VAL A 112 6.68 0.16 1.15
CA VAL A 112 6.75 1.58 0.80
C VAL A 112 8.16 2.11 0.86
N SER A 113 8.32 3.39 0.53
CA SER A 113 9.63 4.04 0.54
C SER A 113 9.49 5.53 0.82
N ARG A 114 10.14 6.00 1.88
CA ARG A 114 10.09 7.41 2.25
C ARG A 114 11.50 7.98 2.40
N GLU B 6 -8.29 12.70 -5.81
CA GLU B 6 -7.77 11.66 -6.73
C GLU B 6 -7.58 10.33 -6.02
N GLU B 7 -8.03 9.25 -6.66
CA GLU B 7 -7.91 7.92 -6.09
C GLU B 7 -7.79 6.87 -7.19
N GLY B 8 -7.58 5.62 -6.79
CA GLY B 8 -7.44 4.54 -7.76
C GLY B 8 -8.17 3.28 -7.35
N ILE B 9 -7.80 2.72 -6.20
CA ILE B 9 -8.41 1.49 -5.71
C ILE B 9 -8.71 1.56 -4.22
N TRP B 10 -9.82 0.95 -3.82
CA TRP B 10 -10.21 0.92 -2.42
C TRP B 10 -9.48 -0.23 -1.72
N ALA B 11 -8.73 0.09 -0.67
CA ALA B 11 -7.99 -0.92 0.06
C ALA B 11 -7.80 -0.51 1.52
N HIS A 6 1.96 -8.02 12.94
CA HIS A 6 1.38 -6.81 13.56
C HIS A 6 2.38 -5.65 13.59
N PRO A 7 3.61 -5.89 14.08
CA PRO A 7 4.64 -4.86 14.16
C PRO A 7 5.39 -4.69 12.84
N VAL A 8 5.49 -3.45 12.37
CA VAL A 8 6.18 -3.16 11.13
C VAL A 8 7.61 -2.70 11.41
N THR A 9 8.50 -2.94 10.44
CA THR A 9 9.90 -2.57 10.58
C THR A 9 10.36 -1.73 9.39
N TRP A 10 11.33 -0.85 9.64
CA TRP A 10 11.86 0.01 8.59
C TRP A 10 13.39 0.03 8.62
N GLN A 11 14.00 0.05 7.44
CA GLN A 11 15.44 0.07 7.33
C GLN A 11 15.91 1.30 6.56
N PRO A 12 16.70 2.19 7.20
CA PRO A 12 17.19 3.40 6.56
C PRO A 12 18.33 3.12 5.58
N SER A 13 18.31 3.82 4.47
CA SER A 13 19.34 3.64 3.44
C SER A 13 20.51 4.60 3.66
N LYS A 14 21.63 4.29 3.03
CA LYS A 14 22.83 5.11 3.16
C LYS A 14 22.69 6.42 2.38
N GLU A 15 21.63 6.53 1.58
CA GLU A 15 21.39 7.73 0.79
C GLU A 15 21.14 8.95 1.66
N GLY A 16 20.88 8.72 2.96
CA GLY A 16 20.62 9.81 3.86
C GLY A 16 19.14 10.08 4.02
N ASP A 17 18.42 10.04 2.91
CA ASP A 17 16.98 10.28 2.91
C ASP A 17 16.24 9.12 2.23
N ARG A 18 16.36 7.93 2.80
CA ARG A 18 15.70 6.75 2.26
C ARG A 18 15.28 5.80 3.37
N LEU A 19 13.98 5.51 3.43
CA LEU A 19 13.45 4.61 4.45
C LEU A 19 12.54 3.56 3.82
N ILE A 20 12.95 2.31 3.88
CA ILE A 20 12.15 1.23 3.30
C ILE A 20 11.64 0.29 4.38
N GLY A 21 10.36 -0.05 4.29
CA GLY A 21 9.75 -0.96 5.26
C GLY A 21 8.83 -1.96 4.61
N ARG A 22 8.53 -3.04 5.34
CA ARG A 22 7.64 -4.08 4.85
C ARG A 22 6.33 -4.05 5.62
N VAL A 23 5.23 -3.82 4.91
CA VAL A 23 3.92 -3.74 5.55
C VAL A 23 3.00 -4.86 5.11
N ILE A 24 2.50 -5.61 6.08
CA ILE A 24 1.58 -6.71 5.81
C ILE A 24 0.18 -6.36 6.31
N LEU A 25 -0.78 -6.29 5.41
CA LEU A 25 -2.14 -5.95 5.77
C LEU A 25 -3.10 -7.11 5.51
N ASN A 26 -4.13 -7.22 6.33
CA ASN A 26 -5.12 -8.28 6.19
C ASN A 26 -6.53 -7.72 6.08
N LYS A 27 -7.28 -8.20 5.09
CA LYS A 27 -8.64 -7.75 4.87
C LYS A 27 -9.65 -8.72 5.49
N ARG A 28 -9.32 -10.00 5.48
CA ARG A 28 -10.18 -11.03 6.03
C ARG A 28 -10.31 -10.91 7.54
N THR A 29 -9.42 -10.13 8.15
CA THR A 29 -9.43 -9.94 9.61
C THR A 29 -9.98 -8.56 9.96
N THR A 30 -11.05 -8.53 10.74
CA THR A 30 -11.67 -7.28 11.15
C THR A 30 -10.68 -6.45 11.97
N MET A 31 -11.04 -5.19 12.24
CA MET A 31 -10.18 -4.31 13.01
C MET A 31 -10.62 -4.23 14.47
N PRO A 32 -9.72 -3.78 15.36
CA PRO A 32 -10.01 -3.67 16.80
C PRO A 32 -11.12 -2.66 17.10
N LYS A 33 -11.46 -1.84 16.10
CA LYS A 33 -12.51 -0.84 16.28
C LYS A 33 -13.84 -1.32 15.71
N GLU A 34 -13.78 -1.95 14.54
CA GLU A 34 -14.98 -2.46 13.89
C GLU A 34 -14.65 -3.03 12.51
N SER A 35 -15.68 -3.52 11.81
CA SER A 35 -15.49 -4.10 10.49
C SER A 35 -15.07 -3.02 9.49
N GLY A 36 -14.02 -3.31 8.72
CA GLY A 36 -13.53 -2.36 7.74
C GLY A 36 -13.99 -2.67 6.34
N ALA A 37 -13.48 -1.93 5.37
CA ALA A 37 -13.85 -2.14 3.98
C ALA A 37 -12.87 -3.09 3.29
N LEU A 38 -11.61 -2.71 3.25
CA LEU A 38 -10.58 -3.53 2.63
C LEU A 38 -9.51 -3.92 3.65
N LEU A 39 -8.62 -2.98 3.97
CA LEU A 39 -7.56 -3.22 4.94
C LEU A 39 -7.38 -2.02 5.86
N GLY A 40 -7.21 -0.82 5.28
CA GLY A 40 -7.07 0.36 6.12
C GLY A 40 -6.46 1.58 5.42
N LEU A 41 -6.37 1.59 4.09
CA LEU A 41 -5.80 2.74 3.40
C LEU A 41 -6.18 2.79 1.92
N LYS A 42 -6.19 3.98 1.35
CA LYS A 42 -6.53 4.15 -0.07
C LYS A 42 -5.27 4.43 -0.86
N VAL A 43 -5.08 3.73 -1.97
CA VAL A 43 -3.89 3.92 -2.80
C VAL A 43 -4.25 4.21 -4.24
N VAL A 44 -3.34 4.90 -4.91
CA VAL A 44 -3.51 5.26 -6.30
C VAL A 44 -2.48 4.54 -7.17
N GLY A 45 -2.76 4.45 -8.46
CA GLY A 45 -1.84 3.78 -9.38
C GLY A 45 -1.63 4.56 -10.66
N GLY A 46 -0.48 4.36 -11.29
CA GLY A 46 -0.18 5.05 -12.52
C GLY A 46 0.37 6.44 -12.28
N LYS A 47 1.22 6.58 -11.26
CA LYS A 47 1.82 7.86 -10.93
C LYS A 47 3.27 7.92 -11.41
N MET A 48 3.46 8.42 -12.62
CA MET A 48 4.80 8.54 -13.20
C MET A 48 5.69 9.42 -12.33
N THR A 49 6.71 8.81 -11.74
CA THR A 49 7.64 9.54 -10.88
C THR A 49 8.70 10.26 -11.70
N ASP A 50 9.57 11.00 -11.03
CA ASP A 50 10.63 11.75 -11.70
C ASP A 50 11.73 10.81 -12.18
N LEU A 51 11.68 9.55 -11.74
CA LEU A 51 12.69 8.57 -12.13
C LEU A 51 12.38 8.01 -13.52
N GLY A 52 11.10 7.99 -13.87
CA GLY A 52 10.70 7.46 -15.17
C GLY A 52 9.95 6.15 -15.06
N ARG A 53 9.36 5.91 -13.90
CA ARG A 53 8.61 4.67 -13.66
C ARG A 53 7.30 4.96 -12.95
N LEU A 54 6.30 4.12 -13.18
CA LEU A 54 4.99 4.28 -12.55
C LEU A 54 4.96 3.61 -11.19
N GLY A 55 4.17 4.17 -10.27
CA GLY A 55 4.07 3.60 -8.94
C GLY A 55 2.71 3.84 -8.32
N ALA A 56 2.64 3.71 -6.99
CA ALA A 56 1.39 3.91 -6.27
C ALA A 56 1.59 4.81 -5.05
N PHE A 57 0.57 5.58 -4.73
CA PHE A 57 0.61 6.48 -3.57
C PHE A 57 -0.67 6.36 -2.75
N ILE A 58 -0.54 6.49 -1.44
CA ILE A 58 -1.69 6.39 -0.55
C ILE A 58 -2.45 7.71 -0.48
N THR A 59 -3.72 7.68 -0.89
CA THR A 59 -4.56 8.87 -0.88
C THR A 59 -5.06 9.20 0.52
N LYS A 60 -5.32 8.16 1.32
CA LYS A 60 -5.79 8.37 2.68
C LYS A 60 -5.74 7.09 3.51
N VAL A 61 -5.73 7.25 4.83
CA VAL A 61 -5.69 6.12 5.75
C VAL A 61 -6.78 6.24 6.80
N LYS A 62 -7.53 5.15 6.99
CA LYS A 62 -8.60 5.14 7.98
C LYS A 62 -8.04 4.98 9.38
N LYS A 63 -8.06 6.07 10.15
CA LYS A 63 -7.54 6.05 11.52
C LYS A 63 -8.24 4.99 12.36
N GLY A 64 -7.54 3.87 12.58
CA GLY A 64 -8.11 2.79 13.36
C GLY A 64 -8.12 1.48 12.60
N SER A 65 -8.05 1.55 11.28
CA SER A 65 -8.05 0.35 10.45
C SER A 65 -6.73 -0.41 10.59
N LEU A 66 -6.65 -1.58 9.98
CA LEU A 66 -5.45 -2.41 10.04
C LEU A 66 -4.24 -1.66 9.48
N ALA A 67 -4.41 -1.13 8.27
CA ALA A 67 -3.34 -0.39 7.61
C ALA A 67 -2.71 0.65 8.54
N ASP A 68 -3.52 1.16 9.46
CA ASP A 68 -3.05 2.17 10.41
C ASP A 68 -2.36 1.55 11.60
N VAL A 69 -3.01 0.56 12.21
CA VAL A 69 -2.47 -0.12 13.39
C VAL A 69 -1.36 -1.09 13.03
N VAL A 70 -1.62 -1.99 12.08
CA VAL A 70 -0.62 -2.98 11.67
C VAL A 70 0.28 -2.43 10.57
N GLY A 71 -0.27 -1.54 9.74
CA GLY A 71 0.52 -0.97 8.67
C GLY A 71 1.35 0.20 9.13
N HIS A 72 0.69 1.19 9.73
CA HIS A 72 1.37 2.38 10.24
C HIS A 72 1.91 3.26 9.12
N LEU A 73 1.02 3.71 8.23
CA LEU A 73 1.42 4.59 7.14
C LEU A 73 0.43 5.74 7.01
N ARG A 74 0.73 6.67 6.12
CA ARG A 74 -0.14 7.83 5.92
C ARG A 74 -0.22 8.20 4.45
N ALA A 75 -1.25 8.96 4.11
CA ALA A 75 -1.45 9.40 2.73
C ALA A 75 -0.23 10.13 2.21
N GLY A 76 0.31 9.66 1.09
CA GLY A 76 1.48 10.28 0.52
C GLY A 76 2.60 9.28 0.31
N ASP A 77 2.57 8.20 1.08
CA ASP A 77 3.59 7.15 0.98
C ASP A 77 3.49 6.44 -0.36
N GLU A 78 4.64 6.13 -0.94
CA GLU A 78 4.68 5.46 -2.23
C GLU A 78 4.92 3.95 -2.06
N VAL A 79 3.94 3.15 -2.46
CA VAL A 79 4.06 1.70 -2.35
C VAL A 79 4.55 1.10 -3.67
N LEU A 80 5.82 0.70 -3.69
CA LEU A 80 6.40 0.10 -4.89
C LEU A 80 6.12 -1.40 -4.95
N GLU A 81 5.42 -1.92 -3.94
CA GLU A 81 5.10 -3.34 -3.90
C GLU A 81 3.71 -3.58 -3.33
N TRP A 82 2.88 -4.32 -4.06
CA TRP A 82 1.54 -4.63 -3.62
C TRP A 82 1.27 -6.13 -3.77
N ASN A 83 1.09 -6.81 -2.65
CA ASN A 83 0.84 -8.25 -2.67
C ASN A 83 2.08 -9.01 -3.17
N GLY A 84 3.25 -8.59 -2.71
CA GLY A 84 4.48 -9.24 -3.12
C GLY A 84 4.78 -9.10 -4.60
N LYS A 85 4.11 -8.17 -5.27
CA LYS A 85 4.32 -7.96 -6.70
C LYS A 85 5.03 -6.63 -6.95
N PRO A 86 5.91 -6.58 -7.96
CA PRO A 86 6.59 -5.34 -8.30
C PRO A 86 5.68 -4.44 -9.14
N LEU A 87 5.38 -3.27 -8.60
CA LEU A 87 4.52 -2.31 -9.27
C LEU A 87 5.29 -1.40 -10.24
N PRO A 88 6.56 -1.05 -9.94
CA PRO A 88 7.36 -0.18 -10.81
C PRO A 88 7.18 -0.51 -12.30
N GLY A 89 6.63 0.43 -13.04
CA GLY A 89 6.40 0.23 -14.46
C GLY A 89 4.94 -0.06 -14.78
N ALA A 90 4.15 -0.32 -13.75
CA ALA A 90 2.73 -0.60 -13.92
C ALA A 90 1.89 0.66 -13.78
N THR A 91 0.96 0.85 -14.70
CA THR A 91 0.09 2.03 -14.69
C THR A 91 -1.15 1.78 -13.83
N ASN A 92 -2.02 2.78 -13.76
CA ASN A 92 -3.25 2.68 -12.96
C ASN A 92 -4.01 1.40 -13.28
N GLU A 93 -4.17 1.12 -14.58
CA GLU A 93 -4.89 -0.08 -15.01
C GLU A 93 -4.16 -1.33 -14.57
N GLU A 94 -2.84 -1.30 -14.62
CA GLU A 94 -2.04 -2.44 -14.20
C GLU A 94 -2.28 -2.73 -12.73
N VAL A 95 -1.94 -1.76 -11.89
CA VAL A 95 -2.14 -1.89 -10.45
C VAL A 95 -3.55 -2.37 -10.14
N TYR A 96 -4.54 -1.82 -10.85
CA TYR A 96 -5.93 -2.21 -10.65
C TYR A 96 -6.06 -3.73 -10.61
N ASN A 97 -5.41 -4.38 -11.56
CA ASN A 97 -5.45 -5.84 -11.63
C ASN A 97 -4.69 -6.46 -10.47
N ILE A 98 -3.61 -5.82 -10.07
CA ILE A 98 -2.79 -6.31 -8.96
C ILE A 98 -3.58 -6.31 -7.66
N ILE A 99 -3.94 -5.12 -7.19
CA ILE A 99 -4.69 -4.97 -5.95
C ILE A 99 -5.96 -5.83 -5.95
N LEU A 100 -6.78 -5.67 -6.97
CA LEU A 100 -8.03 -6.44 -7.08
C LEU A 100 -7.75 -7.93 -6.91
N GLU A 101 -6.77 -8.42 -7.65
CA GLU A 101 -6.41 -9.83 -7.59
C GLU A 101 -5.92 -10.20 -6.20
N SER A 102 -5.41 -9.22 -5.47
CA SER A 102 -4.89 -9.45 -4.13
C SER A 102 -5.92 -9.11 -3.05
N LYS A 103 -7.01 -8.45 -3.44
CA LYS A 103 -8.05 -8.08 -2.49
C LYS A 103 -8.82 -9.32 -2.01
N SER A 104 -8.66 -10.43 -2.73
CA SER A 104 -9.34 -11.66 -2.37
C SER A 104 -8.45 -12.53 -1.48
N GLU A 105 -7.16 -12.22 -1.44
CA GLU A 105 -6.22 -12.99 -0.62
C GLU A 105 -6.42 -12.70 0.87
N PRO A 106 -6.31 -13.74 1.72
CA PRO A 106 -6.48 -13.58 3.17
C PRO A 106 -5.50 -12.58 3.78
N GLN A 107 -4.42 -12.29 3.06
CA GLN A 107 -3.41 -11.36 3.55
C GLN A 107 -2.80 -10.56 2.40
N VAL A 108 -2.15 -9.45 2.75
CA VAL A 108 -1.52 -8.58 1.77
C VAL A 108 -0.15 -8.12 2.25
N GLU A 109 0.77 -7.91 1.31
CA GLU A 109 2.12 -7.45 1.63
C GLU A 109 2.47 -6.25 0.76
N ILE A 110 2.55 -5.08 1.39
CA ILE A 110 2.88 -3.86 0.67
C ILE A 110 4.15 -3.23 1.20
N ILE A 111 4.98 -2.75 0.29
CA ILE A 111 6.24 -2.11 0.64
C ILE A 111 6.25 -0.66 0.17
N VAL A 112 6.90 0.21 0.93
CA VAL A 112 6.98 1.61 0.57
C VAL A 112 8.40 2.14 0.64
N SER A 113 8.57 3.41 0.32
CA SER A 113 9.89 4.04 0.35
C SER A 113 9.76 5.53 0.63
N ARG A 114 10.52 6.01 1.61
CA ARG A 114 10.49 7.42 1.99
C ARG A 114 11.84 8.08 1.69
N GLU B 6 -8.34 12.81 -6.20
CA GLU B 6 -7.99 11.82 -7.25
C GLU B 6 -7.51 10.50 -6.63
N GLU B 7 -8.41 9.53 -6.55
CA GLU B 7 -8.08 8.23 -5.98
C GLU B 7 -7.80 7.21 -7.08
N GLY B 8 -7.47 5.99 -6.67
CA GLY B 8 -7.18 4.94 -7.63
C GLY B 8 -7.86 3.63 -7.28
N ILE B 9 -7.63 3.14 -6.06
CA ILE B 9 -8.23 1.89 -5.62
C ILE B 9 -8.53 1.92 -4.13
N TRP B 10 -9.44 1.05 -3.72
CA TRP B 10 -9.83 0.97 -2.32
C TRP B 10 -9.07 -0.17 -1.66
N ALA B 11 -8.25 0.18 -0.66
CA ALA B 11 -7.47 -0.81 0.06
C ALA B 11 -7.37 -0.46 1.54
#